data_2A40
#
_entry.id   2A40
#
_cell.length_a   118.719
_cell.length_b   41.598
_cell.length_c   153.048
_cell.angle_alpha   90.00
_cell.angle_beta   108.79
_cell.angle_gamma   90.00
#
_symmetry.space_group_name_H-M   'P 1 21 1'
#
loop_
_entity.id
_entity.type
_entity.pdbx_description
1 polymer 'Actin, alpha skeletal muscle'
2 polymer Deoxyribonuclease-1
3 polymer 'Wiskott-Aldrich syndrome protein family member 2'
4 branched 2-acetamido-2-deoxy-beta-D-glucopyranose-(1-4)-2-acetamido-2-deoxy-beta-D-glucopyranose
5 non-polymer 'CALCIUM ION'
6 non-polymer "ADENOSINE-5'-TRIPHOSPHATE"
7 non-polymer GLYCEROL
8 non-polymer 'MAGNESIUM ION'
9 water water
#
loop_
_entity_poly.entity_id
_entity_poly.type
_entity_poly.pdbx_seq_one_letter_code
_entity_poly.pdbx_strand_id
1 'polypeptide(L)'
;DEDETTALVCDNGSGLVKAGFAGDDAPRAVFPSIVGRPRHQGVMVGMGQKDSYVGDEAQSKRGILTLKYPIE(HIC)GII
TNWDDMEKIWHHTFYNELRVAPEEHPTLLTEAPLNPKANREKMTQIMFETFNVPAMYVAIQAVLSLYASGRTTGIVLDSG
DGVTHNVPIYEGYALPHAIMRLDLAGRDLTDYLMKILTERGYSFVTTAEREIVRDIKEKLCYVALDFENEMATAASSSSL
EKSYELPDGQVITIGNERFRCPETLFQPSFIGMESAGIHETTYNSIMKCDIDIRKDLYANNVMSGGTTMYPGIADRMQKE
ITALAPSTMKIKIIAPPERKYSVWIGGSILASLSTFQQMWITKQEYDEAGPSIVHRKCF
;
A,D
2 'polypeptide(L)'
;LKIAAFNIRTFGETKMSNATLASYIVRIVRRYDIVLIQEVRDSHLVAVGKLLDYLNQDDPNTYHYVVSEPLGRNSYKERY
LFLFRPNKVSVLDTYQYDDGCESCGNDSFSREPAVVKFSSHSTKVKEFAIVALHSAPSDAVAEINSLYDVYLDVQQKWHL
NDVMLMGDFNADCSYVTSSQWSSIRLRTSSTFQWLIPDSADTTATSTNCAYDRIVVAGSLLQSSVVPGSAAPFDFQAAYG
LSNEMALAISDHYPVEVTLT
;
B,E
3 'polypeptide(L)' VSDARSDLLSAIRQGFQLRRVEEQREQEKRDV C,F
#
loop_
_chem_comp.id
_chem_comp.type
_chem_comp.name
_chem_comp.formula
ATP non-polymer ADENOSINE-5'-TRIPHOSPHATE 'C10 H16 N5 O13 P3'
CA non-polymer 'CALCIUM ION' 'Ca 2'
GOL non-polymer GLYCEROL 'C3 H8 O3'
MG non-polymer 'MAGNESIUM ION' 'Mg 2'
NAG D-saccharide, beta linking 2-acetamido-2-deoxy-beta-D-glucopyranose 'C8 H15 N O6'
#
# COMPACT_ATOMS: atom_id res chain seq x y z
N THR A 5 21.05 19.32 21.36
CA THR A 5 21.83 19.80 22.55
C THR A 5 22.20 18.66 23.50
N THR A 6 21.43 17.57 23.46
CA THR A 6 21.76 16.37 24.21
C THR A 6 22.72 15.58 23.33
N ALA A 7 23.84 15.14 23.91
CA ALA A 7 24.87 14.47 23.13
C ALA A 7 24.52 13.01 23.02
N LEU A 8 24.99 12.35 21.97
CA LEU A 8 24.82 10.88 21.87
C LEU A 8 26.17 10.24 22.17
N VAL A 9 26.10 8.99 22.60
CA VAL A 9 27.29 8.18 22.88
C VAL A 9 27.09 6.85 22.17
N CYS A 10 27.96 6.55 21.23
CA CYS A 10 27.87 5.31 20.46
C CYS A 10 29.19 4.55 20.66
N ASP A 11 29.10 3.42 21.34
CA ASP A 11 30.29 2.58 21.58
C ASP A 11 30.15 1.35 20.68
N ASN A 12 30.89 1.32 19.57
CA ASN A 12 30.81 0.21 18.62
CA ASN A 12 30.80 0.23 18.59
C ASN A 12 31.81 -0.87 18.93
N GLY A 13 31.31 -2.06 19.21
CA GLY A 13 32.16 -3.21 19.55
C GLY A 13 32.11 -4.25 18.44
N SER A 14 33.01 -5.23 18.55
CA SER A 14 33.12 -6.38 17.60
C SER A 14 31.84 -7.18 17.60
N GLY A 15 31.22 -7.28 18.75
CA GLY A 15 30.00 -8.06 18.93
C GLY A 15 28.73 -7.28 19.17
N LEU A 16 28.82 -6.21 19.99
CA LEU A 16 27.66 -5.40 20.36
C LEU A 16 27.89 -3.93 20.14
N VAL A 17 26.86 -3.23 19.65
CA VAL A 17 26.80 -1.79 19.71
C VAL A 17 26.09 -1.43 21.01
N LYS A 18 26.68 -0.50 21.79
CA LYS A 18 26.00 0.09 22.94
C LYS A 18 25.80 1.56 22.59
N ALA A 19 24.56 2.04 22.51
CA ALA A 19 24.31 3.44 22.15
C ALA A 19 23.27 4.09 23.06
N GLY A 20 23.34 5.40 23.22
CA GLY A 20 22.39 6.08 24.09
C GLY A 20 22.72 7.53 24.20
N PHE A 21 22.23 8.14 25.28
CA PHE A 21 22.30 9.59 25.45
C PHE A 21 23.25 9.95 26.55
N ALA A 22 24.12 10.92 26.29
CA ALA A 22 25.07 11.39 27.31
C ALA A 22 24.28 11.90 28.50
N GLY A 23 24.73 11.52 29.68
CA GLY A 23 24.10 11.90 30.93
C GLY A 23 23.24 10.79 31.52
N ASP A 24 22.96 9.76 30.74
CA ASP A 24 22.20 8.59 31.21
C ASP A 24 23.17 7.58 31.80
N ASP A 25 22.69 6.74 32.73
CA ASP A 25 23.59 5.82 33.43
C ASP A 25 23.77 4.47 32.72
N ALA A 26 23.13 4.29 31.57
CA ALA A 26 23.28 3.05 30.81
C ALA A 26 22.87 3.30 29.37
N PRO A 27 23.40 2.49 28.44
CA PRO A 27 22.97 2.65 27.05
C PRO A 27 21.53 2.21 26.92
N ARG A 28 20.75 2.93 26.12
CA ARG A 28 19.40 2.50 25.86
C ARG A 28 19.25 1.44 24.76
N ALA A 29 20.23 1.36 23.86
CA ALA A 29 20.20 0.35 22.79
C ALA A 29 21.45 -0.49 22.87
N VAL A 30 21.28 -1.80 23.01
CA VAL A 30 22.41 -2.69 22.96
C VAL A 30 22.01 -3.82 22.01
N PHE A 31 22.76 -4.01 20.93
CA PHE A 31 22.36 -4.96 19.90
C PHE A 31 23.57 -5.45 19.10
N PRO A 32 23.42 -6.61 18.47
CA PRO A 32 24.52 -7.22 17.71
C PRO A 32 25.07 -6.34 16.60
N SER A 33 26.39 -6.30 16.49
CA SER A 33 27.07 -5.50 15.49
CA SER A 33 27.08 -5.49 15.48
C SER A 33 27.16 -6.32 14.21
N ILE A 34 26.00 -6.55 13.57
CA ILE A 34 26.00 -7.39 12.38
CA ILE A 34 25.91 -7.47 12.44
C ILE A 34 25.01 -6.86 11.38
N VAL A 35 25.32 -7.08 10.10
CA VAL A 35 24.46 -6.66 9.03
C VAL A 35 24.25 -7.89 8.18
N GLY A 36 22.99 -8.15 7.80
CA GLY A 36 22.69 -9.30 6.93
C GLY A 36 21.93 -8.85 5.69
N ARG A 37 22.31 -9.38 4.54
CA ARG A 37 21.57 -9.15 3.30
C ARG A 37 20.94 -10.46 2.83
N PRO A 38 19.67 -10.41 2.41
CA PRO A 38 19.00 -11.64 1.95
C PRO A 38 19.74 -12.33 0.81
N ARG A 39 19.82 -13.64 0.92
CA ARG A 39 20.43 -14.48 -0.11
C ARG A 39 19.44 -14.74 -1.22
N HIS A 40 18.14 -14.50 -0.99
CA HIS A 40 17.10 -14.82 -1.97
C HIS A 40 16.08 -13.69 -2.00
N GLN A 41 15.29 -13.61 -3.08
CA GLN A 41 14.24 -12.60 -3.24
C GLN A 41 12.94 -13.02 -2.58
N GLY A 42 12.36 -12.13 -1.77
CA GLY A 42 11.05 -12.43 -1.22
C GLY A 42 10.78 -11.43 -0.14
N VAL A 43 9.67 -11.62 0.57
CA VAL A 43 9.25 -10.67 1.56
C VAL A 43 8.72 -11.42 2.78
N MET A 44 8.67 -10.69 3.89
CA MET A 44 7.97 -11.16 5.05
C MET A 44 6.54 -10.73 4.84
N VAL A 45 5.58 -11.52 5.31
CA VAL A 45 4.16 -11.18 5.09
C VAL A 45 3.87 -9.78 5.61
N GLY A 46 3.26 -8.94 4.78
CA GLY A 46 2.90 -7.62 5.24
C GLY A 46 4.03 -6.61 5.07
N MET A 47 5.15 -7.03 4.50
CA MET A 47 6.32 -6.14 4.37
C MET A 47 6.77 -5.99 2.92
N GLY A 48 7.51 -4.94 2.63
CA GLY A 48 8.13 -4.83 1.31
C GLY A 48 9.50 -5.50 1.30
N GLN A 49 10.08 -5.64 0.10
CA GLN A 49 11.41 -6.23 -0.02
C GLN A 49 12.39 -5.35 0.76
N LYS A 50 13.27 -5.96 1.58
CA LYS A 50 14.32 -5.22 2.31
C LYS A 50 15.71 -5.54 1.79
N ASP A 51 16.60 -4.56 1.72
CA ASP A 51 17.94 -4.78 1.18
C ASP A 51 18.91 -5.32 2.24
N SER A 52 18.65 -5.01 3.51
CA SER A 52 19.49 -5.52 4.57
C SER A 52 18.79 -5.47 5.92
N TYR A 53 19.26 -6.28 6.87
CA TYR A 53 18.80 -6.16 8.23
C TYR A 53 20.02 -5.86 9.09
N VAL A 54 19.80 -5.20 10.22
CA VAL A 54 20.90 -4.91 11.13
C VAL A 54 20.52 -5.36 12.51
N GLY A 55 21.50 -5.85 13.28
CA GLY A 55 21.26 -6.06 14.69
C GLY A 55 20.39 -7.26 15.02
N ASP A 56 19.50 -7.13 16.00
CA ASP A 56 18.68 -8.26 16.45
C ASP A 56 17.93 -8.98 15.32
N GLU A 57 17.38 -8.21 14.40
CA GLU A 57 16.58 -8.82 13.36
C GLU A 57 17.45 -9.56 12.37
N ALA A 58 18.71 -9.13 12.23
CA ALA A 58 19.62 -9.86 11.33
C ALA A 58 19.91 -11.21 11.93
N GLN A 59 20.09 -11.24 13.26
CA GLN A 59 20.41 -12.47 13.95
C GLN A 59 19.21 -13.41 13.89
N SER A 60 18.02 -12.87 14.11
CA SER A 60 16.82 -13.73 14.17
CA SER A 60 16.78 -13.68 14.16
C SER A 60 16.38 -14.24 12.82
N LYS A 61 16.85 -13.59 11.76
CA LYS A 61 16.49 -13.95 10.38
C LYS A 61 17.67 -14.52 9.65
N ARG A 62 18.73 -14.84 10.39
CA ARG A 62 20.01 -15.15 9.77
C ARG A 62 19.95 -16.25 8.72
N GLY A 63 18.99 -17.16 8.85
CA GLY A 63 18.88 -18.31 7.96
C GLY A 63 18.73 -18.00 6.48
N ILE A 64 18.17 -16.83 6.16
CA ILE A 64 17.97 -16.43 4.76
C ILE A 64 18.87 -15.25 4.37
N LEU A 65 19.84 -14.96 5.22
CA LEU A 65 20.75 -13.83 4.97
C LEU A 65 22.18 -14.30 4.86
N THR A 66 23.00 -13.43 4.30
CA THR A 66 24.44 -13.56 4.41
C THR A 66 24.89 -12.50 5.43
N LEU A 67 25.55 -12.92 6.51
CA LEU A 67 25.93 -11.99 7.58
C LEU A 67 27.34 -11.44 7.47
N LYS A 68 27.52 -10.19 7.90
CA LYS A 68 28.85 -9.57 8.01
C LYS A 68 29.02 -8.85 9.34
N TYR A 69 30.17 -9.04 9.99
CA TYR A 69 30.54 -8.28 11.20
C TYR A 69 31.45 -7.15 10.72
N PRO A 70 30.95 -5.90 10.69
CA PRO A 70 31.80 -4.81 10.18
C PRO A 70 32.98 -4.42 11.07
N ILE A 71 33.00 -4.91 12.31
CA ILE A 71 34.05 -4.57 13.26
C ILE A 71 34.71 -5.84 13.61
N GLU A 72 36.02 -5.90 13.39
CA GLU A 72 36.78 -7.10 13.69
C GLU A 72 37.91 -6.79 14.65
N HIC A 73 37.95 -7.52 15.77
CA HIC A 73 38.97 -7.29 16.79
C HIC A 73 38.99 -5.82 17.16
O HIC A 73 40.04 -5.23 17.34
CB HIC A 73 40.33 -7.81 16.33
CG HIC A 73 40.29 -9.30 16.00
ND1 HIC A 73 39.95 -10.33 16.84
CD2 HIC A 73 40.61 -9.87 14.78
CE1 HIC A 73 40.05 -11.49 16.14
NE2 HIC A 73 40.46 -11.21 14.89
CZ HIC A 73 40.70 -12.21 13.82
N GLY A 74 37.82 -5.20 17.23
CA GLY A 74 37.66 -3.82 17.64
C GLY A 74 37.80 -2.76 16.56
N ILE A 75 38.29 -3.15 15.38
CA ILE A 75 38.60 -2.19 14.32
C ILE A 75 37.54 -2.28 13.21
N ILE A 76 37.05 -1.13 12.75
CA ILE A 76 36.11 -1.10 11.62
C ILE A 76 36.79 -1.53 10.32
N THR A 77 36.24 -2.57 9.68
CA THR A 77 36.87 -3.11 8.47
C THR A 77 35.97 -3.06 7.25
N ASN A 78 34.67 -2.80 7.45
CA ASN A 78 33.77 -2.62 6.31
C ASN A 78 32.95 -1.37 6.51
N TRP A 79 33.22 -0.34 5.70
CA TRP A 79 32.61 0.98 5.90
C TRP A 79 31.16 1.08 5.43
N ASP A 80 30.80 0.35 4.38
CA ASP A 80 29.43 0.41 3.91
C ASP A 80 28.54 -0.21 4.97
N ASP A 81 29.00 -1.33 5.53
CA ASP A 81 28.23 -2.05 6.51
C ASP A 81 28.18 -1.24 7.79
N MET A 82 29.28 -0.55 8.13
CA MET A 82 29.33 0.24 9.36
C MET A 82 28.38 1.42 9.24
N GLU A 83 28.29 1.97 8.05
CA GLU A 83 27.35 3.05 7.82
C GLU A 83 25.91 2.58 8.06
N LYS A 84 25.60 1.36 7.62
CA LYS A 84 24.30 0.75 7.89
C LYS A 84 24.06 0.63 9.38
N ILE A 85 25.09 0.21 10.12
CA ILE A 85 24.94 0.09 11.57
C ILE A 85 24.67 1.44 12.24
N TRP A 86 25.37 2.49 11.83
CA TRP A 86 25.15 3.82 12.45
C TRP A 86 23.77 4.36 12.07
N HIS A 87 23.41 4.18 10.80
CA HIS A 87 22.07 4.57 10.38
C HIS A 87 20.97 3.91 11.19
N HIS A 88 21.07 2.60 11.35
CA HIS A 88 20.16 1.86 12.19
C HIS A 88 20.18 2.38 13.62
N THR A 89 21.36 2.65 14.15
CA THR A 89 21.49 3.13 15.53
C THR A 89 20.70 4.44 15.71
N PHE A 90 21.01 5.42 14.90
CA PHE A 90 20.36 6.72 14.99
C PHE A 90 18.84 6.64 14.80
N TYR A 91 18.42 6.15 13.65
CA TYR A 91 17.04 6.28 13.25
C TYR A 91 16.11 5.20 13.81
N ASN A 92 16.59 3.97 13.94
CA ASN A 92 15.74 2.88 14.36
C ASN A 92 15.83 2.59 15.84
N GLU A 93 17.03 2.61 16.41
CA GLU A 93 17.19 2.33 17.83
C GLU A 93 17.01 3.57 18.73
N LEU A 94 17.75 4.64 18.49
CA LEU A 94 17.62 5.79 19.37
C LEU A 94 16.49 6.68 18.90
N ARG A 95 16.16 6.56 17.62
CA ARG A 95 15.11 7.41 17.00
C ARG A 95 15.39 8.90 17.17
N VAL A 96 16.58 9.30 16.72
CA VAL A 96 16.99 10.70 16.72
C VAL A 96 17.40 11.10 15.31
N ALA A 97 17.50 12.41 15.07
CA ALA A 97 18.09 12.95 13.86
C ALA A 97 19.51 13.33 14.24
N PRO A 98 20.51 12.63 13.65
CA PRO A 98 21.86 12.87 14.10
C PRO A 98 22.33 14.30 13.83
N GLU A 99 21.71 15.03 12.90
CA GLU A 99 22.11 16.44 12.68
C GLU A 99 21.80 17.38 13.84
N GLU A 100 21.01 16.94 14.81
CA GLU A 100 20.78 17.81 15.95
C GLU A 100 21.45 17.37 17.26
N HIS A 101 22.40 16.44 17.18
CA HIS A 101 23.11 15.95 18.37
C HIS A 101 24.61 15.82 18.20
N PRO A 102 25.40 16.47 19.07
CA PRO A 102 26.83 16.17 19.14
C PRO A 102 26.96 14.68 19.39
N THR A 103 27.89 14.00 18.73
CA THR A 103 27.98 12.53 18.88
C THR A 103 29.39 12.12 19.28
N LEU A 104 29.50 11.40 20.39
CA LEU A 104 30.78 10.85 20.84
C LEU A 104 30.85 9.39 20.40
N LEU A 105 31.92 9.01 19.71
CA LEU A 105 32.12 7.66 19.18
C LEU A 105 33.36 7.11 19.91
N THR A 106 33.49 5.79 19.98
CA THR A 106 34.65 5.22 20.65
C THR A 106 35.43 4.48 19.59
N GLU A 107 36.71 4.25 19.87
CA GLU A 107 37.53 3.48 18.96
C GLU A 107 38.45 2.61 19.80
N ALA A 108 39.00 1.61 19.14
CA ALA A 108 39.84 0.66 19.85
C ALA A 108 41.20 1.30 20.07
N PRO A 109 41.94 0.84 21.09
CA PRO A 109 43.36 1.11 21.28
C PRO A 109 44.10 0.82 19.97
N LEU A 110 45.09 1.65 19.61
CA LEU A 110 45.85 1.47 18.37
C LEU A 110 45.07 1.59 17.04
N ASN A 111 43.89 2.19 17.05
CA ASN A 111 43.11 2.35 15.82
C ASN A 111 43.94 3.21 14.88
N PRO A 112 44.15 2.77 13.63
CA PRO A 112 44.95 3.62 12.74
C PRO A 112 44.35 5.00 12.55
N LYS A 113 45.17 6.03 12.35
CA LYS A 113 44.65 7.41 12.14
C LYS A 113 43.71 7.51 10.93
N ALA A 114 44.01 6.80 9.85
CA ALA A 114 43.17 6.88 8.66
C ALA A 114 41.77 6.34 8.96
N ASN A 115 41.69 5.36 9.86
CA ASN A 115 40.41 4.82 10.27
CA ASN A 115 40.42 4.81 10.30
C ASN A 115 39.62 5.87 11.05
N ARG A 116 40.27 6.52 12.01
CA ARG A 116 39.57 7.58 12.75
C ARG A 116 39.16 8.72 11.81
N GLU A 117 39.99 9.01 10.81
CA GLU A 117 39.62 10.09 9.90
C GLU A 117 38.38 9.74 9.05
N LYS A 118 38.27 8.47 8.71
CA LYS A 118 37.17 8.00 7.88
C LYS A 118 35.90 8.02 8.71
N MET A 119 35.98 7.54 9.96
CA MET A 119 34.88 7.64 10.92
CA MET A 119 34.88 7.64 10.88
C MET A 119 34.38 9.08 10.97
N THR A 120 35.33 10.01 11.12
CA THR A 120 35.01 11.43 11.22
C THR A 120 34.36 11.97 9.95
N GLN A 121 34.89 11.58 8.80
CA GLN A 121 34.32 12.05 7.56
C GLN A 121 32.88 11.57 7.36
N ILE A 122 32.59 10.33 7.73
CA ILE A 122 31.25 9.79 7.58
C ILE A 122 30.27 10.47 8.51
N MET A 123 30.70 10.75 9.73
CA MET A 123 29.79 11.38 10.67
C MET A 123 29.38 12.74 10.18
N PHE A 124 30.36 13.53 9.74
CA PHE A 124 30.06 14.89 9.24
C PHE A 124 29.40 14.92 7.88
N GLU A 125 29.92 14.15 6.93
CA GLU A 125 29.43 14.27 5.56
C GLU A 125 28.18 13.44 5.30
N THR A 126 28.11 12.25 5.86
CA THR A 126 26.96 11.40 5.66
C THR A 126 25.82 11.70 6.62
N PHE A 127 26.13 11.76 7.92
CA PHE A 127 25.10 11.93 8.93
C PHE A 127 24.92 13.38 9.35
N ASN A 128 25.79 14.23 8.82
CA ASN A 128 25.74 15.65 9.10
CA ASN A 128 25.75 15.67 9.09
C ASN A 128 25.62 16.04 10.58
N VAL A 129 26.38 15.37 11.45
CA VAL A 129 26.34 15.73 12.88
C VAL A 129 26.94 17.12 13.06
N PRO A 130 26.47 17.87 14.07
CA PRO A 130 26.94 19.23 14.35
C PRO A 130 28.33 19.25 14.99
N ALA A 131 28.65 18.18 15.70
CA ALA A 131 29.91 18.09 16.42
C ALA A 131 30.15 16.62 16.76
N MET A 132 31.41 16.28 16.99
CA MET A 132 31.70 14.93 17.43
C MET A 132 33.06 14.79 18.03
N TYR A 133 33.35 13.61 18.55
CA TYR A 133 34.60 13.40 19.23
C TYR A 133 34.80 11.89 19.15
N VAL A 134 36.05 11.43 19.06
CA VAL A 134 36.35 9.99 19.05
C VAL A 134 37.25 9.75 20.28
N ALA A 135 36.84 8.85 21.16
CA ALA A 135 37.58 8.54 22.36
C ALA A 135 38.06 7.09 22.35
N ILE A 136 39.22 6.83 22.94
CA ILE A 136 39.69 5.45 23.10
C ILE A 136 38.84 4.72 24.15
N GLN A 137 38.27 3.58 23.75
CA GLN A 137 37.47 2.77 24.67
C GLN A 137 38.11 2.57 26.05
N ALA A 138 39.34 2.05 26.13
CA ALA A 138 39.95 1.80 27.46
C ALA A 138 40.00 3.03 28.33
N VAL A 139 40.26 4.18 27.74
CA VAL A 139 40.41 5.38 28.55
C VAL A 139 39.06 5.75 29.15
N LEU A 140 38.00 5.59 28.36
CA LEU A 140 36.65 5.82 28.89
C LEU A 140 36.33 4.93 30.07
N SER A 141 36.79 3.67 30.02
CA SER A 141 36.56 2.76 31.14
C SER A 141 37.29 3.22 32.36
N LEU A 142 38.52 3.67 32.22
CA LEU A 142 39.26 4.22 33.36
C LEU A 142 38.52 5.39 33.96
N TYR A 143 38.11 6.32 33.11
CA TYR A 143 37.29 7.49 33.54
C TYR A 143 36.02 7.12 34.25
N ALA A 144 35.33 6.10 33.76
CA ALA A 144 34.09 5.67 34.37
C ALA A 144 34.30 5.20 35.79
N SER A 145 35.55 4.83 36.12
CA SER A 145 35.86 4.40 37.51
C SER A 145 36.38 5.56 38.36
N GLY A 146 36.34 6.78 37.83
CA GLY A 146 36.75 7.95 38.60
C GLY A 146 38.27 8.07 38.68
N ARG A 147 39.00 7.50 37.71
CA ARG A 147 40.45 7.46 37.74
C ARG A 147 41.03 8.11 36.49
N THR A 148 42.20 8.73 36.62
CA THR A 148 42.85 9.26 35.38
C THR A 148 44.23 8.61 35.12
N THR A 149 44.64 7.72 36.01
CA THR A 149 45.83 6.89 35.85
C THR A 149 45.48 5.46 36.23
N GLY A 150 45.96 4.50 35.45
CA GLY A 150 45.73 3.15 35.82
C GLY A 150 46.01 2.29 34.62
N ILE A 151 45.86 0.98 34.81
CA ILE A 151 45.93 0.12 33.64
C ILE A 151 44.64 -0.65 33.41
N VAL A 152 44.09 -0.60 32.19
CA VAL A 152 42.81 -1.23 31.95
C VAL A 152 42.99 -2.57 31.26
N LEU A 153 42.23 -3.59 31.72
CA LEU A 153 42.01 -4.82 30.92
C LEU A 153 40.63 -4.68 30.33
N ASP A 154 40.52 -4.61 29.01
CA ASP A 154 39.21 -4.49 28.34
C ASP A 154 39.02 -5.75 27.50
N SER A 155 37.96 -6.52 27.77
CA SER A 155 37.82 -7.80 27.07
C SER A 155 36.37 -7.90 26.65
N GLY A 156 36.11 -7.98 25.34
CA GLY A 156 34.75 -7.93 24.83
C GLY A 156 34.39 -9.22 24.11
N ASP A 157 33.90 -9.12 22.89
CA ASP A 157 33.44 -10.31 22.19
C ASP A 157 34.52 -10.79 21.24
N GLY A 158 35.36 -9.85 20.81
CA GLY A 158 36.35 -10.14 19.80
C GLY A 158 37.81 -9.90 20.12
N VAL A 159 38.11 -9.03 21.08
CA VAL A 159 39.47 -8.66 21.34
C VAL A 159 39.63 -8.33 22.81
N THR A 160 40.84 -8.54 23.32
CA THR A 160 41.19 -8.15 24.69
C THR A 160 42.42 -7.25 24.58
N HIS A 161 42.42 -6.12 25.28
CA HIS A 161 43.60 -5.26 25.31
C HIS A 161 43.99 -4.95 26.76
N ASN A 162 45.29 -4.71 27.00
CA ASN A 162 45.74 -3.99 28.19
C ASN A 162 46.24 -2.64 27.75
N VAL A 163 45.79 -1.61 28.45
CA VAL A 163 46.10 -0.26 28.09
C VAL A 163 46.46 0.52 29.36
N PRO A 164 47.74 0.80 29.55
CA PRO A 164 48.18 1.64 30.67
C PRO A 164 47.97 3.09 30.30
N ILE A 165 47.50 3.86 31.27
CA ILE A 165 47.08 5.23 31.03
C ILE A 165 47.69 6.07 32.13
N TYR A 166 48.37 7.14 31.75
CA TYR A 166 49.03 7.98 32.73
C TYR A 166 48.48 9.39 32.61
N GLU A 167 47.83 9.85 33.68
CA GLU A 167 47.18 11.17 33.67
C GLU A 167 46.40 11.41 32.40
N GLY A 168 45.53 10.46 32.08
CA GLY A 168 44.68 10.56 30.91
C GLY A 168 45.32 10.23 29.58
N TYR A 169 46.59 9.86 29.57
CA TYR A 169 47.32 9.64 28.32
C TYR A 169 47.51 8.14 28.14
N ALA A 170 46.83 7.51 27.19
CA ALA A 170 47.07 6.09 26.97
C ALA A 170 48.43 5.94 26.29
N LEU A 171 49.24 5.03 26.79
CA LEU A 171 50.62 4.92 26.34
C LEU A 171 50.71 3.86 25.26
N PRO A 172 50.75 4.28 24.00
CA PRO A 172 50.56 3.25 22.98
C PRO A 172 51.66 2.22 22.85
N HIS A 173 52.90 2.59 23.17
CA HIS A 173 54.00 1.59 23.07
C HIS A 173 53.81 0.44 24.04
N ALA A 174 52.99 0.64 25.08
CA ALA A 174 52.82 -0.39 26.14
C ALA A 174 51.49 -1.15 26.04
N ILE A 175 50.67 -0.79 25.04
CA ILE A 175 49.39 -1.50 24.84
C ILE A 175 49.64 -2.92 24.34
N MET A 176 48.90 -3.89 24.90
CA MET A 176 48.99 -5.29 24.47
C MET A 176 47.63 -5.67 23.89
N ARG A 177 47.64 -6.44 22.79
CA ARG A 177 46.41 -6.90 22.17
C ARG A 177 46.42 -8.40 22.14
N LEU A 178 45.31 -9.02 22.58
CA LEU A 178 45.19 -10.48 22.58
C LEU A 178 43.90 -10.82 21.82
N ASP A 179 44.03 -11.56 20.73
CA ASP A 179 42.87 -11.86 19.89
C ASP A 179 42.17 -13.10 20.43
N LEU A 180 41.67 -12.95 21.64
CA LEU A 180 40.91 -13.98 22.33
CA LEU A 180 40.93 -13.99 22.34
C LEU A 180 39.91 -13.25 23.21
N ALA A 181 38.62 -13.51 23.02
CA ALA A 181 37.65 -12.86 23.91
C ALA A 181 36.37 -13.69 23.90
N GLY A 182 35.22 -13.03 24.09
CA GLY A 182 33.97 -13.75 24.43
C GLY A 182 33.54 -14.76 23.39
N ARG A 183 33.69 -14.43 22.12
CA ARG A 183 33.21 -15.31 21.09
C ARG A 183 34.01 -16.61 21.19
N ASP A 184 35.32 -16.49 21.39
CA ASP A 184 36.14 -17.69 21.56
C ASP A 184 35.75 -18.53 22.73
N LEU A 185 35.35 -17.87 23.83
CA LEU A 185 34.97 -18.62 25.01
C LEU A 185 33.63 -19.30 24.79
N THR A 186 32.70 -18.64 24.13
CA THR A 186 31.43 -19.30 23.78
C THR A 186 31.66 -20.56 22.93
N ASP A 187 32.48 -20.42 21.89
CA ASP A 187 32.78 -21.59 21.04
C ASP A 187 33.44 -22.72 21.80
N TYR A 188 34.35 -22.36 22.71
CA TYR A 188 35.06 -23.36 23.49
C TYR A 188 34.09 -24.08 24.44
N LEU A 189 33.19 -23.32 25.06
CA LEU A 189 32.19 -23.96 25.92
C LEU A 189 31.33 -24.93 25.11
N MET A 190 30.93 -24.55 23.90
CA MET A 190 30.14 -25.48 23.08
C MET A 190 30.96 -26.74 22.86
N LYS A 191 32.25 -26.57 22.55
CA LYS A 191 33.11 -27.72 22.31
C LYS A 191 33.16 -28.67 23.52
N ILE A 192 33.42 -28.12 24.70
CA ILE A 192 33.64 -29.01 25.87
C ILE A 192 32.32 -29.58 26.37
N LEU A 193 31.23 -28.86 26.17
CA LEU A 193 29.93 -29.42 26.54
C LEU A 193 29.59 -30.57 25.59
N THR A 194 29.95 -30.41 24.32
CA THR A 194 29.77 -31.50 23.35
C THR A 194 30.62 -32.72 23.71
N GLU A 195 31.85 -32.52 24.14
CA GLU A 195 32.68 -33.64 24.59
C GLU A 195 32.09 -34.37 25.79
N ARG A 196 31.42 -33.64 26.67
CA ARG A 196 30.79 -34.27 27.85
C ARG A 196 29.64 -35.18 27.44
N GLY A 197 29.07 -34.91 26.26
CA GLY A 197 27.99 -35.74 25.71
C GLY A 197 26.73 -34.97 25.36
N TYR A 198 26.72 -33.67 25.58
CA TYR A 198 25.58 -32.83 25.10
C TYR A 198 25.68 -32.57 23.60
N SER A 199 24.58 -32.15 22.98
CA SER A 199 24.63 -31.78 21.58
C SER A 199 23.86 -30.49 21.32
N PHE A 200 24.46 -29.68 20.46
CA PHE A 200 23.94 -28.37 20.10
C PHE A 200 24.07 -28.35 18.61
N VAL A 201 23.00 -28.76 17.96
CA VAL A 201 22.98 -28.88 16.52
C VAL A 201 22.18 -27.74 15.88
N THR A 202 20.89 -27.59 16.24
CA THR A 202 20.08 -26.52 15.63
C THR A 202 20.55 -25.13 16.07
N THR A 203 20.20 -24.08 15.29
CA THR A 203 20.53 -22.70 15.65
C THR A 203 20.05 -22.35 17.06
N ALA A 204 18.85 -22.78 17.41
CA ALA A 204 18.30 -22.42 18.70
C ALA A 204 19.08 -23.09 19.84
N GLU A 205 19.46 -24.35 19.65
CA GLU A 205 20.29 -25.08 20.64
C GLU A 205 21.65 -24.38 20.83
N ARG A 206 22.31 -24.06 19.72
CA ARG A 206 23.60 -23.39 19.77
C ARG A 206 23.56 -22.01 20.45
N GLU A 207 22.46 -21.27 20.34
CA GLU A 207 22.39 -19.90 20.88
C GLU A 207 22.34 -19.93 22.40
N ILE A 208 21.80 -21.00 22.92
CA ILE A 208 21.71 -21.27 24.36
C ILE A 208 23.09 -21.29 25.02
N VAL A 209 24.12 -21.73 24.28
CA VAL A 209 25.45 -21.89 24.88
C VAL A 209 25.98 -20.55 25.42
N ARG A 210 25.75 -19.44 24.71
CA ARG A 210 26.19 -18.15 25.24
C ARG A 210 25.49 -17.82 26.57
N ASP A 211 24.23 -18.19 26.71
CA ASP A 211 23.52 -17.96 27.97
C ASP A 211 24.10 -18.81 29.10
N ILE A 212 24.42 -20.06 28.81
CA ILE A 212 25.06 -20.92 29.81
C ILE A 212 26.37 -20.28 30.28
N LYS A 213 27.15 -19.78 29.32
CA LYS A 213 28.43 -19.17 29.65
C LYS A 213 28.22 -17.99 30.60
N GLU A 214 27.22 -17.18 30.31
CA GLU A 214 27.03 -15.93 31.03
C GLU A 214 26.42 -16.16 32.40
N LYS A 215 25.70 -17.26 32.56
CA LYS A 215 24.99 -17.52 33.79
C LYS A 215 25.72 -18.50 34.71
N LEU A 216 26.47 -19.44 34.17
CA LEU A 216 27.05 -20.51 34.98
C LEU A 216 28.58 -20.50 35.13
N CYS A 217 29.31 -19.82 34.25
CA CYS A 217 30.78 -20.00 34.29
C CYS A 217 31.37 -19.08 35.34
N TYR A 218 32.58 -19.40 35.77
CA TYR A 218 33.29 -18.56 36.72
C TYR A 218 34.76 -18.91 36.64
N VAL A 219 35.61 -18.05 37.19
CA VAL A 219 37.07 -18.27 37.11
C VAL A 219 37.54 -18.87 38.44
N ALA A 220 38.20 -20.02 38.38
CA ALA A 220 38.68 -20.66 39.59
C ALA A 220 39.86 -19.89 40.13
N LEU A 221 39.96 -19.79 41.45
CA LEU A 221 41.14 -19.15 42.01
C LEU A 221 42.38 -20.05 41.85
N ASP A 222 42.21 -21.38 41.97
CA ASP A 222 43.32 -22.34 41.78
C ASP A 222 42.79 -23.40 40.83
N PHE A 223 43.16 -23.32 39.57
CA PHE A 223 42.55 -24.17 38.57
C PHE A 223 42.75 -25.66 38.82
N GLU A 224 43.99 -26.08 39.10
CA GLU A 224 44.23 -27.51 39.29
C GLU A 224 43.48 -28.02 40.54
N ASN A 225 43.48 -27.26 41.64
CA ASN A 225 42.68 -27.66 42.80
C ASN A 225 41.19 -27.76 42.50
N GLU A 226 40.68 -26.78 41.75
CA GLU A 226 39.28 -26.78 41.36
C GLU A 226 38.91 -28.00 40.51
N MET A 227 39.83 -28.42 39.62
CA MET A 227 39.62 -29.64 38.83
C MET A 227 39.54 -30.84 39.78
N ALA A 228 40.40 -30.86 40.79
CA ALA A 228 40.35 -31.98 41.76
C ALA A 228 39.05 -31.93 42.55
N THR A 229 38.67 -30.74 43.00
CA THR A 229 37.41 -30.59 43.70
C THR A 229 36.23 -31.09 42.83
N ALA A 230 36.15 -30.69 41.56
CA ALA A 230 35.04 -31.14 40.70
C ALA A 230 35.03 -32.66 40.54
N ALA A 231 36.21 -33.26 40.70
CA ALA A 231 36.33 -34.71 40.47
C ALA A 231 35.97 -35.48 41.74
N SER A 232 36.09 -34.84 42.89
CA SER A 232 35.87 -35.59 44.11
C SER A 232 34.50 -35.41 44.74
N SER A 233 33.73 -34.46 44.26
CA SER A 233 32.42 -34.19 44.83
C SER A 233 31.54 -33.59 43.76
N SER A 234 30.27 -33.43 44.09
CA SER A 234 29.34 -32.79 43.16
C SER A 234 29.07 -31.35 43.55
N SER A 235 29.88 -30.79 44.46
CA SER A 235 29.59 -29.48 45.03
CA SER A 235 29.61 -29.48 45.03
C SER A 235 29.68 -28.37 44.00
N LEU A 236 30.42 -28.60 42.92
CA LEU A 236 30.61 -27.50 41.92
C LEU A 236 29.60 -27.60 40.78
N GLU A 237 28.76 -28.63 40.78
CA GLU A 237 27.75 -28.74 39.71
C GLU A 237 26.64 -27.72 39.82
N LYS A 238 26.16 -27.27 38.67
CA LYS A 238 25.03 -26.37 38.65
CA LYS A 238 25.05 -26.34 38.63
C LYS A 238 24.14 -26.76 37.49
N SER A 239 22.85 -26.57 37.66
CA SER A 239 21.89 -26.99 36.63
C SER A 239 21.42 -25.81 35.79
N TYR A 240 21.07 -26.12 34.55
CA TYR A 240 20.55 -25.11 33.64
C TYR A 240 19.37 -25.72 32.92
N GLU A 241 18.24 -25.06 33.05
CA GLU A 241 17.02 -25.51 32.44
C GLU A 241 16.92 -24.97 31.02
N LEU A 242 16.82 -25.87 30.04
CA LEU A 242 16.70 -25.43 28.66
C LEU A 242 15.29 -24.92 28.40
N PRO A 243 15.12 -24.10 27.34
CA PRO A 243 13.83 -23.57 26.93
C PRO A 243 12.68 -24.57 27.12
N ASP A 244 12.86 -25.79 26.62
CA ASP A 244 11.80 -26.80 26.68
C ASP A 244 11.46 -27.26 28.10
N GLY A 245 12.38 -27.07 29.03
CA GLY A 245 12.12 -27.43 30.43
C GLY A 245 13.05 -28.52 30.95
N GLN A 246 13.63 -29.27 30.02
CA GLN A 246 14.69 -30.22 30.35
C GLN A 246 15.83 -29.51 31.07
N VAL A 247 16.24 -30.06 32.21
CA VAL A 247 17.32 -29.47 33.01
C VAL A 247 18.62 -30.24 32.86
N ILE A 248 19.69 -29.59 32.42
CA ILE A 248 21.01 -30.22 32.39
C ILE A 248 21.97 -29.72 33.48
N THR A 249 23.06 -30.47 33.68
CA THR A 249 23.89 -30.27 34.86
C THR A 249 25.35 -30.29 34.52
N ILE A 250 26.04 -29.19 34.83
CA ILE A 250 27.41 -29.03 34.40
C ILE A 250 28.36 -28.75 35.58
N GLY A 251 29.54 -29.39 35.55
CA GLY A 251 30.54 -29.26 36.59
C GLY A 251 31.75 -28.47 36.09
N ASN A 252 32.84 -29.15 35.78
CA ASN A 252 34.07 -28.40 35.52
C ASN A 252 34.06 -27.54 34.28
N GLU A 253 33.07 -27.70 33.40
CA GLU A 253 33.03 -26.82 32.21
C GLU A 253 32.79 -25.38 32.65
N ARG A 254 32.13 -25.24 33.80
CA ARG A 254 31.87 -23.91 34.37
C ARG A 254 33.14 -23.07 34.47
N PHE A 255 34.23 -23.66 34.94
CA PHE A 255 35.48 -22.86 35.09
C PHE A 255 36.56 -23.14 34.08
N ARG A 256 36.51 -24.29 33.40
CA ARG A 256 37.41 -24.52 32.28
C ARG A 256 37.23 -23.52 31.14
N CYS A 257 35.98 -23.14 30.89
CA CYS A 257 35.70 -22.19 29.84
C CYS A 257 36.54 -20.86 30.01
N PRO A 258 36.31 -20.07 31.09
CA PRO A 258 37.08 -18.82 31.17
C PRO A 258 38.56 -19.02 31.60
N GLU A 259 38.91 -20.21 32.04
CA GLU A 259 40.34 -20.49 32.27
C GLU A 259 41.18 -20.21 31.04
N THR A 260 40.59 -20.41 29.86
CA THR A 260 41.23 -20.06 28.59
C THR A 260 41.86 -18.63 28.57
N LEU A 261 41.29 -17.69 29.31
CA LEU A 261 41.84 -16.33 29.30
C LEU A 261 43.22 -16.33 29.94
N PHE A 262 43.40 -17.20 30.93
CA PHE A 262 44.69 -17.34 31.60
C PHE A 262 45.56 -18.39 30.92
N GLN A 263 44.94 -19.33 30.21
CA GLN A 263 45.70 -20.37 29.43
C GLN A 263 45.16 -20.51 28.02
N PRO A 264 45.55 -19.60 27.12
CA PRO A 264 45.02 -19.63 25.76
C PRO A 264 45.32 -20.93 25.05
N SER A 265 46.26 -21.71 25.56
CA SER A 265 46.52 -23.02 24.97
C SER A 265 45.30 -23.93 25.04
N PHE A 266 44.32 -23.61 25.86
CA PHE A 266 43.09 -24.42 25.85
C PHE A 266 42.42 -24.40 24.49
N ILE A 267 42.60 -23.32 23.74
CA ILE A 267 42.01 -23.24 22.40
C ILE A 267 43.10 -23.28 21.32
N GLY A 268 44.27 -23.82 21.67
CA GLY A 268 45.33 -24.01 20.70
C GLY A 268 46.11 -22.75 20.36
N MET A 269 46.00 -21.73 21.20
N MET A 269 45.95 -21.71 21.17
CA MET A 269 46.69 -20.46 20.96
CA MET A 269 46.75 -20.51 20.99
C MET A 269 47.98 -20.32 21.78
C MET A 269 48.05 -20.59 21.74
N GLU A 270 49.10 -20.08 21.10
CA GLU A 270 50.40 -19.97 21.75
C GLU A 270 50.53 -18.49 22.01
N SER A 271 50.13 -18.09 23.19
CA SER A 271 50.08 -16.69 23.53
C SER A 271 50.05 -16.58 25.04
N ALA A 272 50.55 -15.48 25.58
CA ALA A 272 50.45 -15.25 27.03
C ALA A 272 48.97 -15.09 27.38
N GLY A 273 48.63 -15.43 28.63
CA GLY A 273 47.30 -15.21 29.18
C GLY A 273 47.19 -13.81 29.74
N ILE A 274 45.99 -13.44 30.16
CA ILE A 274 45.68 -12.04 30.48
C ILE A 274 46.46 -11.53 31.70
N HIS A 275 46.88 -12.45 32.58
CA HIS A 275 47.70 -12.01 33.76
C HIS A 275 49.08 -11.57 33.28
N GLU A 276 49.61 -12.32 32.31
CA GLU A 276 50.93 -12.04 31.78
CA GLU A 276 50.93 -12.08 31.73
C GLU A 276 50.95 -10.88 30.81
N THR A 277 49.89 -10.71 30.02
CA THR A 277 49.88 -9.52 29.17
C THR A 277 49.74 -8.27 30.04
N THR A 278 49.00 -8.39 31.15
CA THR A 278 48.86 -7.25 32.10
C THR A 278 50.21 -6.84 32.68
N TYR A 279 50.92 -7.82 33.17
CA TYR A 279 52.26 -7.62 33.69
C TYR A 279 53.24 -7.11 32.62
N ASN A 280 53.23 -7.72 31.45
CA ASN A 280 54.11 -7.26 30.37
C ASN A 280 53.84 -5.79 30.01
N SER A 281 52.57 -5.38 30.11
CA SER A 281 52.16 -4.00 29.76
C SER A 281 52.75 -3.05 30.80
N ILE A 282 52.60 -3.40 32.06
CA ILE A 282 53.16 -2.59 33.16
C ILE A 282 54.66 -2.44 33.01
N MET A 283 55.33 -3.53 32.63
CA MET A 283 56.79 -3.52 32.55
C MET A 283 57.33 -2.75 31.37
N LYS A 284 56.47 -2.46 30.40
CA LYS A 284 56.84 -1.59 29.30
CA LYS A 284 56.86 -1.59 29.30
C LYS A 284 56.82 -0.13 29.72
N CYS A 285 56.18 0.17 30.85
CA CYS A 285 56.06 1.56 31.31
C CYS A 285 57.21 1.96 32.27
N ASP A 286 57.48 3.26 32.39
CA ASP A 286 58.56 3.75 33.28
C ASP A 286 58.42 3.17 34.67
N ILE A 287 59.51 2.74 35.27
CA ILE A 287 59.42 2.09 36.56
C ILE A 287 58.72 2.99 37.57
N ASP A 288 58.84 4.30 37.38
CA ASP A 288 58.39 5.23 38.40
C ASP A 288 56.85 5.42 38.41
N ILE A 289 56.15 4.92 37.39
CA ILE A 289 54.69 4.94 37.44
C ILE A 289 54.09 3.55 37.65
N ARG A 290 54.92 2.52 37.69
CA ARG A 290 54.35 1.19 37.86
C ARG A 290 53.51 1.00 39.13
N LYS A 291 53.92 1.61 40.23
CA LYS A 291 53.19 1.42 41.47
C LYS A 291 51.74 1.86 41.26
N ASP A 292 51.54 2.92 40.48
CA ASP A 292 50.22 3.45 40.23
C ASP A 292 49.40 2.59 39.27
N LEU A 293 50.04 1.86 38.37
CA LEU A 293 49.32 0.91 37.51
C LEU A 293 48.91 -0.34 38.26
N TYR A 294 49.84 -0.92 39.01
CA TYR A 294 49.52 -2.07 39.86
C TYR A 294 48.35 -1.83 40.83
N ALA A 295 48.25 -0.61 41.36
CA ALA A 295 47.24 -0.29 42.40
C ALA A 295 45.96 0.18 41.75
N ASN A 296 45.94 0.17 40.43
CA ASN A 296 44.76 0.64 39.72
C ASN A 296 44.52 -0.16 38.44
N ASN A 297 44.35 -1.46 38.59
CA ASN A 297 44.03 -2.32 37.44
CA ASN A 297 44.03 -2.36 37.47
C ASN A 297 42.52 -2.44 37.30
N VAL A 298 41.99 -1.78 36.28
CA VAL A 298 40.54 -1.69 36.11
C VAL A 298 40.09 -2.69 35.04
N MET A 299 39.07 -3.49 35.35
CA MET A 299 38.57 -4.47 34.37
C MET A 299 37.33 -3.91 33.69
N SER A 300 37.22 -4.06 32.36
CA SER A 300 36.16 -3.51 31.56
C SER A 300 35.74 -4.53 30.51
N GLY A 301 34.45 -4.51 30.14
CA GLY A 301 33.99 -5.36 29.05
C GLY A 301 33.27 -6.61 29.49
N GLY A 302 32.41 -7.14 28.62
CA GLY A 302 31.58 -8.29 29.01
C GLY A 302 32.36 -9.50 29.44
N THR A 303 33.51 -9.73 28.82
CA THR A 303 34.29 -10.93 29.12
C THR A 303 35.06 -10.83 30.43
N THR A 304 35.02 -9.66 31.07
CA THR A 304 35.53 -9.61 32.44
C THR A 304 34.45 -9.84 33.52
N MET A 305 33.26 -10.25 33.10
CA MET A 305 32.16 -10.38 34.06
C MET A 305 32.16 -11.65 34.90
N TYR A 306 33.04 -12.60 34.59
CA TYR A 306 33.03 -13.90 35.31
C TYR A 306 33.26 -13.67 36.78
N PRO A 307 32.38 -14.25 37.63
CA PRO A 307 32.73 -14.31 39.03
C PRO A 307 34.12 -14.90 39.24
N GLY A 308 34.87 -14.35 40.19
CA GLY A 308 36.21 -14.91 40.49
C GLY A 308 37.36 -14.29 39.72
N ILE A 309 37.06 -13.55 38.65
CA ILE A 309 38.09 -13.10 37.75
C ILE A 309 38.98 -12.07 38.41
N ALA A 310 38.41 -11.14 39.21
CA ALA A 310 39.25 -10.18 39.95
C ALA A 310 40.20 -10.83 40.96
N ASP A 311 39.69 -11.78 41.76
CA ASP A 311 40.52 -12.45 42.76
C ASP A 311 41.63 -13.20 42.07
N ARG A 312 41.32 -13.82 40.93
CA ARG A 312 42.36 -14.61 40.24
C ARG A 312 43.43 -13.68 39.65
N MET A 313 43.01 -12.58 39.02
CA MET A 313 44.01 -11.62 38.52
C MET A 313 44.86 -11.08 39.71
N GLN A 314 44.24 -10.79 40.84
CA GLN A 314 44.99 -10.30 41.97
C GLN A 314 46.06 -11.32 42.36
N LYS A 315 45.69 -12.59 42.43
CA LYS A 315 46.65 -13.65 42.75
C LYS A 315 47.80 -13.73 41.74
N GLU A 316 47.47 -13.70 40.46
CA GLU A 316 48.50 -13.95 39.44
C GLU A 316 49.44 -12.78 39.29
N ILE A 317 48.88 -11.58 39.39
CA ILE A 317 49.72 -10.38 39.30
C ILE A 317 50.60 -10.32 40.55
N THR A 318 50.05 -10.68 41.71
CA THR A 318 50.85 -10.71 42.93
C THR A 318 52.08 -11.62 42.76
N ALA A 319 51.91 -12.74 42.08
CA ALA A 319 52.98 -13.69 41.92
C ALA A 319 54.04 -13.15 40.97
N LEU A 320 53.66 -12.29 40.04
CA LEU A 320 54.61 -11.74 39.07
C LEU A 320 55.32 -10.47 39.60
N ALA A 321 54.63 -9.68 40.41
CA ALA A 321 55.11 -8.33 40.76
C ALA A 321 56.08 -8.36 41.93
N PRO A 322 56.82 -7.25 42.17
CA PRO A 322 57.76 -7.23 43.30
C PRO A 322 57.04 -7.57 44.58
N SER A 323 57.70 -8.23 45.52
CA SER A 323 57.01 -8.79 46.67
C SER A 323 56.31 -7.73 47.55
N THR A 324 56.76 -6.49 47.48
CA THR A 324 56.20 -5.47 48.36
C THR A 324 55.14 -4.58 47.68
N MET A 325 54.82 -4.89 46.42
CA MET A 325 53.93 -4.05 45.64
C MET A 325 52.47 -4.15 46.08
N LYS A 326 51.78 -3.01 46.27
CA LYS A 326 50.35 -3.06 46.50
C LYS A 326 49.62 -3.31 45.18
N ILE A 327 48.78 -4.34 45.14
CA ILE A 327 48.10 -4.68 43.90
C ILE A 327 46.60 -4.59 44.11
N LYS A 328 45.90 -3.85 43.27
CA LYS A 328 44.45 -3.79 43.44
C LYS A 328 43.75 -3.93 42.11
N ILE A 329 42.75 -4.81 42.04
CA ILE A 329 41.97 -5.01 40.82
C ILE A 329 40.61 -4.34 41.08
N ILE A 330 40.17 -3.51 40.16
CA ILE A 330 38.93 -2.79 40.32
C ILE A 330 37.98 -3.36 39.27
N ALA A 331 36.90 -4.02 39.70
CA ALA A 331 35.99 -4.65 38.73
C ALA A 331 34.58 -4.18 39.02
N PRO A 332 34.20 -3.02 38.48
CA PRO A 332 32.90 -2.42 38.80
C PRO A 332 31.75 -3.36 38.43
N PRO A 333 30.66 -3.35 39.19
CA PRO A 333 29.55 -4.23 38.77
C PRO A 333 28.93 -3.84 37.41
N GLU A 334 29.06 -2.59 37.00
CA GLU A 334 28.48 -2.16 35.72
C GLU A 334 29.43 -2.39 34.52
N ARG A 335 30.48 -3.20 34.71
CA ARG A 335 31.61 -3.11 33.80
C ARG A 335 31.35 -3.67 32.40
N LYS A 336 30.21 -4.33 32.20
CA LYS A 336 29.92 -4.68 30.82
C LYS A 336 29.63 -3.44 29.98
N TYR A 337 29.29 -2.33 30.64
CA TYR A 337 28.99 -1.11 29.91
C TYR A 337 29.93 0.02 30.28
N SER A 338 31.07 -0.29 30.88
CA SER A 338 32.03 0.71 31.38
C SER A 338 32.50 1.72 30.34
N VAL A 339 32.82 1.24 29.15
CA VAL A 339 33.28 2.17 28.13
C VAL A 339 32.17 3.15 27.80
N TRP A 340 30.96 2.65 27.58
CA TRP A 340 29.80 3.50 27.28
C TRP A 340 29.57 4.51 28.41
N ILE A 341 29.66 4.05 29.65
CA ILE A 341 29.36 4.94 30.79
C ILE A 341 30.41 6.04 30.87
N GLY A 342 31.66 5.68 30.58
CA GLY A 342 32.74 6.67 30.63
C GLY A 342 32.46 7.70 29.54
N GLY A 343 31.98 7.26 28.40
CA GLY A 343 31.63 8.26 27.38
C GLY A 343 30.48 9.15 27.78
N SER A 344 29.48 8.59 28.44
CA SER A 344 28.31 9.35 28.85
C SER A 344 28.70 10.43 29.89
N ILE A 345 29.59 10.06 30.79
CA ILE A 345 30.14 11.03 31.77
C ILE A 345 30.95 12.14 31.07
N LEU A 346 31.91 11.72 30.26
CA LEU A 346 32.83 12.67 29.66
C LEU A 346 32.05 13.67 28.80
N ALA A 347 31.13 13.18 27.97
CA ALA A 347 30.39 14.08 27.08
C ALA A 347 29.51 15.02 27.83
N SER A 348 29.28 14.73 29.12
CA SER A 348 28.40 15.54 29.96
C SER A 348 29.16 16.63 30.70
N LEU A 349 30.47 16.47 30.84
CA LEU A 349 31.22 17.38 31.69
C LEU A 349 31.35 18.77 31.09
N SER A 350 31.18 19.80 31.91
CA SER A 350 31.28 21.14 31.38
C SER A 350 32.68 21.39 30.84
N THR A 351 33.68 20.84 31.55
CA THR A 351 35.08 21.00 31.19
C THR A 351 35.44 20.27 29.89
N PHE A 352 34.50 19.50 29.35
CA PHE A 352 34.73 18.77 28.11
C PHE A 352 34.22 19.55 26.90
N GLN A 353 33.34 20.52 27.13
CA GLN A 353 32.57 21.08 26.01
C GLN A 353 33.42 21.74 24.91
N GLN A 354 34.62 22.16 25.25
CA GLN A 354 35.53 22.78 24.29
C GLN A 354 36.30 21.74 23.45
N MET A 355 36.13 20.46 23.75
CA MET A 355 36.90 19.43 23.06
CA MET A 355 36.89 19.39 23.08
C MET A 355 36.18 18.81 21.86
N TRP A 356 34.89 19.10 21.72
CA TRP A 356 34.12 18.67 20.54
C TRP A 356 34.76 19.25 19.29
N ILE A 357 34.85 18.45 18.23
CA ILE A 357 35.15 18.99 16.91
C ILE A 357 33.85 19.41 16.22
N THR A 358 33.73 20.66 15.82
CA THR A 358 32.49 21.12 15.18
C THR A 358 32.54 20.96 13.67
N LYS A 359 31.38 20.99 13.02
CA LYS A 359 31.39 20.83 11.57
C LYS A 359 32.05 22.04 10.91
N GLN A 360 31.97 23.19 11.57
CA GLN A 360 32.65 24.40 11.11
C GLN A 360 34.15 24.12 10.97
N GLU A 361 34.73 23.59 12.05
CA GLU A 361 36.14 23.24 12.12
C GLU A 361 36.50 22.18 11.10
N TYR A 362 35.68 21.12 11.02
CA TYR A 362 35.86 20.11 9.99
C TYR A 362 35.81 20.77 8.59
N ASP A 363 34.85 21.66 8.39
CA ASP A 363 34.69 22.36 7.11
C ASP A 363 35.92 23.18 6.70
N GLU A 364 36.79 23.49 7.65
CA GLU A 364 37.94 24.36 7.37
C GLU A 364 39.28 23.64 7.35
N ALA A 365 39.35 22.51 8.07
CA ALA A 365 40.57 21.73 8.12
C ALA A 365 40.66 20.81 6.89
N GLY A 366 40.14 19.60 7.01
CA GLY A 366 40.16 18.63 5.91
C GLY A 366 38.93 17.74 5.88
N LEU B 1 -0.89 -23.08 -14.79
CA LEU B 1 -0.33 -22.75 -13.43
C LEU B 1 -0.69 -23.86 -12.45
N LYS B 2 0.31 -24.42 -11.76
CA LYS B 2 0.11 -25.56 -10.85
C LYS B 2 0.28 -25.02 -9.44
N ILE B 3 -0.73 -25.18 -8.60
CA ILE B 3 -0.69 -24.62 -7.25
C ILE B 3 -0.90 -25.71 -6.21
N ALA B 4 -0.21 -25.65 -5.06
CA ALA B 4 -0.40 -26.69 -4.04
C ALA B 4 -0.30 -26.13 -2.64
N ALA B 5 -0.87 -26.86 -1.67
CA ALA B 5 -0.70 -26.51 -0.26
C ALA B 5 -0.20 -27.77 0.41
N PHE B 6 0.88 -27.69 1.20
CA PHE B 6 1.57 -28.89 1.71
C PHE B 6 1.95 -28.71 3.18
N ASN B 7 1.33 -29.47 4.05
CA ASN B 7 1.72 -29.48 5.47
C ASN B 7 2.85 -30.47 5.59
N ILE B 8 4.08 -29.97 5.81
CA ILE B 8 5.23 -30.85 5.98
C ILE B 8 5.52 -30.95 7.45
N ARG B 9 5.26 -32.11 8.04
CA ARG B 9 5.33 -32.24 9.45
C ARG B 9 6.67 -31.74 10.00
N THR B 10 6.59 -30.92 11.04
CA THR B 10 7.77 -30.31 11.67
C THR B 10 8.89 -29.96 10.67
N PHE B 11 8.52 -29.25 9.63
CA PHE B 11 9.51 -28.79 8.67
C PHE B 11 10.49 -27.89 9.43
N GLY B 12 11.78 -28.16 9.32
CA GLY B 12 12.75 -27.39 10.10
C GLY B 12 14.16 -27.87 9.83
N GLU B 13 15.08 -27.41 10.67
CA GLU B 13 16.49 -27.60 10.38
C GLU B 13 16.86 -29.07 10.26
N THR B 14 16.38 -29.89 11.19
CA THR B 14 16.74 -31.30 11.18
C THR B 14 16.28 -32.01 9.91
N LYS B 15 15.03 -31.74 9.49
CA LYS B 15 14.49 -32.34 8.26
C LYS B 15 15.26 -31.86 7.01
N MET B 16 15.53 -30.57 6.94
CA MET B 16 16.24 -30.01 5.76
C MET B 16 17.73 -30.41 5.71
N SER B 17 18.30 -30.83 6.83
CA SER B 17 19.68 -31.28 6.86
CA SER B 17 19.69 -31.28 6.87
C SER B 17 19.82 -32.73 6.43
N ASN B 18 18.70 -33.44 6.38
CA ASN B 18 18.71 -34.81 5.91
C ASN B 18 18.69 -34.77 4.38
N ALA B 19 19.81 -35.11 3.75
CA ALA B 19 19.93 -34.95 2.30
C ALA B 19 18.81 -35.68 1.53
N THR B 20 18.41 -36.82 2.07
CA THR B 20 17.37 -37.64 1.44
C THR B 20 16.01 -36.96 1.54
N LEU B 21 15.66 -36.49 2.73
CA LEU B 21 14.36 -35.87 2.89
C LEU B 21 14.31 -34.54 2.14
N ALA B 22 15.42 -33.80 2.19
CA ALA B 22 15.52 -32.57 1.44
C ALA B 22 15.30 -32.82 -0.05
N SER B 23 15.93 -33.86 -0.61
CA SER B 23 15.77 -34.12 -2.04
C SER B 23 14.33 -34.43 -2.45
N TYR B 24 13.57 -35.15 -1.60
CA TYR B 24 12.16 -35.43 -1.90
C TYR B 24 11.29 -34.17 -1.77
N ILE B 25 11.59 -33.36 -0.76
CA ILE B 25 10.88 -32.12 -0.59
C ILE B 25 11.14 -31.15 -1.73
N VAL B 26 12.39 -31.09 -2.18
CA VAL B 26 12.71 -30.28 -3.34
C VAL B 26 11.93 -30.78 -4.55
N ARG B 27 11.96 -32.10 -4.78
CA ARG B 27 11.27 -32.64 -5.95
C ARG B 27 9.78 -32.31 -5.92
N ILE B 28 9.18 -32.42 -4.75
CA ILE B 28 7.76 -32.07 -4.58
C ILE B 28 7.51 -30.60 -4.88
N VAL B 29 8.32 -29.73 -4.31
CA VAL B 29 8.12 -28.28 -4.47
C VAL B 29 8.26 -27.86 -5.92
N ARG B 30 9.20 -28.51 -6.62
CA ARG B 30 9.46 -28.10 -8.00
CA ARG B 30 9.49 -28.18 -8.03
C ARG B 30 8.32 -28.44 -8.98
N ARG B 31 7.30 -29.18 -8.51
CA ARG B 31 6.14 -29.44 -9.34
C ARG B 31 5.30 -28.17 -9.54
N TYR B 32 5.50 -27.20 -8.65
CA TYR B 32 4.52 -26.14 -8.50
C TYR B 32 5.01 -24.75 -8.87
N ASP B 33 4.12 -23.94 -9.44
CA ASP B 33 4.36 -22.50 -9.66
C ASP B 33 4.12 -21.67 -8.39
N ILE B 34 3.18 -22.12 -7.56
CA ILE B 34 3.01 -21.56 -6.21
C ILE B 34 2.77 -22.73 -5.28
N VAL B 35 3.49 -22.80 -4.15
CA VAL B 35 3.18 -23.81 -3.15
C VAL B 35 3.21 -23.16 -1.78
N LEU B 36 2.20 -23.44 -0.99
CA LEU B 36 2.15 -23.03 0.41
C LEU B 36 2.69 -24.16 1.28
N ILE B 37 3.71 -23.89 2.10
CA ILE B 37 4.20 -24.89 3.03
C ILE B 37 3.81 -24.51 4.45
N GLN B 38 3.27 -25.48 5.20
CA GLN B 38 2.77 -25.19 6.55
C GLN B 38 3.55 -26.05 7.52
N GLU B 39 3.42 -25.75 8.79
CA GLU B 39 4.18 -26.45 9.85
C GLU B 39 5.68 -26.17 9.81
N VAL B 40 6.00 -24.96 9.35
CA VAL B 40 7.39 -24.48 9.33
C VAL B 40 7.76 -24.13 10.77
N ARG B 41 8.56 -24.98 11.39
CA ARG B 41 9.09 -24.76 12.74
C ARG B 41 10.60 -24.52 12.60
N ASP B 42 10.97 -23.26 12.47
CA ASP B 42 12.28 -22.89 11.95
C ASP B 42 12.59 -21.56 12.59
N SER B 43 13.16 -21.61 13.79
CA SER B 43 13.29 -20.43 14.62
C SER B 43 14.05 -19.26 13.97
N HIS B 44 15.01 -19.56 13.09
CA HIS B 44 15.90 -18.55 12.52
C HIS B 44 15.91 -18.56 11.00
N LEU B 45 14.87 -19.18 10.42
CA LEU B 45 14.69 -19.26 8.95
C LEU B 45 15.81 -20.06 8.28
N VAL B 46 16.47 -20.90 9.05
CA VAL B 46 17.57 -21.62 8.48
C VAL B 46 17.10 -22.69 7.51
N ALA B 47 16.04 -23.44 7.87
CA ALA B 47 15.50 -24.47 6.99
C ALA B 47 14.89 -23.87 5.72
N VAL B 48 14.19 -22.74 5.86
CA VAL B 48 13.64 -22.03 4.72
C VAL B 48 14.78 -21.62 3.76
N GLY B 49 15.85 -21.06 4.33
CA GLY B 49 16.99 -20.58 3.54
C GLY B 49 17.65 -21.74 2.84
N LYS B 50 17.72 -22.89 3.52
CA LYS B 50 18.30 -24.08 2.88
C LYS B 50 17.45 -24.59 1.74
N LEU B 51 16.12 -24.57 1.88
CA LEU B 51 15.25 -24.99 0.79
C LEU B 51 15.40 -24.06 -0.40
N LEU B 52 15.37 -22.76 -0.15
CA LEU B 52 15.65 -21.79 -1.20
C LEU B 52 17.02 -22.00 -1.85
N ASP B 53 18.03 -22.34 -1.03
CA ASP B 53 19.37 -22.54 -1.58
C ASP B 53 19.32 -23.66 -2.62
N TYR B 54 18.67 -24.78 -2.30
CA TYR B 54 18.50 -25.87 -3.27
C TYR B 54 17.68 -25.48 -4.51
N LEU B 55 16.58 -24.80 -4.30
CA LEU B 55 15.70 -24.47 -5.41
C LEU B 55 16.35 -23.50 -6.38
N ASN B 56 17.21 -22.63 -5.84
CA ASN B 56 17.84 -21.53 -6.61
C ASN B 56 19.30 -21.74 -6.95
N GLN B 57 19.80 -22.96 -6.79
CA GLN B 57 21.22 -23.17 -6.93
C GLN B 57 21.68 -22.94 -8.38
N ASP B 58 20.82 -23.22 -9.34
CA ASP B 58 21.18 -22.97 -10.71
C ASP B 58 20.83 -21.53 -11.10
N ASP B 59 19.54 -21.25 -11.26
CA ASP B 59 19.04 -19.90 -11.49
C ASP B 59 18.59 -19.21 -10.16
N PRO B 60 19.17 -18.03 -9.83
CA PRO B 60 18.92 -17.43 -8.49
C PRO B 60 17.49 -16.97 -8.28
N ASN B 61 16.74 -16.85 -9.38
CA ASN B 61 15.35 -16.41 -9.37
C ASN B 61 14.36 -17.50 -9.76
N THR B 62 14.73 -18.76 -9.54
CA THR B 62 13.80 -19.85 -9.82
C THR B 62 12.57 -19.70 -8.94
N TYR B 63 12.82 -19.54 -7.63
CA TYR B 63 11.74 -19.34 -6.64
C TYR B 63 12.00 -18.12 -5.76
N HIS B 64 10.95 -17.36 -5.49
CA HIS B 64 10.96 -16.29 -4.52
C HIS B 64 10.04 -16.69 -3.38
N TYR B 65 10.05 -15.96 -2.27
CA TYR B 65 9.32 -16.46 -1.08
C TYR B 65 8.49 -15.32 -0.52
N VAL B 66 7.41 -15.70 0.16
CA VAL B 66 6.70 -14.88 1.13
C VAL B 66 6.66 -15.76 2.39
N VAL B 67 7.15 -15.24 3.53
CA VAL B 67 7.16 -16.05 4.79
C VAL B 67 6.66 -15.22 5.95
N SER B 68 5.95 -15.86 6.89
CA SER B 68 5.41 -15.17 8.04
C SER B 68 6.39 -15.26 9.19
N GLU B 69 6.13 -14.49 10.23
CA GLU B 69 6.76 -14.65 11.53
C GLU B 69 6.21 -15.93 12.16
N PRO B 70 6.81 -16.42 13.25
CA PRO B 70 6.17 -17.55 13.96
C PRO B 70 4.80 -17.20 14.57
N LEU B 71 3.79 -18.04 14.31
CA LEU B 71 2.41 -17.81 14.75
C LEU B 71 1.92 -18.95 15.66
N GLY B 72 1.18 -18.60 16.70
CA GLY B 72 0.48 -19.57 17.51
C GLY B 72 -0.01 -18.84 18.75
N ARG B 73 -1.02 -19.36 19.45
CA ARG B 73 -1.52 -18.64 20.64
C ARG B 73 -0.66 -18.80 21.91
N ASN B 74 0.09 -19.90 21.98
CA ASN B 74 1.05 -20.11 23.08
CA ASN B 74 1.05 -20.07 23.09
C ASN B 74 2.45 -20.30 22.53
N SER B 75 3.34 -20.89 23.32
CA SER B 75 4.73 -21.01 22.89
C SER B 75 4.97 -21.86 21.66
N TYR B 76 4.03 -22.72 21.30
CA TYR B 76 4.20 -23.53 20.09
C TYR B 76 3.86 -22.75 18.82
N LYS B 77 4.87 -22.46 18.01
CA LYS B 77 4.68 -21.56 16.85
C LYS B 77 5.08 -22.16 15.53
N GLU B 78 4.38 -21.76 14.44
CA GLU B 78 4.69 -22.25 13.10
C GLU B 78 4.65 -21.08 12.17
N ARG B 79 5.37 -21.14 11.04
CA ARG B 79 5.21 -20.14 10.01
C ARG B 79 4.45 -20.69 8.79
N TYR B 80 3.86 -19.78 8.01
CA TYR B 80 3.42 -20.07 6.66
C TYR B 80 4.51 -19.62 5.70
N LEU B 81 4.79 -20.44 4.69
CA LEU B 81 5.77 -20.11 3.68
C LEU B 81 5.20 -20.32 2.28
N PHE B 82 5.23 -19.28 1.43
CA PHE B 82 4.86 -19.44 0.02
C PHE B 82 6.14 -19.44 -0.75
N LEU B 83 6.30 -20.40 -1.65
CA LEU B 83 7.32 -20.35 -2.64
C LEU B 83 6.66 -20.16 -4.00
N PHE B 84 7.15 -19.25 -4.81
CA PHE B 84 6.52 -19.09 -6.10
C PHE B 84 7.54 -18.78 -7.18
N ARG B 85 7.21 -19.17 -8.42
CA ARG B 85 8.10 -18.93 -9.57
C ARG B 85 7.77 -17.56 -10.18
N PRO B 86 8.70 -16.59 -10.05
CA PRO B 86 8.41 -15.18 -10.35
C PRO B 86 8.24 -14.93 -11.83
N ASN B 87 8.70 -15.89 -12.64
CA ASN B 87 8.47 -15.78 -14.08
C ASN B 87 7.05 -16.19 -14.49
N LYS B 88 6.35 -16.86 -13.57
CA LYS B 88 4.97 -17.33 -13.77
C LYS B 88 3.96 -16.37 -13.13
N VAL B 89 4.24 -15.94 -11.90
CA VAL B 89 3.36 -15.04 -11.14
C VAL B 89 4.20 -14.04 -10.40
N SER B 90 3.59 -12.91 -10.05
CA SER B 90 4.27 -11.88 -9.26
CA SER B 90 4.30 -11.90 -9.27
C SER B 90 3.43 -11.56 -8.07
N VAL B 91 4.07 -11.26 -6.95
CA VAL B 91 3.35 -10.92 -5.74
C VAL B 91 3.07 -9.43 -5.83
N LEU B 92 1.80 -9.07 -5.67
CA LEU B 92 1.44 -7.65 -5.70
C LEU B 92 1.30 -7.00 -4.32
N ASP B 93 1.05 -7.82 -3.30
CA ASP B 93 0.83 -7.32 -1.95
C ASP B 93 0.59 -8.54 -1.07
N THR B 94 0.85 -8.38 0.23
CA THR B 94 0.64 -9.44 1.21
C THR B 94 0.15 -8.78 2.48
N TYR B 95 -0.56 -9.53 3.30
CA TYR B 95 -0.81 -9.11 4.65
C TYR B 95 -1.22 -10.30 5.49
N GLN B 96 -1.29 -10.08 6.78
CA GLN B 96 -1.63 -11.14 7.68
C GLN B 96 -2.94 -10.70 8.26
N TYR B 97 -3.93 -11.57 8.19
CA TYR B 97 -5.23 -11.23 8.78
C TYR B 97 -5.06 -10.89 10.26
N ASP B 98 -5.67 -9.79 10.73
CA ASP B 98 -5.45 -9.37 12.11
C ASP B 98 -6.74 -8.96 12.83
N ASP B 99 -7.86 -9.05 12.14
CA ASP B 99 -9.18 -8.74 12.73
C ASP B 99 -9.25 -7.46 13.61
N GLY B 100 -8.50 -6.43 13.25
CA GLY B 100 -8.73 -5.11 13.84
C GLY B 100 -7.91 -4.69 15.06
N CYS B 101 -7.09 -5.57 15.61
CA CYS B 101 -6.14 -5.16 16.63
C CYS B 101 -4.88 -6.00 16.48
N GLU B 102 -3.77 -5.55 17.04
CA GLU B 102 -2.51 -6.24 16.78
C GLU B 102 -2.45 -7.68 17.33
N SER B 103 -3.41 -8.01 18.20
CA SER B 103 -3.46 -9.32 18.84
C SER B 103 -4.72 -10.07 18.46
N CYS B 104 -5.70 -9.36 17.90
CA CYS B 104 -7.04 -9.92 17.71
C CYS B 104 -7.14 -11.01 16.67
N GLY B 105 -6.15 -11.08 15.79
CA GLY B 105 -6.06 -12.19 14.85
C GLY B 105 -6.11 -13.51 15.60
N ASN B 106 -5.42 -13.58 16.73
CA ASN B 106 -5.41 -14.78 17.56
C ASN B 106 -6.73 -15.11 18.26
N ASP B 107 -7.64 -14.13 18.32
CA ASP B 107 -8.99 -14.39 18.81
C ASP B 107 -9.73 -15.37 17.92
N SER B 108 -9.48 -15.36 16.61
CA SER B 108 -10.21 -16.33 15.80
C SER B 108 -9.38 -17.41 15.15
N PHE B 109 -8.06 -17.22 15.07
CA PHE B 109 -7.20 -18.25 14.53
C PHE B 109 -5.98 -18.46 15.40
N SER B 110 -5.57 -19.70 15.61
CA SER B 110 -4.33 -19.96 16.30
C SER B 110 -3.15 -19.45 15.48
N ARG B 111 -3.21 -19.64 14.14
CA ARG B 111 -2.18 -19.17 13.20
C ARG B 111 -2.85 -18.27 12.15
N GLU B 112 -2.84 -16.95 12.41
CA GLU B 112 -3.55 -15.98 11.58
C GLU B 112 -3.20 -16.14 10.12
N PRO B 113 -4.22 -16.32 9.27
CA PRO B 113 -3.93 -16.54 7.85
C PRO B 113 -2.96 -15.52 7.25
N ALA B 114 -2.05 -16.02 6.42
CA ALA B 114 -1.29 -15.16 5.50
C ALA B 114 -2.11 -15.01 4.23
N VAL B 115 -2.13 -13.82 3.65
CA VAL B 115 -2.92 -13.57 2.45
C VAL B 115 -2.01 -12.93 1.42
N VAL B 116 -1.86 -13.56 0.25
CA VAL B 116 -0.99 -13.03 -0.81
C VAL B 116 -1.77 -12.73 -2.09
N LYS B 117 -1.58 -11.52 -2.66
CA LYS B 117 -2.21 -11.19 -3.93
C LYS B 117 -1.23 -11.43 -5.06
N PHE B 118 -1.61 -12.24 -6.04
CA PHE B 118 -0.77 -12.53 -7.20
C PHE B 118 -1.30 -11.92 -8.50
N SER B 119 -0.38 -11.43 -9.32
CA SER B 119 -0.67 -11.24 -10.72
C SER B 119 -0.27 -12.48 -11.50
N SER B 120 -1.19 -12.98 -12.31
CA SER B 120 -0.92 -14.21 -13.01
C SER B 120 -1.32 -14.06 -14.48
N HIS B 121 -0.38 -13.68 -15.32
CA HIS B 121 -0.72 -13.32 -16.71
C HIS B 121 -0.93 -14.50 -17.68
N SER B 122 -0.60 -15.73 -17.26
CA SER B 122 -0.77 -16.90 -18.15
C SER B 122 -2.14 -17.60 -18.01
N THR B 123 -2.80 -17.29 -16.77
CA THR B 123 -4.10 -18.00 -16.52
C THR B 123 -5.30 -17.10 -17.05
N LYS B 124 -6.53 -17.61 -16.99
CA LYS B 124 -7.71 -16.77 -17.42
C LYS B 124 -7.90 -15.66 -16.39
N VAL B 125 -7.74 -16.05 -15.12
CA VAL B 125 -7.78 -15.12 -14.01
C VAL B 125 -6.44 -14.38 -14.05
N LYS B 126 -6.49 -13.05 -14.07
CA LYS B 126 -5.29 -12.24 -14.16
C LYS B 126 -4.73 -11.84 -12.80
N GLU B 127 -5.61 -11.66 -11.80
CA GLU B 127 -5.19 -11.38 -10.42
C GLU B 127 -6.06 -12.20 -9.47
N PHE B 128 -5.42 -12.81 -8.47
CA PHE B 128 -6.18 -13.60 -7.50
C PHE B 128 -5.42 -13.66 -6.19
N ALA B 129 -6.13 -13.89 -5.08
CA ALA B 129 -5.46 -13.94 -3.79
C ALA B 129 -5.49 -15.36 -3.28
N ILE B 130 -4.50 -15.75 -2.47
CA ILE B 130 -4.53 -17.04 -1.79
C ILE B 130 -4.49 -16.74 -0.31
N VAL B 131 -5.36 -17.41 0.43
CA VAL B 131 -5.41 -17.29 1.87
C VAL B 131 -4.97 -18.67 2.40
N ALA B 132 -3.93 -18.67 3.21
CA ALA B 132 -3.38 -19.87 3.82
C ALA B 132 -3.97 -20.09 5.23
N LEU B 133 -4.33 -21.33 5.57
CA LEU B 133 -4.73 -21.62 6.96
C LEU B 133 -4.30 -23.01 7.32
N HIS B 134 -3.51 -23.14 8.38
CA HIS B 134 -3.33 -24.46 9.04
C HIS B 134 -4.14 -24.38 10.31
N SER B 135 -5.29 -25.06 10.35
CA SER B 135 -6.19 -24.78 11.49
C SER B 135 -5.75 -25.55 12.71
N ALA B 136 -6.14 -25.07 13.90
CA ALA B 136 -6.04 -25.86 15.11
C ALA B 136 -7.09 -26.97 15.07
N PRO B 137 -6.66 -28.22 15.14
CA PRO B 137 -7.59 -29.35 15.07
C PRO B 137 -8.82 -29.20 15.98
N SER B 138 -8.59 -28.88 17.24
CA SER B 138 -9.70 -28.77 18.18
C SER B 138 -10.60 -27.55 17.97
N ASP B 139 -10.21 -26.61 17.09
CA ASP B 139 -11.08 -25.46 16.73
C ASP B 139 -11.44 -25.44 15.26
N ALA B 140 -11.40 -26.60 14.60
CA ALA B 140 -11.45 -26.58 13.14
C ALA B 140 -12.76 -25.96 12.61
N VAL B 141 -13.90 -26.33 13.18
CA VAL B 141 -15.17 -25.86 12.69
C VAL B 141 -15.20 -24.33 12.75
N ALA B 142 -14.80 -23.79 13.89
CA ALA B 142 -14.88 -22.35 14.08
C ALA B 142 -13.87 -21.63 13.16
N GLU B 143 -12.70 -22.20 12.97
CA GLU B 143 -11.68 -21.53 12.16
C GLU B 143 -12.03 -21.59 10.69
N ILE B 144 -12.50 -22.75 10.22
CA ILE B 144 -12.92 -22.81 8.82
C ILE B 144 -14.10 -21.84 8.64
N ASN B 145 -15.03 -21.80 9.57
CA ASN B 145 -16.10 -20.80 9.49
C ASN B 145 -15.54 -19.37 9.40
N SER B 146 -14.52 -19.08 10.21
CA SER B 146 -13.94 -17.70 10.21
C SER B 146 -13.24 -17.28 8.93
N LEU B 147 -12.75 -18.25 8.14
CA LEU B 147 -12.29 -17.98 6.79
C LEU B 147 -13.33 -17.23 5.94
N TYR B 148 -14.62 -17.40 6.22
CA TYR B 148 -15.62 -16.63 5.50
C TYR B 148 -15.45 -15.13 5.74
N ASP B 149 -15.13 -14.77 6.98
CA ASP B 149 -14.84 -13.39 7.37
C ASP B 149 -13.52 -12.90 6.76
N VAL B 150 -12.50 -13.77 6.71
CA VAL B 150 -11.28 -13.44 5.97
C VAL B 150 -11.57 -13.12 4.48
N TYR B 151 -12.42 -13.93 3.86
CA TYR B 151 -12.80 -13.69 2.50
C TYR B 151 -13.46 -12.31 2.37
N LEU B 152 -14.34 -12.01 3.30
CA LEU B 152 -14.98 -10.67 3.25
C LEU B 152 -13.94 -9.57 3.35
N ASP B 153 -12.93 -9.80 4.19
CA ASP B 153 -11.84 -8.83 4.43
C ASP B 153 -11.03 -8.59 3.16
N VAL B 154 -10.67 -9.67 2.48
CA VAL B 154 -10.02 -9.54 1.19
C VAL B 154 -10.83 -8.68 0.20
N GLN B 155 -12.11 -9.02 0.01
CA GLN B 155 -13.00 -8.27 -0.89
C GLN B 155 -12.94 -6.78 -0.61
N GLN B 156 -13.11 -6.42 0.65
CA GLN B 156 -13.08 -5.02 1.07
C GLN B 156 -11.70 -4.39 0.92
N LYS B 157 -10.66 -5.09 1.37
CA LYS B 157 -9.29 -4.55 1.28
C LYS B 157 -8.82 -4.39 -0.17
N TRP B 158 -9.00 -5.43 -0.98
CA TRP B 158 -8.43 -5.43 -2.33
C TRP B 158 -9.45 -5.34 -3.48
N HIS B 159 -10.75 -5.26 -3.16
CA HIS B 159 -11.81 -5.18 -4.18
C HIS B 159 -11.74 -6.31 -5.18
N LEU B 160 -11.67 -7.53 -4.68
CA LEU B 160 -11.31 -8.67 -5.50
C LEU B 160 -12.12 -9.86 -5.03
N ASN B 161 -12.83 -10.50 -5.95
CA ASN B 161 -13.66 -11.66 -5.60
C ASN B 161 -12.97 -13.00 -5.87
N ASP B 162 -11.84 -12.94 -6.57
CA ASP B 162 -11.14 -14.18 -6.95
C ASP B 162 -10.13 -14.56 -5.88
N VAL B 163 -10.51 -15.55 -5.07
CA VAL B 163 -9.71 -15.91 -3.91
C VAL B 163 -9.70 -17.43 -3.79
N MET B 164 -8.52 -17.99 -3.59
CA MET B 164 -8.36 -19.39 -3.27
C MET B 164 -8.01 -19.45 -1.78
N LEU B 165 -8.62 -20.38 -1.04
CA LEU B 165 -8.31 -20.51 0.37
C LEU B 165 -7.87 -21.95 0.54
N MET B 166 -6.73 -22.19 1.18
CA MET B 166 -6.22 -23.53 1.13
C MET B 166 -5.32 -23.82 2.30
N GLY B 167 -5.15 -25.10 2.57
CA GLY B 167 -4.23 -25.52 3.63
C GLY B 167 -4.78 -26.73 4.35
N ASP B 168 -4.10 -27.06 5.44
CA ASP B 168 -4.54 -28.13 6.31
C ASP B 168 -5.60 -27.58 7.22
N PHE B 169 -6.86 -27.73 6.78
CA PHE B 169 -7.99 -27.19 7.55
C PHE B 169 -8.46 -28.19 8.63
N ASN B 170 -7.80 -29.35 8.71
CA ASN B 170 -8.27 -30.45 9.57
C ASN B 170 -9.77 -30.75 9.34
N ALA B 171 -10.21 -30.68 8.08
CA ALA B 171 -11.66 -30.60 7.77
C ALA B 171 -12.33 -31.97 7.55
N ASP B 172 -12.16 -32.88 8.51
CA ASP B 172 -12.81 -34.18 8.36
C ASP B 172 -12.72 -34.95 9.65
N CYS B 173 -13.27 -36.16 9.64
CA CYS B 173 -13.00 -37.12 10.71
C CYS B 173 -13.49 -36.57 12.07
N SER B 174 -12.68 -36.65 13.12
CA SER B 174 -13.24 -36.25 14.41
C SER B 174 -13.29 -34.74 14.58
N TYR B 175 -12.61 -34.01 13.70
CA TYR B 175 -12.48 -32.56 13.88
C TYR B 175 -13.59 -31.77 13.17
N VAL B 176 -14.11 -32.30 12.07
CA VAL B 176 -15.32 -31.72 11.49
C VAL B 176 -16.19 -32.88 11.06
N THR B 177 -17.32 -33.08 11.72
CA THR B 177 -18.15 -34.24 11.38
C THR B 177 -19.20 -33.82 10.33
N SER B 178 -19.91 -34.78 9.75
CA SER B 178 -20.80 -34.45 8.65
C SER B 178 -21.82 -33.45 9.08
N SER B 179 -22.34 -33.58 10.30
CA SER B 179 -23.37 -32.67 10.76
C SER B 179 -22.88 -31.24 10.98
N GLN B 180 -21.58 -31.05 11.08
CA GLN B 180 -21.00 -29.73 11.36
C GLN B 180 -20.81 -28.88 10.13
N TRP B 181 -20.86 -29.49 8.95
CA TRP B 181 -20.63 -28.70 7.76
C TRP B 181 -21.63 -27.55 7.63
N SER B 182 -22.84 -27.73 8.16
CA SER B 182 -23.86 -26.73 8.00
C SER B 182 -23.58 -25.52 8.89
N SER B 183 -22.61 -25.65 9.80
CA SER B 183 -22.21 -24.54 10.66
CA SER B 183 -22.27 -24.52 10.64
C SER B 183 -21.10 -23.71 10.04
N ILE B 184 -20.58 -24.16 8.90
CA ILE B 184 -19.42 -23.50 8.28
C ILE B 184 -19.85 -22.71 7.07
N ARG B 185 -19.79 -21.39 7.17
CA ARG B 185 -20.28 -20.49 6.10
C ARG B 185 -19.47 -20.63 4.85
N LEU B 186 -18.20 -20.98 4.97
CA LEU B 186 -17.34 -21.20 3.81
C LEU B 186 -17.83 -22.39 2.97
N ARG B 187 -18.60 -23.28 3.60
CA ARG B 187 -19.16 -24.44 2.91
C ARG B 187 -20.58 -24.17 2.46
N THR B 188 -21.39 -23.51 3.29
CA THR B 188 -22.83 -23.39 2.95
C THR B 188 -23.11 -22.28 1.91
N SER B 189 -22.19 -21.32 1.84
CA SER B 189 -22.30 -20.21 0.90
C SER B 189 -22.01 -20.69 -0.52
N SER B 190 -22.92 -20.41 -1.44
CA SER B 190 -22.72 -20.89 -2.81
C SER B 190 -21.61 -20.12 -3.54
N THR B 191 -21.06 -19.10 -2.89
CA THR B 191 -19.90 -18.36 -3.40
C THR B 191 -18.65 -19.22 -3.62
N PHE B 192 -18.56 -20.32 -2.88
CA PHE B 192 -17.32 -21.13 -2.80
C PHE B 192 -17.47 -22.52 -3.44
N GLN B 193 -16.45 -22.96 -4.18
CA GLN B 193 -16.41 -24.31 -4.70
C GLN B 193 -15.32 -25.02 -3.93
N TRP B 194 -15.63 -26.18 -3.40
CA TRP B 194 -14.64 -26.96 -2.68
C TRP B 194 -14.05 -27.96 -3.66
N LEU B 195 -12.80 -27.77 -4.05
CA LEU B 195 -12.20 -28.57 -5.11
C LEU B 195 -11.72 -29.91 -4.59
N ILE B 196 -11.27 -29.96 -3.34
CA ILE B 196 -10.93 -31.26 -2.69
C ILE B 196 -12.18 -31.74 -1.93
N PRO B 197 -12.76 -32.86 -2.36
CA PRO B 197 -14.01 -33.34 -1.78
C PRO B 197 -13.84 -34.10 -0.47
N ASP B 198 -14.94 -34.30 0.24
CA ASP B 198 -14.88 -34.93 1.56
C ASP B 198 -14.41 -36.34 1.46
N SER B 199 -14.49 -36.91 0.26
CA SER B 199 -14.10 -38.31 0.05
C SER B 199 -12.58 -38.47 -0.10
N ALA B 200 -11.86 -37.37 -0.34
CA ALA B 200 -10.40 -37.44 -0.55
C ALA B 200 -9.55 -37.83 0.68
N ASP B 201 -8.49 -38.62 0.43
CA ASP B 201 -7.55 -38.96 1.50
C ASP B 201 -6.36 -38.02 1.34
N THR B 202 -6.20 -37.09 2.27
CA THR B 202 -5.02 -36.25 2.20
C THR B 202 -3.97 -36.53 3.27
N THR B 203 -4.10 -37.66 3.97
CA THR B 203 -3.07 -38.11 4.95
C THR B 203 -2.14 -39.17 4.41
N ALA B 204 -0.84 -39.03 4.69
CA ALA B 204 0.13 -40.08 4.34
C ALA B 204 0.03 -41.20 5.32
N THR B 205 -0.63 -40.96 6.44
CA THR B 205 -0.84 -42.02 7.44
C THR B 205 -2.05 -42.92 7.10
N SER B 206 -2.31 -43.91 7.95
CA SER B 206 -3.41 -44.87 7.72
C SER B 206 -4.83 -44.31 7.97
N THR B 207 -4.94 -43.08 8.42
CA THR B 207 -6.29 -42.50 8.46
C THR B 207 -6.77 -42.19 7.04
N ASN B 208 -8.09 -42.18 6.86
CA ASN B 208 -8.70 -41.76 5.61
C ASN B 208 -9.44 -40.47 5.90
N CYS B 209 -8.75 -39.36 5.70
CA CYS B 209 -9.31 -38.04 6.06
C CYS B 209 -9.00 -36.96 5.06
N ALA B 210 -10.02 -36.18 4.71
CA ALA B 210 -9.86 -35.04 3.79
C ALA B 210 -9.51 -33.81 4.66
N TYR B 211 -8.35 -33.82 5.29
CA TYR B 211 -7.98 -32.70 6.17
C TYR B 211 -7.57 -31.46 5.40
N ASP B 212 -6.88 -31.65 4.29
CA ASP B 212 -6.32 -30.56 3.52
C ASP B 212 -7.27 -30.20 2.37
N ARG B 213 -7.44 -28.91 2.11
CA ARG B 213 -8.51 -28.46 1.22
C ARG B 213 -8.06 -27.31 0.32
N ILE B 214 -8.75 -27.15 -0.80
CA ILE B 214 -8.59 -25.99 -1.73
C ILE B 214 -10.01 -25.55 -2.03
N VAL B 215 -10.31 -24.29 -1.74
CA VAL B 215 -11.64 -23.70 -1.93
C VAL B 215 -11.46 -22.50 -2.82
N VAL B 216 -12.26 -22.39 -3.89
CA VAL B 216 -12.14 -21.24 -4.79
C VAL B 216 -13.40 -20.40 -4.86
N ALA B 217 -13.22 -19.10 -4.77
CA ALA B 217 -14.32 -18.16 -4.94
C ALA B 217 -14.05 -17.24 -6.14
N GLY B 218 -15.11 -16.74 -6.77
CA GLY B 218 -14.91 -15.78 -7.86
C GLY B 218 -14.99 -16.52 -9.17
N SER B 219 -15.77 -16.00 -10.11
CA SER B 219 -16.11 -16.84 -11.24
C SER B 219 -14.96 -16.98 -12.23
N LEU B 220 -14.19 -15.91 -12.44
CA LEU B 220 -12.98 -15.98 -13.27
C LEU B 220 -12.07 -17.11 -12.76
N LEU B 221 -11.81 -17.09 -11.47
CA LEU B 221 -10.92 -18.09 -10.87
C LEU B 221 -11.56 -19.47 -10.99
N GLN B 222 -12.85 -19.56 -10.70
CA GLN B 222 -13.54 -20.81 -10.83
C GLN B 222 -13.46 -21.28 -12.27
N SER B 223 -13.66 -20.37 -13.24
CA SER B 223 -13.54 -20.76 -14.64
C SER B 223 -12.11 -21.13 -15.03
N SER B 224 -11.11 -20.74 -14.23
CA SER B 224 -9.71 -21.03 -14.59
C SER B 224 -9.25 -22.43 -14.19
N VAL B 225 -9.94 -23.04 -13.22
CA VAL B 225 -9.57 -24.34 -12.72
C VAL B 225 -9.70 -25.39 -13.82
N VAL B 226 -8.67 -26.23 -14.01
CA VAL B 226 -8.77 -27.36 -14.92
C VAL B 226 -9.61 -28.48 -14.30
N PRO B 227 -10.76 -28.82 -14.93
CA PRO B 227 -11.63 -29.83 -14.30
C PRO B 227 -10.89 -31.13 -14.01
N GLY B 228 -11.11 -31.67 -12.81
CA GLY B 228 -10.44 -32.90 -12.35
C GLY B 228 -9.00 -32.75 -11.89
N SER B 229 -8.44 -31.55 -12.05
CA SER B 229 -7.04 -31.29 -11.72
C SER B 229 -6.79 -31.25 -10.22
N ALA B 230 -7.81 -30.91 -9.43
CA ALA B 230 -7.64 -30.74 -7.99
C ALA B 230 -7.62 -32.10 -7.30
N ALA B 231 -6.52 -32.45 -6.66
CA ALA B 231 -6.44 -33.72 -5.92
C ALA B 231 -5.23 -33.74 -4.96
N PRO B 232 -5.21 -34.71 -4.02
CA PRO B 232 -4.04 -34.88 -3.21
C PRO B 232 -2.95 -35.41 -4.10
N PHE B 233 -1.70 -35.16 -3.75
CA PHE B 233 -0.59 -35.72 -4.49
C PHE B 233 0.01 -36.83 -3.63
N ASP B 234 -0.33 -38.07 -3.92
CA ASP B 234 0.19 -39.20 -3.14
C ASP B 234 1.65 -39.45 -3.51
N PHE B 235 2.56 -38.81 -2.77
CA PHE B 235 3.98 -38.94 -3.07
C PHE B 235 4.60 -40.30 -2.71
N GLN B 236 3.94 -41.08 -1.86
CA GLN B 236 4.41 -42.43 -1.62
C GLN B 236 4.26 -43.23 -2.92
N ALA B 237 3.08 -43.15 -3.56
CA ALA B 237 2.87 -43.83 -4.83
C ALA B 237 3.73 -43.23 -5.94
N ALA B 238 3.68 -41.91 -6.09
CA ALA B 238 4.44 -41.22 -7.13
C ALA B 238 5.91 -41.63 -7.17
N TYR B 239 6.53 -41.74 -6.00
CA TYR B 239 7.97 -41.96 -5.93
C TYR B 239 8.31 -43.38 -5.51
N GLY B 240 7.28 -44.22 -5.43
CA GLY B 240 7.49 -45.64 -5.14
C GLY B 240 8.22 -45.80 -3.83
N LEU B 241 7.75 -45.05 -2.83
CA LEU B 241 8.35 -45.03 -1.50
C LEU B 241 7.72 -46.07 -0.59
N SER B 242 8.47 -46.48 0.42
CA SER B 242 7.91 -47.28 1.50
C SER B 242 7.04 -46.35 2.33
N ASN B 243 6.16 -46.89 3.17
CA ASN B 243 5.33 -46.00 3.98
C ASN B 243 6.17 -45.27 5.00
N GLU B 244 7.18 -45.93 5.53
CA GLU B 244 8.08 -45.29 6.50
C GLU B 244 8.84 -44.12 5.90
N MET B 245 9.37 -44.28 4.69
CA MET B 245 10.05 -43.12 4.07
C MET B 245 9.02 -42.02 3.80
N ALA B 246 7.83 -42.40 3.36
CA ALA B 246 6.76 -41.42 3.16
C ALA B 246 6.45 -40.61 4.42
N LEU B 247 6.36 -41.27 5.56
CA LEU B 247 5.97 -40.59 6.81
C LEU B 247 7.08 -39.67 7.29
N ALA B 248 8.31 -40.00 6.91
CA ALA B 248 9.46 -39.19 7.28
C ALA B 248 9.42 -37.87 6.54
N ILE B 249 8.78 -37.85 5.38
CA ILE B 249 8.66 -36.61 4.63
C ILE B 249 7.54 -35.82 5.29
N SER B 250 6.35 -36.41 5.43
CA SER B 250 5.25 -35.77 6.13
C SER B 250 4.15 -36.77 6.40
N ASP B 251 3.25 -36.42 7.33
CA ASP B 251 2.06 -37.23 7.57
C ASP B 251 0.88 -36.75 6.73
N HIS B 252 1.08 -35.71 5.92
CA HIS B 252 0.08 -35.24 4.94
C HIS B 252 0.60 -35.28 3.49
N TYR B 253 -0.33 -35.39 2.54
CA TYR B 253 -0.01 -35.20 1.12
C TYR B 253 -0.30 -33.76 0.79
N PRO B 254 0.45 -33.18 -0.17
CA PRO B 254 0.01 -31.91 -0.74
C PRO B 254 -1.35 -32.09 -1.35
N VAL B 255 -2.14 -31.01 -1.36
CA VAL B 255 -3.28 -30.96 -2.27
C VAL B 255 -2.95 -29.95 -3.37
N GLU B 256 -3.28 -30.28 -4.61
CA GLU B 256 -2.83 -29.44 -5.74
C GLU B 256 -4.00 -29.18 -6.67
N VAL B 257 -3.87 -28.19 -7.54
CA VAL B 257 -4.89 -27.86 -8.53
C VAL B 257 -4.16 -27.18 -9.69
N THR B 258 -4.69 -27.27 -10.90
CA THR B 258 -4.06 -26.60 -12.04
C THR B 258 -5.00 -25.52 -12.54
N LEU B 259 -4.44 -24.36 -12.88
CA LEU B 259 -5.22 -23.30 -13.53
C LEU B 259 -4.80 -23.13 -14.98
N THR B 260 -5.77 -22.88 -15.86
CA THR B 260 -5.46 -22.50 -17.24
C THR B 260 -5.89 -21.07 -17.54
N SER C 2 47.21 26.03 35.77
CA SER C 2 45.80 25.69 36.10
C SER C 2 44.95 25.56 34.84
N ASP C 3 45.42 24.79 33.87
CA ASP C 3 44.78 24.79 32.56
C ASP C 3 43.49 23.97 32.46
N ALA C 4 42.88 24.01 31.27
CA ALA C 4 41.64 23.30 31.00
C ALA C 4 41.78 21.79 31.14
N ARG C 5 42.96 21.24 30.86
CA ARG C 5 43.16 19.78 30.92
C ARG C 5 43.29 19.32 32.37
N SER C 6 44.04 20.08 33.15
CA SER C 6 44.07 19.86 34.59
C SER C 6 42.65 19.92 35.18
N ASP C 7 41.90 20.94 34.76
CA ASP C 7 40.50 21.06 35.13
C ASP C 7 39.68 19.83 34.72
N LEU C 8 39.88 19.35 33.49
CA LEU C 8 39.09 18.22 33.00
C LEU C 8 39.37 16.95 33.76
N LEU C 9 40.66 16.67 33.98
CA LEU C 9 41.06 15.46 34.71
C LEU C 9 40.47 15.48 36.14
N SER C 10 40.63 16.60 36.82
CA SER C 10 40.03 16.75 38.14
CA SER C 10 40.02 16.78 38.14
C SER C 10 38.52 16.48 38.12
N ALA C 11 37.81 17.01 37.13
CA ALA C 11 36.38 16.77 36.99
C ALA C 11 36.06 15.29 36.73
N ILE C 12 36.92 14.63 35.95
CA ILE C 12 36.70 13.21 35.71
C ILE C 12 36.77 12.48 37.05
N ARG C 13 37.73 12.89 37.87
CA ARG C 13 37.90 12.25 39.17
C ARG C 13 36.75 12.49 40.12
N GLN C 14 36.10 13.64 40.03
CA GLN C 14 35.01 13.95 40.96
C GLN C 14 33.69 13.24 40.60
N GLY C 15 33.53 12.88 39.34
CA GLY C 15 32.39 12.08 38.91
C GLY C 15 31.22 12.89 38.35
N PHE C 16 30.12 12.22 38.07
CA PHE C 16 28.96 12.88 37.50
C PHE C 16 27.68 12.14 37.90
N GLN C 17 26.64 12.89 38.21
CA GLN C 17 25.37 12.30 38.57
C GLN C 17 24.60 11.91 37.31
N LEU C 18 24.62 10.63 36.96
CA LEU C 18 23.99 10.14 35.73
C LEU C 18 22.50 9.90 36.01
N ARG C 19 21.63 10.13 35.00
CA ARG C 19 20.20 9.85 35.12
C ARG C 19 19.96 8.35 35.10
N ARG C 20 19.07 7.84 35.95
CA ARG C 20 18.74 6.42 35.90
C ARG C 20 18.03 6.04 34.59
N VAL C 21 18.47 4.95 33.99
CA VAL C 21 17.80 4.38 32.84
C VAL C 21 17.07 3.14 33.37
N GLU C 22 15.75 3.16 33.31
CA GLU C 22 14.95 2.08 33.85
C GLU C 22 14.99 0.85 32.93
N GLU C 23 14.72 -0.32 33.49
CA GLU C 23 14.81 -1.58 32.74
C GLU C 23 13.79 -1.64 31.61
N THR D 5 -33.37 7.58 13.21
CA THR D 5 -34.84 7.85 13.16
C THR D 5 -35.19 8.91 12.12
N THR D 6 -34.22 9.32 11.31
CA THR D 6 -34.53 10.23 10.21
C THR D 6 -34.70 9.40 8.94
N ALA D 7 -35.83 9.58 8.27
CA ALA D 7 -36.12 8.79 7.07
C ALA D 7 -35.35 9.32 5.89
N LEU D 8 -35.02 8.45 4.93
CA LEU D 8 -34.37 8.90 3.69
C LEU D 8 -35.40 8.90 2.58
N VAL D 9 -35.20 9.79 1.62
CA VAL D 9 -36.03 9.82 0.42
C VAL D 9 -35.12 9.65 -0.79
N CYS D 10 -35.35 8.59 -1.55
CA CYS D 10 -34.58 8.33 -2.74
C CYS D 10 -35.50 8.28 -3.98
N ASP D 11 -35.32 9.26 -4.87
CA ASP D 11 -36.14 9.36 -6.10
C ASP D 11 -35.27 9.02 -7.32
N ASN D 12 -35.38 7.79 -7.80
CA ASN D 12 -34.54 7.31 -8.89
C ASN D 12 -35.17 7.45 -10.24
N GLY D 13 -34.53 8.27 -11.06
CA GLY D 13 -35.07 8.53 -12.41
C GLY D 13 -34.16 7.97 -13.49
N SER D 14 -34.63 8.06 -14.73
CA SER D 14 -33.93 7.60 -15.92
C SER D 14 -32.57 8.29 -16.08
N GLY D 15 -32.52 9.57 -15.72
CA GLY D 15 -31.31 10.36 -15.90
C GLY D 15 -30.58 10.67 -14.62
N LEU D 16 -31.34 11.02 -13.58
CA LEU D 16 -30.77 11.52 -12.32
C LEU D 16 -31.35 10.82 -11.10
N VAL D 17 -30.50 10.55 -10.10
CA VAL D 17 -30.96 10.14 -8.78
C VAL D 17 -31.07 11.42 -7.96
N LYS D 18 -32.17 11.60 -7.25
CA LYS D 18 -32.36 12.72 -6.33
C LYS D 18 -32.54 12.04 -4.98
N ALA D 19 -31.62 12.28 -4.06
CA ALA D 19 -31.66 11.61 -2.77
C ALA D 19 -31.35 12.60 -1.64
N GLY D 20 -31.90 12.32 -0.45
CA GLY D 20 -31.72 13.21 0.68
C GLY D 20 -32.54 12.76 1.88
N PHE D 21 -32.80 13.69 2.77
CA PHE D 21 -33.37 13.35 4.06
C PHE D 21 -34.77 13.92 4.16
N ALA D 22 -35.71 13.09 4.61
CA ALA D 22 -37.08 13.56 4.80
C ALA D 22 -37.06 14.73 5.79
N GLY D 23 -37.80 15.78 5.45
CA GLY D 23 -37.89 16.96 6.27
C GLY D 23 -37.03 18.07 5.74
N ASP D 24 -36.19 17.78 4.74
CA ASP D 24 -35.41 18.78 3.99
C ASP D 24 -36.19 19.31 2.79
N ASP D 25 -35.87 20.53 2.37
CA ASP D 25 -36.62 21.16 1.28
C ASP D 25 -36.01 20.86 -0.11
N ALA D 26 -34.94 20.08 -0.14
CA ALA D 26 -34.29 19.73 -1.39
C ALA D 26 -33.39 18.53 -1.21
N PRO D 27 -33.19 17.75 -2.30
CA PRO D 27 -32.30 16.62 -2.17
C PRO D 27 -30.89 17.08 -1.92
N ARG D 28 -30.13 16.32 -1.15
CA ARG D 28 -28.73 16.67 -0.92
C ARG D 28 -27.81 16.14 -1.99
N ALA D 29 -28.22 15.05 -2.62
CA ALA D 29 -27.41 14.45 -3.66
C ALA D 29 -28.25 14.33 -4.93
N VAL D 30 -27.79 14.97 -6.00
CA VAL D 30 -28.38 14.81 -7.34
C VAL D 30 -27.26 14.42 -8.27
N PHE D 31 -27.38 13.26 -8.89
CA PHE D 31 -26.28 12.74 -9.71
C PHE D 31 -26.80 11.80 -10.78
N PRO D 32 -26.03 11.64 -11.88
CA PRO D 32 -26.49 10.76 -12.96
C PRO D 32 -26.72 9.31 -12.58
N SER D 33 -27.81 8.77 -13.12
CA SER D 33 -28.21 7.41 -12.85
CA SER D 33 -28.21 7.40 -12.85
C SER D 33 -27.46 6.49 -13.83
N ILE D 34 -26.14 6.41 -13.65
CA ILE D 34 -25.33 5.59 -14.53
CA ILE D 34 -25.24 5.71 -14.56
C ILE D 34 -24.25 4.87 -13.75
N VAL D 35 -23.91 3.69 -14.25
CA VAL D 35 -22.89 2.86 -13.62
C VAL D 35 -21.96 2.54 -14.75
N GLY D 36 -20.66 2.68 -14.51
CA GLY D 36 -19.68 2.40 -15.56
C GLY D 36 -18.59 1.47 -15.05
N ARG D 37 -18.28 0.43 -15.82
CA ARG D 37 -17.22 -0.49 -15.45
C ARG D 37 -16.10 -0.35 -16.46
N PRO D 38 -14.85 -0.32 -16.00
CA PRO D 38 -13.71 -0.15 -16.90
C PRO D 38 -13.66 -1.16 -18.03
N ARG D 39 -13.39 -0.68 -19.25
CA ARG D 39 -13.20 -1.52 -20.42
C ARG D 39 -11.83 -2.14 -20.45
N HIS D 40 -10.88 -1.62 -19.67
CA HIS D 40 -9.48 -2.05 -19.71
C HIS D 40 -8.97 -2.04 -18.28
N GLN D 41 -7.89 -2.76 -18.03
CA GLN D 41 -7.31 -2.88 -16.69
C GLN D 41 -6.31 -1.80 -16.37
N GLY D 42 -6.46 -1.13 -15.23
CA GLY D 42 -5.43 -0.15 -14.80
C GLY D 42 -5.97 0.66 -13.64
N VAL D 43 -5.24 1.69 -13.23
CA VAL D 43 -5.63 2.47 -12.07
C VAL D 43 -5.47 3.98 -12.26
N MET D 44 -6.25 4.78 -11.52
CA MET D 44 -5.91 6.21 -11.44
C MET D 44 -4.72 6.32 -10.49
N VAL D 45 -3.83 7.29 -10.71
CA VAL D 45 -2.66 7.47 -9.85
C VAL D 45 -3.10 7.58 -8.40
N GLY D 46 -2.46 6.82 -7.52
CA GLY D 46 -2.79 6.87 -6.10
C GLY D 46 -4.05 6.14 -5.66
N MET D 47 -4.71 5.48 -6.61
CA MET D 47 -5.96 4.76 -6.33
C MET D 47 -5.78 3.29 -6.63
N GLY D 48 -6.60 2.45 -5.99
CA GLY D 48 -6.63 1.04 -6.32
C GLY D 48 -7.53 0.80 -7.52
N GLN D 49 -7.41 -0.37 -8.14
CA GLN D 49 -8.29 -0.76 -9.25
C GLN D 49 -9.78 -0.75 -8.84
N LYS D 50 -10.62 -0.09 -9.64
CA LYS D 50 -12.03 0.05 -9.32
C LYS D 50 -12.86 -0.90 -10.19
N ASP D 51 -13.88 -1.55 -9.62
CA ASP D 51 -14.68 -2.40 -10.49
C ASP D 51 -15.82 -1.62 -11.15
N SER D 52 -16.20 -0.50 -10.55
CA SER D 52 -17.30 0.31 -11.09
CA SER D 52 -17.32 0.30 -11.07
C SER D 52 -17.26 1.75 -10.57
N TYR D 53 -17.76 2.67 -11.39
CA TYR D 53 -17.98 4.05 -10.95
C TYR D 53 -19.47 4.32 -11.07
N VAL D 54 -19.99 5.17 -10.19
CA VAL D 54 -21.39 5.56 -10.25
C VAL D 54 -21.52 7.09 -10.33
N GLY D 55 -22.49 7.59 -11.07
CA GLY D 55 -22.80 9.01 -11.00
C GLY D 55 -21.82 9.89 -11.72
N ASP D 56 -21.52 11.04 -11.14
CA ASP D 56 -20.71 12.06 -11.81
C ASP D 56 -19.36 11.48 -12.22
N GLU D 57 -18.78 10.62 -11.38
CA GLU D 57 -17.48 10.10 -11.69
C GLU D 57 -17.50 9.14 -12.89
N ALA D 58 -18.55 8.35 -13.02
CA ALA D 58 -18.74 7.54 -14.22
C ALA D 58 -18.87 8.42 -15.49
N GLN D 59 -19.58 9.52 -15.40
CA GLN D 59 -19.68 10.42 -16.54
C GLN D 59 -18.30 11.00 -16.87
N SER D 60 -17.62 11.53 -15.88
CA SER D 60 -16.39 12.30 -16.15
C SER D 60 -15.22 11.38 -16.54
N LYS D 61 -15.39 10.09 -16.38
CA LYS D 61 -14.38 9.10 -16.79
C LYS D 61 -14.91 8.18 -17.89
N ARG D 62 -16.03 8.56 -18.49
CA ARG D 62 -16.75 7.67 -19.42
C ARG D 62 -15.91 7.06 -20.55
N GLY D 63 -14.87 7.75 -21.00
CA GLY D 63 -14.05 7.25 -22.11
C GLY D 63 -13.37 5.93 -21.87
N ILE D 64 -13.17 5.56 -20.61
CA ILE D 64 -12.52 4.29 -20.34
C ILE D 64 -13.48 3.25 -19.74
N LEU D 65 -14.78 3.58 -19.76
CA LEU D 65 -15.76 2.69 -19.14
C LEU D 65 -16.78 2.26 -20.16
N THR D 66 -17.52 1.22 -19.81
CA THR D 66 -18.76 0.83 -20.48
C THR D 66 -19.91 1.25 -19.56
N LEU D 67 -20.76 2.14 -20.06
CA LEU D 67 -21.80 2.74 -19.23
C LEU D 67 -23.14 2.02 -19.39
N LYS D 68 -23.86 1.86 -18.30
CA LYS D 68 -25.23 1.35 -18.37
C LYS D 68 -26.16 2.29 -17.61
N TYR D 69 -27.38 2.46 -18.13
CA TYR D 69 -28.43 3.24 -17.50
C TYR D 69 -29.42 2.23 -17.00
N PRO D 70 -29.40 1.91 -15.70
CA PRO D 70 -30.26 0.84 -15.20
C PRO D 70 -31.75 1.17 -15.16
N ILE D 71 -32.09 2.46 -15.33
CA ILE D 71 -33.50 2.88 -15.34
C ILE D 71 -33.87 3.40 -16.69
N GLU D 72 -34.83 2.72 -17.30
CA GLU D 72 -35.18 3.03 -18.68
C GLU D 72 -36.60 3.45 -18.75
N HIC D 73 -36.85 4.65 -19.27
CA HIC D 73 -38.20 5.20 -19.32
C HIC D 73 -38.88 5.08 -17.98
O HIC D 73 -40.06 4.74 -17.92
CB HIC D 73 -39.05 4.55 -20.42
CG HIC D 73 -38.32 4.59 -21.75
ND1 HIC D 73 -38.10 5.67 -22.56
CD2 HIC D 73 -37.77 3.50 -22.39
CE1 HIC D 73 -37.41 5.26 -23.65
NE2 HIC D 73 -37.20 3.93 -23.53
CZ HIC D 73 -36.49 3.07 -24.50
N GLY D 74 -38.14 5.38 -16.92
CA GLY D 74 -38.63 5.35 -15.53
C GLY D 74 -38.61 4.00 -14.80
N ILE D 75 -38.41 2.91 -15.53
CA ILE D 75 -38.54 1.55 -14.97
C ILE D 75 -37.16 0.95 -14.74
N ILE D 76 -36.92 0.35 -13.57
CA ILE D 76 -35.65 -0.33 -13.29
C ILE D 76 -35.55 -1.61 -14.13
N THR D 77 -34.48 -1.73 -14.94
CA THR D 77 -34.36 -2.83 -15.89
C THR D 77 -33.06 -3.62 -15.69
N ASN D 78 -32.19 -3.15 -14.79
CA ASN D 78 -30.99 -3.90 -14.39
C ASN D 78 -30.77 -3.80 -12.90
N TRP D 79 -31.09 -4.89 -12.20
CA TRP D 79 -31.02 -4.93 -10.74
C TRP D 79 -29.62 -4.89 -10.16
N ASP D 80 -28.67 -5.53 -10.82
CA ASP D 80 -27.29 -5.52 -10.37
C ASP D 80 -26.74 -4.10 -10.44
N ASP D 81 -27.04 -3.40 -11.54
CA ASP D 81 -26.57 -2.05 -11.69
C ASP D 81 -27.32 -1.13 -10.73
N MET D 82 -28.59 -1.43 -10.48
CA MET D 82 -29.39 -0.60 -9.60
C MET D 82 -28.90 -0.72 -8.16
N GLU D 83 -28.44 -1.89 -7.80
CA GLU D 83 -27.94 -2.09 -6.45
C GLU D 83 -26.69 -1.25 -6.20
N LYS D 84 -25.84 -1.16 -7.23
CA LYS D 84 -24.67 -0.28 -7.22
C LYS D 84 -25.03 1.18 -7.03
N ILE D 85 -26.07 1.63 -7.73
CA ILE D 85 -26.53 2.99 -7.57
C ILE D 85 -27.04 3.25 -6.14
N TRP D 86 -27.86 2.36 -5.59
CA TRP D 86 -28.28 2.47 -4.19
C TRP D 86 -27.11 2.45 -3.21
N HIS D 87 -26.16 1.54 -3.42
CA HIS D 87 -25.00 1.44 -2.53
C HIS D 87 -24.27 2.76 -2.53
N HIS D 88 -23.97 3.26 -3.72
CA HIS D 88 -23.38 4.57 -3.90
C HIS D 88 -24.18 5.66 -3.19
N THR D 89 -25.50 5.60 -3.27
CA THR D 89 -26.33 6.63 -2.72
C THR D 89 -26.24 6.70 -1.19
N PHE D 90 -26.36 5.53 -0.56
CA PHE D 90 -26.28 5.43 0.90
C PHE D 90 -24.88 5.77 1.39
N TYR D 91 -23.87 5.07 0.88
CA TYR D 91 -22.55 5.12 1.52
C TYR D 91 -21.69 6.29 1.05
N ASN D 92 -21.73 6.60 -0.24
CA ASN D 92 -20.86 7.61 -0.81
C ASN D 92 -21.50 8.99 -0.80
N GLU D 93 -22.75 9.06 -1.21
CA GLU D 93 -23.38 10.36 -1.37
C GLU D 93 -23.97 10.86 -0.06
N LEU D 94 -24.93 10.14 0.52
CA LEU D 94 -25.54 10.59 1.75
C LEU D 94 -24.66 10.28 2.96
N ARG D 95 -23.78 9.30 2.80
CA ARG D 95 -22.92 8.81 3.88
C ARG D 95 -23.71 8.36 5.10
N VAL D 96 -24.64 7.44 4.89
CA VAL D 96 -25.45 6.88 5.96
C VAL D 96 -25.30 5.37 6.05
N ALA D 97 -25.64 4.82 7.23
CA ALA D 97 -25.83 3.39 7.38
C ALA D 97 -27.29 3.06 7.13
N PRO D 98 -27.58 2.34 6.05
CA PRO D 98 -28.96 2.17 5.57
C PRO D 98 -29.85 1.49 6.63
N GLU D 99 -29.26 0.63 7.45
CA GLU D 99 -30.01 -0.10 8.46
C GLU D 99 -30.45 0.80 9.61
N GLU D 100 -30.06 2.06 9.55
CA GLU D 100 -30.44 3.00 10.60
C GLU D 100 -31.58 3.94 10.19
N HIS D 101 -32.07 3.79 8.96
CA HIS D 101 -33.04 4.74 8.41
C HIS D 101 -34.20 4.08 7.65
N PRO D 102 -35.45 4.45 8.00
CA PRO D 102 -36.58 4.08 7.14
C PRO D 102 -36.34 4.78 5.80
N THR D 103 -36.68 4.11 4.69
CA THR D 103 -36.33 4.61 3.37
C THR D 103 -37.54 4.67 2.44
N LEU D 104 -37.88 5.86 2.00
CA LEU D 104 -38.91 6.01 0.99
C LEU D 104 -38.26 5.99 -0.39
N LEU D 105 -38.76 5.13 -1.27
CA LEU D 105 -38.28 5.05 -2.63
C LEU D 105 -39.44 5.44 -3.55
N THR D 106 -39.16 5.84 -4.77
CA THR D 106 -40.22 6.20 -5.71
C THR D 106 -40.22 5.23 -6.90
N GLU D 107 -41.34 5.18 -7.62
CA GLU D 107 -41.44 4.31 -8.77
C GLU D 107 -42.29 5.00 -9.82
N ALA D 108 -42.12 4.55 -11.06
CA ALA D 108 -42.84 5.12 -12.16
C ALA D 108 -44.31 4.71 -12.14
N PRO D 109 -45.19 5.53 -12.74
CA PRO D 109 -46.55 5.11 -13.06
C PRO D 109 -46.49 3.81 -13.81
N LEU D 110 -47.41 2.89 -13.50
CA LEU D 110 -47.52 1.61 -14.20
C LEU D 110 -46.35 0.64 -13.97
N ASN D 111 -45.54 0.87 -12.94
CA ASN D 111 -44.44 -0.04 -12.57
C ASN D 111 -45.03 -1.41 -12.26
N PRO D 112 -44.55 -2.48 -12.93
CA PRO D 112 -45.12 -3.80 -12.62
C PRO D 112 -45.00 -4.16 -11.16
N LYS D 113 -45.96 -4.90 -10.67
CA LYS D 113 -45.95 -5.31 -9.30
C LYS D 113 -44.68 -6.12 -8.96
N ALA D 114 -44.20 -6.93 -9.90
CA ALA D 114 -43.01 -7.75 -9.64
C ALA D 114 -41.79 -6.88 -9.48
N ASN D 115 -41.79 -5.72 -10.14
CA ASN D 115 -40.70 -4.80 -10.03
C ASN D 115 -40.70 -4.17 -8.64
N ARG D 116 -41.86 -3.71 -8.16
CA ARG D 116 -41.91 -3.17 -6.81
CA ARG D 116 -42.00 -3.18 -6.80
C ARG D 116 -41.51 -4.22 -5.78
N GLU D 117 -41.87 -5.47 -6.01
CA GLU D 117 -41.51 -6.51 -5.04
C GLU D 117 -40.00 -6.74 -4.93
N LYS D 118 -39.33 -6.64 -6.06
CA LYS D 118 -37.89 -6.83 -6.14
C LYS D 118 -37.18 -5.65 -5.49
N MET D 119 -37.65 -4.42 -5.72
CA MET D 119 -37.16 -3.22 -5.04
CA MET D 119 -37.11 -3.27 -5.04
C MET D 119 -37.20 -3.45 -3.53
N THR D 120 -38.34 -3.94 -3.07
CA THR D 120 -38.61 -4.15 -1.66
C THR D 120 -37.69 -5.22 -1.11
N GLN D 121 -37.50 -6.29 -1.87
CA GLN D 121 -36.61 -7.35 -1.43
C GLN D 121 -35.17 -6.86 -1.26
N ILE D 122 -34.66 -6.13 -2.24
CA ILE D 122 -33.31 -5.59 -2.20
C ILE D 122 -33.14 -4.68 -1.00
N MET D 123 -34.04 -3.72 -0.80
CA MET D 123 -33.95 -2.83 0.36
C MET D 123 -33.84 -3.60 1.72
N PHE D 124 -34.68 -4.61 1.91
CA PHE D 124 -34.66 -5.39 3.17
C PHE D 124 -33.56 -6.45 3.24
N GLU D 125 -33.32 -7.15 2.14
CA GLU D 125 -32.41 -8.31 2.23
C GLU D 125 -30.97 -7.94 1.95
N THR D 126 -30.77 -6.88 1.18
CA THR D 126 -29.43 -6.45 0.83
C THR D 126 -28.95 -5.29 1.70
N PHE D 127 -29.81 -4.29 1.88
CA PHE D 127 -29.42 -3.11 2.64
C PHE D 127 -29.92 -3.10 4.08
N ASN D 128 -30.76 -4.07 4.43
CA ASN D 128 -31.22 -4.21 5.81
C ASN D 128 -31.89 -2.97 6.37
N VAL D 129 -32.69 -2.28 5.56
CA VAL D 129 -33.36 -1.08 6.07
C VAL D 129 -34.40 -1.56 7.08
N PRO D 130 -34.71 -0.73 8.07
CA PRO D 130 -35.66 -1.15 9.10
C PRO D 130 -37.10 -1.00 8.60
N ALA D 131 -37.29 -0.12 7.62
CA ALA D 131 -38.61 0.14 7.04
C ALA D 131 -38.48 0.84 5.71
N MET D 132 -39.51 0.68 4.89
CA MET D 132 -39.49 1.41 3.65
C MET D 132 -40.87 1.52 3.09
N TYR D 133 -40.98 2.28 2.01
CA TYR D 133 -42.25 2.54 1.39
C TYR D 133 -41.92 2.87 -0.05
N VAL D 134 -42.81 2.49 -0.97
CA VAL D 134 -42.62 2.87 -2.36
C VAL D 134 -43.83 3.69 -2.80
N ALA D 135 -43.57 4.89 -3.30
CA ALA D 135 -44.61 5.83 -3.67
C ALA D 135 -44.55 6.11 -5.16
N ILE D 136 -45.70 6.35 -5.81
CA ILE D 136 -45.72 6.70 -7.21
C ILE D 136 -45.22 8.14 -7.37
N GLN D 137 -44.26 8.31 -8.27
CA GLN D 137 -43.63 9.63 -8.54
C GLN D 137 -44.65 10.73 -8.77
N ALA D 138 -45.57 10.53 -9.71
CA ALA D 138 -46.50 11.63 -10.03
C ALA D 138 -47.37 11.97 -8.83
N VAL D 139 -47.72 10.98 -8.04
CA VAL D 139 -48.54 11.25 -6.88
C VAL D 139 -47.78 12.13 -5.91
N LEU D 140 -46.50 11.84 -5.68
CA LEU D 140 -45.64 12.69 -4.85
C LEU D 140 -45.55 14.16 -5.33
N SER D 141 -45.48 14.34 -6.64
CA SER D 141 -45.49 15.69 -7.22
CA SER D 141 -45.49 15.70 -7.21
C SER D 141 -46.78 16.41 -6.89
N LEU D 142 -47.89 15.69 -6.96
CA LEU D 142 -49.18 16.34 -6.70
C LEU D 142 -49.22 16.78 -5.24
N TYR D 143 -48.72 15.90 -4.38
CA TYR D 143 -48.71 16.16 -2.94
C TYR D 143 -47.82 17.32 -2.61
N ALA D 144 -46.67 17.39 -3.26
CA ALA D 144 -45.77 18.52 -3.08
C ALA D 144 -46.47 19.88 -3.34
N SER D 145 -47.49 19.90 -4.17
CA SER D 145 -48.20 21.15 -4.44
C SER D 145 -49.39 21.33 -3.49
N GLY D 146 -49.48 20.49 -2.45
CA GLY D 146 -50.59 20.60 -1.50
C GLY D 146 -51.94 20.16 -2.02
N ARG D 147 -51.97 19.26 -3.01
CA ARG D 147 -53.22 18.81 -3.61
C ARG D 147 -53.39 17.30 -3.52
N THR D 148 -54.62 16.83 -3.53
CA THR D 148 -54.85 15.37 -3.49
C THR D 148 -55.69 14.88 -4.70
N THR D 149 -56.15 15.83 -5.51
CA THR D 149 -56.82 15.54 -6.79
C THR D 149 -56.24 16.49 -7.83
N GLY D 150 -55.96 15.97 -9.01
CA GLY D 150 -55.49 16.79 -10.09
C GLY D 150 -54.86 15.87 -11.13
N ILE D 151 -54.27 16.45 -12.15
CA ILE D 151 -53.57 15.64 -13.14
C ILE D 151 -52.15 16.13 -13.33
N VAL D 152 -51.19 15.21 -13.27
CA VAL D 152 -49.80 15.61 -13.26
C VAL D 152 -49.22 15.33 -14.64
N LEU D 153 -48.48 16.28 -15.18
CA LEU D 153 -47.58 16.02 -16.33
C LEU D 153 -46.20 15.90 -15.74
N ASP D 154 -45.57 14.73 -15.80
CA ASP D 154 -44.24 14.55 -15.22
C ASP D 154 -43.32 14.28 -16.38
N SER D 155 -42.34 15.14 -16.63
CA SER D 155 -41.49 14.92 -17.80
C SER D 155 -40.05 15.05 -17.34
N GLY D 156 -39.27 13.99 -17.53
CA GLY D 156 -37.92 13.91 -16.97
C GLY D 156 -36.90 13.81 -18.08
N ASP D 157 -35.96 12.91 -17.90
CA ASP D 157 -34.88 12.75 -18.85
C ASP D 157 -35.21 11.69 -19.89
N GLY D 158 -36.00 10.69 -19.51
CA GLY D 158 -36.31 9.60 -20.42
C GLY D 158 -37.77 9.32 -20.75
N VAL D 159 -38.70 9.78 -19.93
CA VAL D 159 -40.11 9.50 -20.19
C VAL D 159 -40.99 10.65 -19.74
N THR D 160 -42.18 10.76 -20.34
CA THR D 160 -43.15 11.76 -19.93
C THR D 160 -44.42 10.98 -19.62
N HIS D 161 -45.09 11.29 -18.52
CA HIS D 161 -46.39 10.66 -18.22
C HIS D 161 -47.43 11.71 -17.91
N ASN D 162 -48.69 11.43 -18.24
CA ASN D 162 -49.84 12.11 -17.61
C ASN D 162 -50.49 11.13 -16.65
N VAL D 163 -50.78 11.57 -15.45
CA VAL D 163 -51.30 10.66 -14.45
C VAL D 163 -52.43 11.42 -13.74
N PRO D 164 -53.68 11.07 -14.03
CA PRO D 164 -54.75 11.70 -13.29
C PRO D 164 -54.88 11.07 -11.91
N ILE D 165 -55.17 11.87 -10.90
CA ILE D 165 -55.18 11.39 -9.52
C ILE D 165 -56.46 11.85 -8.88
N TYR D 166 -57.20 10.93 -8.26
CA TYR D 166 -58.47 11.29 -7.66
C TYR D 166 -58.40 10.96 -6.18
N GLU D 167 -58.46 11.97 -5.33
CA GLU D 167 -58.37 11.74 -3.89
C GLU D 167 -57.21 10.80 -3.57
N GLY D 168 -56.04 11.10 -4.12
CA GLY D 168 -54.83 10.37 -3.76
C GLY D 168 -54.65 9.08 -4.53
N TYR D 169 -55.61 8.76 -5.40
CA TYR D 169 -55.64 7.48 -6.10
C TYR D 169 -55.24 7.71 -7.55
N ALA D 170 -54.07 7.24 -7.96
CA ALA D 170 -53.70 7.42 -9.38
C ALA D 170 -54.50 6.46 -10.21
N LEU D 171 -55.10 6.93 -11.29
CA LEU D 171 -56.06 6.10 -12.02
C LEU D 171 -55.38 5.43 -13.20
N PRO D 172 -55.03 4.14 -13.10
CA PRO D 172 -54.08 3.58 -14.06
C PRO D 172 -54.62 3.46 -15.46
N HIS D 173 -55.93 3.27 -15.59
CA HIS D 173 -56.51 3.11 -16.93
C HIS D 173 -56.33 4.38 -17.75
N ALA D 174 -56.13 5.51 -17.07
CA ALA D 174 -56.09 6.80 -17.75
C ALA D 174 -54.70 7.40 -17.89
N ILE D 175 -53.70 6.68 -17.43
CA ILE D 175 -52.32 7.15 -17.51
C ILE D 175 -51.83 7.03 -18.95
N MET D 176 -51.14 8.07 -19.41
CA MET D 176 -50.51 8.06 -20.73
C MET D 176 -49.00 8.11 -20.57
N ARG D 177 -48.28 7.37 -21.40
CA ARG D 177 -46.84 7.41 -21.35
C ARG D 177 -46.38 7.83 -22.73
N LEU D 178 -45.42 8.75 -22.79
CA LEU D 178 -44.85 9.26 -24.01
C LEU D 178 -43.33 9.12 -23.85
N ASP D 179 -42.73 8.33 -24.71
CA ASP D 179 -41.30 8.09 -24.64
C ASP D 179 -40.56 9.18 -25.38
N LEU D 180 -40.69 10.38 -24.83
CA LEU D 180 -40.03 11.54 -25.39
CA LEU D 180 -40.06 11.56 -25.40
C LEU D 180 -39.84 12.45 -24.20
N ALA D 181 -38.58 12.82 -23.95
CA ALA D 181 -38.28 13.65 -22.79
C ALA D 181 -36.93 14.35 -22.94
N GLY D 182 -36.31 14.70 -21.81
CA GLY D 182 -35.14 15.60 -21.82
C GLY D 182 -34.01 15.18 -22.74
N ARG D 183 -33.69 13.89 -22.70
CA ARG D 183 -32.59 13.34 -23.46
C ARG D 183 -32.84 13.58 -24.94
N ASP D 184 -34.06 13.28 -25.37
CA ASP D 184 -34.48 13.54 -26.76
C ASP D 184 -34.35 14.98 -27.18
N LEU D 185 -34.70 15.90 -26.28
CA LEU D 185 -34.64 17.35 -26.64
C LEU D 185 -33.18 17.77 -26.74
N THR D 186 -32.32 17.25 -25.86
CA THR D 186 -30.89 17.60 -25.91
C THR D 186 -30.30 17.16 -27.26
N ASP D 187 -30.60 15.94 -27.67
CA ASP D 187 -30.09 15.40 -28.93
C ASP D 187 -30.64 16.19 -30.11
N TYR D 188 -31.90 16.62 -30.03
CA TYR D 188 -32.48 17.38 -31.12
C TYR D 188 -31.85 18.78 -31.17
N LEU D 189 -31.60 19.38 -30.01
CA LEU D 189 -30.88 20.67 -30.01
C LEU D 189 -29.50 20.52 -30.63
N MET D 190 -28.78 19.45 -30.31
CA MET D 190 -27.49 19.27 -30.94
C MET D 190 -27.65 19.16 -32.46
N LYS D 191 -28.66 18.40 -32.89
CA LYS D 191 -28.91 18.24 -34.32
C LYS D 191 -29.17 19.58 -34.99
N ILE D 192 -30.05 20.40 -34.44
CA ILE D 192 -30.40 21.67 -35.13
C ILE D 192 -29.32 22.73 -35.05
N LEU D 193 -28.59 22.78 -33.94
CA LEU D 193 -27.42 23.67 -33.88
C LEU D 193 -26.38 23.24 -34.92
N THR D 194 -26.19 21.94 -35.09
CA THR D 194 -25.32 21.43 -36.17
C THR D 194 -25.74 21.87 -37.57
N GLU D 195 -27.03 21.78 -37.87
CA GLU D 195 -27.55 22.25 -39.14
C GLU D 195 -27.28 23.75 -39.34
N ARG D 196 -27.27 24.51 -38.25
CA ARG D 196 -27.02 25.97 -38.35
C ARG D 196 -25.58 26.28 -38.73
N GLY D 197 -24.69 25.34 -38.45
CA GLY D 197 -23.29 25.41 -38.84
C GLY D 197 -22.35 25.24 -37.70
N TYR D 198 -22.88 25.05 -36.50
CA TYR D 198 -22.04 24.73 -35.34
C TYR D 198 -21.56 23.29 -35.35
N SER D 199 -20.53 23.02 -34.55
CA SER D 199 -19.93 21.71 -34.52
C SER D 199 -19.68 21.26 -33.08
N PHE D 200 -20.24 20.09 -32.75
CA PHE D 200 -20.16 19.53 -31.42
C PHE D 200 -19.62 18.14 -31.58
N VAL D 201 -18.31 18.03 -31.67
CA VAL D 201 -17.69 16.74 -31.97
C VAL D 201 -17.10 16.10 -30.71
N THR D 202 -16.20 16.80 -30.02
CA THR D 202 -15.59 16.21 -28.82
C THR D 202 -16.62 16.04 -27.69
N THR D 203 -16.32 15.17 -26.71
CA THR D 203 -17.20 14.90 -25.57
C THR D 203 -17.49 16.19 -24.82
N ALA D 204 -16.49 17.06 -24.73
CA ALA D 204 -16.61 18.28 -23.93
C ALA D 204 -17.55 19.23 -24.66
N GLU D 205 -17.35 19.37 -25.97
CA GLU D 205 -18.26 20.14 -26.86
C GLU D 205 -19.69 19.63 -26.82
N ARG D 206 -19.86 18.31 -26.88
CA ARG D 206 -21.19 17.73 -26.85
C ARG D 206 -21.91 17.95 -25.49
N GLU D 207 -21.18 17.92 -24.38
CA GLU D 207 -21.78 18.19 -23.03
C GLU D 207 -22.37 19.60 -22.85
N ILE D 208 -21.72 20.59 -23.43
CA ILE D 208 -22.21 21.98 -23.48
C ILE D 208 -23.68 22.07 -23.95
N VAL D 209 -24.09 21.19 -24.86
CA VAL D 209 -25.44 21.36 -25.47
C VAL D 209 -26.52 21.21 -24.42
N ARG D 210 -26.37 20.26 -23.50
CA ARG D 210 -27.35 20.15 -22.41
C ARG D 210 -27.46 21.47 -21.64
N ASP D 211 -26.33 22.13 -21.41
CA ASP D 211 -26.33 23.38 -20.65
C ASP D 211 -27.00 24.51 -21.45
N ILE D 212 -26.76 24.54 -22.75
CA ILE D 212 -27.43 25.50 -23.62
C ILE D 212 -28.93 25.30 -23.54
N LYS D 213 -29.36 24.04 -23.56
CA LYS D 213 -30.80 23.74 -23.53
C LYS D 213 -31.42 24.32 -22.25
N GLU D 214 -30.73 24.12 -21.14
CA GLU D 214 -31.26 24.42 -19.81
C GLU D 214 -31.21 25.92 -19.57
N LYS D 215 -30.28 26.61 -20.20
CA LYS D 215 -30.13 28.06 -19.99
C LYS D 215 -30.81 28.97 -21.01
N LEU D 216 -30.92 28.54 -22.26
CA LEU D 216 -31.43 29.43 -23.29
C LEU D 216 -32.79 29.06 -23.92
N CYS D 217 -33.20 27.79 -23.79
CA CYS D 217 -34.43 27.39 -24.51
C CYS D 217 -35.68 27.85 -23.78
N TYR D 218 -36.78 27.93 -24.52
CA TYR D 218 -38.07 28.31 -23.91
C TYR D 218 -39.15 27.86 -24.87
N VAL D 219 -40.39 27.85 -24.38
CA VAL D 219 -41.55 27.44 -25.20
C VAL D 219 -42.31 28.65 -25.70
N ALA D 220 -42.43 28.77 -27.01
CA ALA D 220 -43.13 29.84 -27.63
C ALA D 220 -44.62 29.71 -27.38
N LEU D 221 -45.30 30.85 -27.14
CA LEU D 221 -46.73 30.77 -26.92
C LEU D 221 -47.48 30.52 -28.22
N ASP D 222 -46.97 31.11 -29.30
CA ASP D 222 -47.45 30.85 -30.66
C ASP D 222 -46.26 30.47 -31.53
N PHE D 223 -46.08 29.18 -31.83
CA PHE D 223 -44.88 28.76 -32.55
C PHE D 223 -44.65 29.44 -33.89
N GLU D 224 -45.66 29.43 -34.76
CA GLU D 224 -45.47 30.00 -36.09
C GLU D 224 -45.18 31.49 -36.04
N ASN D 225 -45.86 32.23 -35.16
CA ASN D 225 -45.56 33.65 -34.96
C ASN D 225 -44.14 33.89 -34.46
N GLU D 226 -43.68 33.02 -33.56
CA GLU D 226 -42.34 33.15 -33.01
C GLU D 226 -41.30 32.85 -34.12
N MET D 227 -41.59 31.87 -34.98
CA MET D 227 -40.68 31.62 -36.12
C MET D 227 -40.60 32.87 -37.05
N ALA D 228 -41.71 33.53 -37.26
CA ALA D 228 -41.69 34.72 -38.11
C ALA D 228 -40.98 35.85 -37.38
N THR D 229 -41.17 35.95 -36.07
CA THR D 229 -40.48 36.97 -35.30
C THR D 229 -38.97 36.77 -35.40
N ALA D 230 -38.50 35.54 -35.24
CA ALA D 230 -37.05 35.26 -35.30
C ALA D 230 -36.47 35.56 -36.69
N ALA D 231 -37.32 35.47 -37.71
CA ALA D 231 -36.92 35.71 -39.08
C ALA D 231 -36.79 37.18 -39.40
N SER D 232 -37.59 38.00 -38.71
CA SER D 232 -37.77 39.42 -39.01
CA SER D 232 -37.69 39.40 -39.09
C SER D 232 -36.83 40.33 -38.24
N SER D 233 -36.31 39.82 -37.13
CA SER D 233 -35.51 40.63 -36.20
C SER D 233 -34.46 39.79 -35.48
N SER D 234 -33.57 40.44 -34.74
CA SER D 234 -32.62 39.67 -33.93
C SER D 234 -33.07 39.69 -32.47
N SER D 235 -34.33 40.01 -32.23
CA SER D 235 -34.85 40.22 -30.90
C SER D 235 -34.78 38.96 -30.05
N LEU D 236 -34.83 37.80 -30.69
CA LEU D 236 -34.90 36.53 -29.95
C LEU D 236 -33.54 35.88 -29.80
N GLU D 237 -32.49 36.53 -30.32
CA GLU D 237 -31.15 35.94 -30.29
C GLU D 237 -30.55 36.03 -28.90
N LYS D 238 -29.82 35.00 -28.51
CA LYS D 238 -29.16 35.03 -27.21
C LYS D 238 -27.76 34.48 -27.34
N SER D 239 -26.85 34.99 -26.51
CA SER D 239 -25.47 34.55 -26.61
C SER D 239 -25.14 33.52 -25.52
N TYR D 240 -24.25 32.60 -25.88
CA TYR D 240 -23.75 31.63 -24.95
C TYR D 240 -22.23 31.56 -25.09
N GLU D 241 -21.54 31.91 -24.01
CA GLU D 241 -20.10 31.85 -24.00
C GLU D 241 -19.70 30.41 -23.74
N LEU D 242 -18.94 29.84 -24.66
CA LEU D 242 -18.42 28.50 -24.47
C LEU D 242 -17.28 28.55 -23.47
N PRO D 243 -16.91 27.40 -22.89
CA PRO D 243 -15.85 27.35 -21.88
C PRO D 243 -14.61 28.15 -22.28
N ASP D 244 -14.09 27.92 -23.49
CA ASP D 244 -12.88 28.60 -23.93
C ASP D 244 -13.00 30.11 -23.78
N GLY D 245 -13.92 30.69 -24.54
CA GLY D 245 -14.14 32.14 -24.51
C GLY D 245 -15.08 32.52 -25.64
N GLN D 246 -15.06 31.70 -26.70
CA GLN D 246 -15.90 31.93 -27.86
C GLN D 246 -17.38 32.02 -27.49
N VAL D 247 -18.00 33.14 -27.85
CA VAL D 247 -19.42 33.37 -27.61
C VAL D 247 -20.25 33.11 -28.86
N ILE D 248 -21.13 32.12 -28.82
CA ILE D 248 -22.01 31.84 -29.95
C ILE D 248 -23.45 32.32 -29.77
N THR D 249 -24.15 32.52 -30.89
CA THR D 249 -25.44 33.17 -30.86
C THR D 249 -26.53 32.30 -31.43
N ILE D 250 -27.56 32.08 -30.65
CA ILE D 250 -28.61 31.18 -31.07
C ILE D 250 -29.96 31.89 -31.13
N GLY D 251 -30.70 31.64 -32.20
CA GLY D 251 -31.99 32.26 -32.41
C GLY D 251 -33.14 31.27 -32.26
N ASN D 252 -33.75 30.87 -33.36
CA ASN D 252 -34.97 30.06 -33.23
C ASN D 252 -34.75 28.66 -32.66
N GLU D 253 -33.51 28.20 -32.58
CA GLU D 253 -33.29 26.92 -31.89
C GLU D 253 -33.73 26.99 -30.44
N ARG D 254 -33.77 28.20 -29.89
CA ARG D 254 -34.16 28.33 -28.48
C ARG D 254 -35.55 27.75 -28.22
N PHE D 255 -36.48 27.99 -29.14
CA PHE D 255 -37.85 27.51 -28.96
C PHE D 255 -38.27 26.31 -29.84
N ARG D 256 -37.54 26.05 -30.93
CA ARG D 256 -37.77 24.87 -31.74
C ARG D 256 -37.47 23.60 -30.95
N CYS D 257 -36.45 23.68 -30.08
CA CYS D 257 -36.05 22.52 -29.33
C CYS D 257 -37.23 21.99 -28.47
N PRO D 258 -37.78 22.80 -27.53
CA PRO D 258 -38.88 22.22 -26.76
C PRO D 258 -40.28 22.23 -27.43
N GLU D 259 -40.42 22.91 -28.55
CA GLU D 259 -41.63 22.75 -29.37
C GLU D 259 -41.89 21.26 -29.66
N THR D 260 -40.81 20.50 -29.77
CA THR D 260 -40.92 19.04 -29.96
C THR D 260 -41.91 18.34 -28.98
N LEU D 261 -42.02 18.86 -27.76
CA LEU D 261 -42.96 18.25 -26.79
C LEU D 261 -44.38 18.37 -27.27
N PHE D 262 -44.68 19.46 -27.95
CA PHE D 262 -46.02 19.66 -28.54
C PHE D 262 -46.13 19.09 -29.95
N GLN D 263 -45.01 19.01 -30.66
CA GLN D 263 -44.99 18.41 -32.01
C GLN D 263 -43.91 17.36 -32.08
N PRO D 264 -44.19 16.16 -31.58
CA PRO D 264 -43.19 15.11 -31.65
C PRO D 264 -42.73 14.76 -33.06
N SER D 265 -43.44 15.21 -34.09
CA SER D 265 -42.97 14.99 -35.46
C SER D 265 -41.64 15.68 -35.74
N PHE D 266 -41.26 16.67 -34.95
CA PHE D 266 -39.93 17.28 -35.09
C PHE D 266 -38.79 16.25 -34.99
N ILE D 267 -38.98 15.19 -34.23
CA ILE D 267 -37.94 14.16 -34.13
C ILE D 267 -38.41 12.86 -34.77
N GLY D 268 -39.33 12.99 -35.72
CA GLY D 268 -39.80 11.84 -36.49
C GLY D 268 -40.75 10.91 -35.76
N MET D 269 -41.33 11.37 -34.65
CA MET D 269 -42.25 10.52 -33.89
CA MET D 269 -42.27 10.53 -33.89
C MET D 269 -43.70 10.78 -34.30
N GLU D 270 -44.45 9.72 -34.54
CA GLU D 270 -45.85 9.82 -34.86
C GLU D 270 -46.57 9.55 -33.55
N SER D 271 -46.87 10.61 -32.83
CA SER D 271 -47.41 10.53 -31.49
C SER D 271 -48.08 11.86 -31.19
N ALA D 272 -49.12 11.83 -30.36
CA ALA D 272 -49.69 13.08 -29.83
C ALA D 272 -48.65 13.84 -29.04
N GLY D 273 -48.76 15.16 -28.99
CA GLY D 273 -47.90 15.93 -28.10
C GLY D 273 -48.51 16.04 -26.69
N ILE D 274 -47.80 16.73 -25.81
CA ILE D 274 -48.11 16.67 -24.38
C ILE D 274 -49.43 17.33 -24.07
N HIS D 275 -49.87 18.29 -24.91
CA HIS D 275 -51.21 18.90 -24.71
C HIS D 275 -52.29 17.88 -25.03
N GLU D 276 -52.08 17.09 -26.08
CA GLU D 276 -53.08 16.14 -26.53
C GLU D 276 -53.10 14.95 -25.62
N THR D 277 -51.93 14.53 -25.13
CA THR D 277 -51.92 13.43 -24.16
C THR D 277 -52.59 13.87 -22.84
N THR D 278 -52.43 15.13 -22.46
CA THR D 278 -53.07 15.61 -21.24
C THR D 278 -54.59 15.56 -21.38
N TYR D 279 -55.06 16.08 -22.50
CA TYR D 279 -56.49 16.04 -22.78
C TYR D 279 -57.02 14.60 -22.86
N ASN D 280 -56.33 13.75 -23.62
CA ASN D 280 -56.76 12.37 -23.76
C ASN D 280 -56.82 11.64 -22.41
N SER D 281 -55.89 11.94 -21.51
CA SER D 281 -55.86 11.37 -20.17
C SER D 281 -57.09 11.81 -19.38
N ILE D 282 -57.39 13.10 -19.46
CA ILE D 282 -58.55 13.66 -18.78
C ILE D 282 -59.84 13.02 -19.31
N MET D 283 -59.92 12.84 -20.63
CA MET D 283 -61.10 12.24 -21.26
C MET D 283 -61.27 10.74 -20.98
N LYS D 284 -60.24 10.09 -20.48
CA LYS D 284 -60.36 8.69 -20.04
C LYS D 284 -61.02 8.60 -18.65
N CYS D 285 -61.16 9.73 -17.99
CA CYS D 285 -61.73 9.75 -16.62
C CYS D 285 -63.22 10.14 -16.62
N ASP D 286 -63.94 9.73 -15.56
CA ASP D 286 -65.36 10.05 -15.42
C ASP D 286 -65.62 11.53 -15.60
N ILE D 287 -66.62 11.85 -16.41
CA ILE D 287 -66.87 13.25 -16.75
C ILE D 287 -67.02 14.10 -15.49
N ASP D 288 -67.50 13.49 -14.42
CA ASP D 288 -67.83 14.26 -13.21
C ASP D 288 -66.59 14.68 -12.39
N ILE D 289 -65.42 14.12 -12.68
CA ILE D 289 -64.20 14.64 -12.06
C ILE D 289 -63.33 15.50 -12.99
N ARG D 290 -63.69 15.60 -14.28
CA ARG D 290 -62.86 16.35 -15.22
C ARG D 290 -62.58 17.78 -14.80
N LYS D 291 -63.61 18.48 -14.36
CA LYS D 291 -63.47 19.86 -13.93
C LYS D 291 -62.30 19.99 -12.95
N ASP D 292 -62.18 19.01 -12.05
CA ASP D 292 -61.11 19.05 -11.03
C ASP D 292 -59.73 18.74 -11.58
N LEU D 293 -59.67 17.93 -12.63
CA LEU D 293 -58.40 17.70 -13.31
C LEU D 293 -57.96 18.95 -14.11
N TYR D 294 -58.90 19.58 -14.80
CA TYR D 294 -58.60 20.75 -15.60
C TYR D 294 -58.13 21.92 -14.72
N ALA D 295 -58.67 22.02 -13.53
CA ALA D 295 -58.35 23.16 -12.65
C ALA D 295 -57.10 22.89 -11.82
N ASN D 296 -56.50 21.72 -12.02
CA ASN D 296 -55.37 21.29 -11.20
C ASN D 296 -54.41 20.47 -12.02
N ASN D 297 -53.85 21.08 -13.06
CA ASN D 297 -52.84 20.40 -13.88
C ASN D 297 -51.48 20.82 -13.39
N VAL D 298 -50.77 19.88 -12.72
CA VAL D 298 -49.50 20.14 -12.05
C VAL D 298 -48.38 19.66 -12.95
N MET D 299 -47.38 20.51 -13.20
CA MET D 299 -46.24 20.12 -14.02
C MET D 299 -45.08 19.78 -13.11
N SER D 300 -44.41 18.68 -13.43
CA SER D 300 -43.35 18.13 -12.61
C SER D 300 -42.18 17.62 -13.47
N GLY D 301 -40.96 17.72 -12.98
CA GLY D 301 -39.81 17.11 -13.68
C GLY D 301 -38.98 18.14 -14.45
N GLY D 302 -37.70 17.82 -14.65
CA GLY D 302 -36.76 18.76 -15.27
C GLY D 302 -37.21 19.26 -16.62
N THR D 303 -37.90 18.43 -17.38
CA THR D 303 -38.29 18.86 -18.73
C THR D 303 -39.52 19.77 -18.77
N THR D 304 -40.13 20.03 -17.61
CA THR D 304 -41.16 21.07 -17.57
C THR D 304 -40.59 22.40 -17.17
N MET D 305 -39.26 22.49 -17.08
CA MET D 305 -38.66 23.73 -16.58
C MET D 305 -38.59 24.89 -17.57
N TYR D 306 -38.93 24.66 -18.83
CA TYR D 306 -38.83 25.74 -19.87
C TYR D 306 -39.70 26.92 -19.54
N PRO D 307 -39.13 28.12 -19.56
CA PRO D 307 -39.99 29.29 -19.48
C PRO D 307 -41.03 29.19 -20.59
N GLY D 308 -42.27 29.64 -20.30
CA GLY D 308 -43.34 29.63 -21.30
C GLY D 308 -44.17 28.34 -21.38
N ILE D 309 -43.67 27.24 -20.78
CA ILE D 309 -44.36 25.96 -20.96
C ILE D 309 -45.74 25.94 -20.32
N ALA D 310 -45.89 26.54 -19.13
CA ALA D 310 -47.22 26.59 -18.49
C ALA D 310 -48.23 27.43 -19.29
N ASP D 311 -47.83 28.61 -19.80
CA ASP D 311 -48.74 29.44 -20.59
C ASP D 311 -49.14 28.68 -21.86
N ARG D 312 -48.21 27.96 -22.45
CA ARG D 312 -48.52 27.29 -23.70
C ARG D 312 -49.49 26.12 -23.42
N MET D 313 -49.23 25.36 -22.36
CA MET D 313 -50.18 24.31 -21.99
CA MET D 313 -50.18 24.32 -21.97
C MET D 313 -51.58 24.89 -21.73
N GLN D 314 -51.64 26.02 -21.03
CA GLN D 314 -52.91 26.64 -20.71
C GLN D 314 -53.67 26.98 -22.00
N LYS D 315 -52.95 27.51 -22.99
CA LYS D 315 -53.56 27.85 -24.26
C LYS D 315 -54.09 26.62 -25.03
N GLU D 316 -53.27 25.59 -25.11
CA GLU D 316 -53.61 24.41 -25.90
C GLU D 316 -54.74 23.64 -25.24
N ILE D 317 -54.73 23.56 -23.91
CA ILE D 317 -55.78 22.82 -23.21
C ILE D 317 -57.08 23.59 -23.35
N THR D 318 -57.01 24.93 -23.30
CA THR D 318 -58.21 25.77 -23.47
C THR D 318 -58.85 25.50 -24.84
N ALA D 319 -58.03 25.33 -25.87
CA ALA D 319 -58.56 25.08 -27.20
C ALA D 319 -59.18 23.70 -27.34
N LEU D 320 -58.81 22.76 -26.48
CA LEU D 320 -59.37 21.40 -26.52
C LEU D 320 -60.57 21.18 -25.60
N ALA D 321 -60.64 21.95 -24.51
CA ALA D 321 -61.62 21.71 -23.44
C ALA D 321 -62.92 22.43 -23.78
N PRO D 322 -64.04 22.06 -23.12
CA PRO D 322 -65.30 22.76 -23.29
C PRO D 322 -65.11 24.24 -23.03
N SER D 323 -65.82 25.08 -23.78
CA SER D 323 -65.53 26.52 -23.80
C SER D 323 -65.62 27.17 -22.43
N THR D 324 -66.36 26.54 -21.53
CA THR D 324 -66.65 27.18 -20.25
C THR D 324 -65.83 26.60 -19.08
N MET D 325 -64.85 25.77 -19.42
CA MET D 325 -64.09 25.05 -18.41
C MET D 325 -62.99 25.94 -17.81
N LYS D 326 -62.88 25.96 -16.49
CA LYS D 326 -61.77 26.68 -15.87
C LYS D 326 -60.51 25.81 -15.96
N ILE D 327 -59.45 26.36 -16.54
CA ILE D 327 -58.22 25.59 -16.73
C ILE D 327 -57.10 26.27 -15.97
N LYS D 328 -56.35 25.51 -15.17
CA LYS D 328 -55.23 26.08 -14.43
C LYS D 328 -54.05 25.15 -14.46
N ILE D 329 -52.90 25.66 -14.92
CA ILE D 329 -51.65 24.94 -14.92
C ILE D 329 -50.84 25.41 -13.72
N ILE D 330 -50.35 24.47 -12.91
CA ILE D 330 -49.56 24.78 -11.74
C ILE D 330 -48.13 24.33 -12.00
N ALA D 331 -47.20 25.28 -12.09
CA ALA D 331 -45.82 24.90 -12.34
C ALA D 331 -44.92 25.53 -11.28
N PRO D 332 -44.71 24.82 -10.16
CA PRO D 332 -43.89 25.32 -9.05
C PRO D 332 -42.44 25.63 -9.48
N PRO D 333 -41.86 26.70 -8.93
CA PRO D 333 -40.48 26.99 -9.32
C PRO D 333 -39.53 25.80 -9.05
N GLU D 334 -39.85 24.98 -8.06
CA GLU D 334 -38.92 23.94 -7.62
C GLU D 334 -39.19 22.60 -8.30
N ARG D 335 -39.88 22.64 -9.45
CA ARG D 335 -40.52 21.44 -10.00
C ARG D 335 -39.57 20.46 -10.63
N LYS D 336 -38.32 20.85 -10.85
CA LYS D 336 -37.35 19.81 -11.22
C LYS D 336 -37.15 18.81 -10.05
N TYR D 337 -37.49 19.20 -8.83
CA TYR D 337 -37.41 18.29 -7.66
C TYR D 337 -38.74 17.99 -6.98
N SER D 338 -39.86 18.23 -7.67
CA SER D 338 -41.19 18.05 -7.07
C SER D 338 -41.46 16.65 -6.57
N VAL D 339 -41.07 15.64 -7.34
CA VAL D 339 -41.26 14.28 -6.84
C VAL D 339 -40.51 14.12 -5.51
N TRP D 340 -39.23 14.51 -5.46
CA TRP D 340 -38.43 14.33 -4.24
C TRP D 340 -39.05 15.09 -3.06
N ILE D 341 -39.43 16.34 -3.31
CA ILE D 341 -40.03 17.17 -2.28
C ILE D 341 -41.34 16.54 -1.73
N GLY D 342 -42.16 15.95 -2.60
CA GLY D 342 -43.38 15.31 -2.13
C GLY D 342 -43.06 14.12 -1.22
N GLY D 343 -42.02 13.37 -1.57
CA GLY D 343 -41.55 12.30 -0.72
C GLY D 343 -41.05 12.76 0.65
N SER D 344 -40.25 13.83 0.67
CA SER D 344 -39.77 14.43 1.92
C SER D 344 -40.92 14.88 2.83
N ILE D 345 -41.94 15.50 2.24
CA ILE D 345 -43.16 15.83 3.00
C ILE D 345 -43.85 14.58 3.55
N LEU D 346 -44.26 13.70 2.66
CA LEU D 346 -45.01 12.53 3.08
C LEU D 346 -44.28 11.75 4.17
N ALA D 347 -42.98 11.51 3.97
CA ALA D 347 -42.23 10.68 4.92
C ALA D 347 -42.06 11.34 6.28
N SER D 348 -42.34 12.64 6.34
CA SER D 348 -42.25 13.33 7.61
CA SER D 348 -42.26 13.43 7.57
C SER D 348 -43.60 13.48 8.33
N LEU D 349 -44.71 13.29 7.63
CA LEU D 349 -46.03 13.48 8.28
C LEU D 349 -46.30 12.44 9.38
N SER D 350 -46.74 12.89 10.55
CA SER D 350 -47.03 11.92 11.61
C SER D 350 -48.15 10.97 11.19
N THR D 351 -49.09 11.49 10.40
CA THR D 351 -50.20 10.68 9.86
C THR D 351 -49.72 9.59 8.88
N PHE D 352 -48.44 9.62 8.52
CA PHE D 352 -47.89 8.67 7.56
C PHE D 352 -47.16 7.53 8.24
N GLN D 353 -46.83 7.69 9.50
CA GLN D 353 -45.87 6.78 10.13
C GLN D 353 -46.34 5.34 10.26
N GLN D 354 -47.65 5.12 10.18
CA GLN D 354 -48.18 3.77 10.21
C GLN D 354 -48.07 3.07 8.87
N MET D 355 -47.66 3.79 7.83
CA MET D 355 -47.65 3.18 6.50
C MET D 355 -46.33 2.57 6.06
N TRP D 356 -45.26 2.84 6.80
CA TRP D 356 -43.98 2.17 6.54
C TRP D 356 -44.19 0.67 6.58
N ILE D 357 -43.58 -0.03 5.64
CA ILE D 357 -43.50 -1.47 5.71
C ILE D 357 -42.27 -1.76 6.57
N THR D 358 -42.47 -2.40 7.72
CA THR D 358 -41.36 -2.77 8.60
C THR D 358 -40.73 -4.14 8.26
N LYS D 359 -39.48 -4.34 8.66
CA LYS D 359 -38.78 -5.58 8.38
C LYS D 359 -39.42 -6.77 9.11
N GLN D 360 -39.98 -6.53 10.29
CA GLN D 360 -40.73 -7.57 10.99
C GLN D 360 -41.85 -8.06 10.05
N GLU D 361 -42.52 -7.10 9.38
CA GLU D 361 -43.63 -7.40 8.45
C GLU D 361 -43.17 -8.11 7.20
N TYR D 362 -42.13 -7.57 6.56
CA TYR D 362 -41.52 -8.26 5.44
C TYR D 362 -41.10 -9.69 5.84
N ASP D 363 -40.48 -9.82 7.01
CA ASP D 363 -40.00 -11.11 7.48
C ASP D 363 -41.11 -12.11 7.67
N GLU D 364 -42.23 -11.64 8.24
CA GLU D 364 -43.29 -12.55 8.65
CA GLU D 364 -43.32 -12.52 8.68
C GLU D 364 -44.43 -12.63 7.66
N ALA D 365 -44.21 -12.09 6.46
CA ALA D 365 -45.24 -12.12 5.43
C ALA D 365 -44.67 -12.55 4.07
N GLY D 366 -45.03 -13.75 3.63
CA GLY D 366 -44.59 -14.26 2.33
C GLY D 366 -45.00 -15.70 2.10
N LEU E 1 13.70 -5.25 -21.49
CA LEU E 1 12.59 -4.31 -21.16
C LEU E 1 12.81 -2.94 -21.81
N LYS E 2 11.89 -2.50 -22.66
CA LYS E 2 12.07 -1.23 -23.37
C LYS E 2 11.15 -0.22 -22.77
N ILE E 3 11.71 0.93 -22.41
CA ILE E 3 10.95 1.95 -21.72
C ILE E 3 11.06 3.26 -22.48
N ALA E 4 9.99 4.06 -22.51
CA ALA E 4 10.06 5.34 -23.22
C ALA E 4 9.18 6.40 -22.62
N ALA E 5 9.51 7.66 -22.93
CA ALA E 5 8.73 8.78 -22.49
C ALA E 5 8.41 9.58 -23.74
N PHE E 6 7.14 9.90 -23.94
CA PHE E 6 6.75 10.52 -25.23
C PHE E 6 5.75 11.65 -24.97
N ASN E 7 6.10 12.89 -25.30
CA ASN E 7 5.15 14.00 -25.26
C ASN E 7 4.47 13.99 -26.62
N ILE E 8 3.17 13.69 -26.65
CA ILE E 8 2.40 13.73 -27.91
C ILE E 8 1.61 14.99 -27.88
N ARG E 9 1.97 15.94 -28.74
CA ARG E 9 1.39 17.25 -28.69
C ARG E 9 -0.13 17.13 -28.76
N THR E 10 -0.79 17.77 -27.79
CA THR E 10 -2.26 17.79 -27.66
C THR E 10 -2.92 16.43 -27.97
N PHE E 11 -2.36 15.39 -27.36
CA PHE E 11 -2.95 14.06 -27.46
C PHE E 11 -4.38 14.16 -26.95
N GLY E 12 -5.34 13.86 -27.79
CA GLY E 12 -6.76 13.98 -27.40
C GLY E 12 -7.69 13.36 -28.43
N GLU E 13 -8.98 13.63 -28.30
CA GLU E 13 -9.97 12.97 -29.13
C GLU E 13 -9.73 13.21 -30.62
N THR E 14 -9.45 14.46 -30.99
CA THR E 14 -9.31 14.80 -32.41
C THR E 14 -8.18 14.03 -33.04
N LYS E 15 -7.06 13.97 -32.33
CA LYS E 15 -5.92 13.20 -32.80
C LYS E 15 -6.20 11.69 -32.91
N MET E 16 -6.76 11.08 -31.85
CA MET E 16 -7.03 9.63 -31.87
C MET E 16 -8.14 9.24 -32.86
N SER E 17 -8.98 10.19 -33.26
CA SER E 17 -10.03 9.91 -34.24
C SER E 17 -9.50 9.92 -35.67
N ASN E 18 -8.28 10.40 -35.85
CA ASN E 18 -7.67 10.42 -37.16
C ASN E 18 -6.97 9.11 -37.29
N ALA E 19 -7.46 8.28 -38.22
CA ALA E 19 -7.04 6.87 -38.31
C ALA E 19 -5.54 6.77 -38.65
N THR E 20 -5.07 7.70 -39.47
CA THR E 20 -3.66 7.75 -39.82
C THR E 20 -2.78 8.09 -38.65
N LEU E 21 -3.11 9.15 -37.94
CA LEU E 21 -2.35 9.52 -36.76
C LEU E 21 -2.45 8.45 -35.68
N ALA E 22 -3.65 7.92 -35.46
CA ALA E 22 -3.78 6.84 -34.47
C ALA E 22 -2.92 5.64 -34.80
N SER E 23 -2.81 5.28 -36.08
CA SER E 23 -2.04 4.11 -36.46
CA SER E 23 -2.04 4.10 -36.47
C SER E 23 -0.57 4.29 -36.10
N TYR E 24 -0.05 5.50 -36.34
CA TYR E 24 1.34 5.78 -36.03
C TYR E 24 1.59 5.81 -34.54
N ILE E 25 0.64 6.37 -33.79
CA ILE E 25 0.77 6.37 -32.34
C ILE E 25 0.77 4.94 -31.78
N VAL E 26 -0.14 4.09 -32.27
CA VAL E 26 -0.16 2.70 -31.83
C VAL E 26 1.17 1.99 -32.12
N ARG E 27 1.67 2.18 -33.34
CA ARG E 27 2.93 1.56 -33.74
CA ARG E 27 2.93 1.60 -33.78
C ARG E 27 4.07 1.99 -32.84
N ILE E 28 4.15 3.27 -32.52
CA ILE E 28 5.16 3.76 -31.58
C ILE E 28 4.99 3.13 -30.18
N VAL E 29 3.77 3.12 -29.67
CA VAL E 29 3.54 2.64 -28.32
C VAL E 29 3.94 1.17 -28.22
N ARG E 30 3.67 0.42 -29.29
CA ARG E 30 3.88 -1.04 -29.28
CA ARG E 30 3.88 -1.03 -29.25
C ARG E 30 5.35 -1.46 -29.16
N ARG E 31 6.27 -0.51 -29.38
CA ARG E 31 7.68 -0.79 -29.25
C ARG E 31 8.00 -1.05 -27.81
N TYR E 32 7.14 -0.58 -26.91
CA TYR E 32 7.57 -0.42 -25.49
C TYR E 32 6.84 -1.31 -24.53
N ASP E 33 7.55 -1.74 -23.48
CA ASP E 33 6.95 -2.50 -22.41
C ASP E 33 6.39 -1.54 -21.37
N ILE E 34 7.00 -0.36 -21.24
CA ILE E 34 6.40 0.75 -20.44
C ILE E 34 6.57 2.01 -21.20
N VAL E 35 5.51 2.80 -21.41
CA VAL E 35 5.70 4.10 -22.03
C VAL E 35 4.87 5.15 -21.26
N LEU E 36 5.48 6.30 -21.02
CA LEU E 36 4.81 7.49 -20.45
C LEU E 36 4.38 8.39 -21.57
N ILE E 37 3.09 8.71 -21.64
CA ILE E 37 2.60 9.66 -22.62
C ILE E 37 2.25 10.93 -21.89
N GLN E 38 2.75 12.07 -22.39
CA GLN E 38 2.47 13.34 -21.76
C GLN E 38 1.70 14.22 -22.77
N GLU E 39 1.18 15.32 -22.27
CA GLU E 39 0.33 16.25 -23.03
C GLU E 39 -1.01 15.60 -23.36
N VAL E 40 -1.48 14.72 -22.48
CA VAL E 40 -2.82 14.16 -22.60
C VAL E 40 -3.88 15.21 -22.24
N ARG E 41 -4.54 15.75 -23.27
CA ARG E 41 -5.61 16.73 -23.08
C ARG E 41 -6.92 16.02 -23.44
N ASP E 42 -7.59 15.45 -22.43
CA ASP E 42 -8.59 14.40 -22.67
C ASP E 42 -9.58 14.47 -21.51
N SER E 43 -10.56 15.36 -21.67
CA SER E 43 -11.40 15.75 -20.57
C SER E 43 -12.12 14.54 -19.96
N HIS E 44 -12.47 13.55 -20.79
CA HIS E 44 -13.33 12.46 -20.32
C HIS E 44 -12.67 11.11 -20.52
N LEU E 45 -11.35 11.11 -20.72
CA LEU E 45 -10.55 9.90 -20.98
C LEU E 45 -10.92 9.14 -22.27
N VAL E 46 -11.60 9.81 -23.17
CA VAL E 46 -12.06 9.16 -24.38
C VAL E 46 -10.93 8.78 -25.35
N ALA E 47 -9.96 9.67 -25.51
CA ALA E 47 -8.77 9.34 -26.30
C ALA E 47 -7.90 8.25 -25.67
N VAL E 48 -7.72 8.29 -24.36
CA VAL E 48 -6.97 7.21 -23.65
C VAL E 48 -7.68 5.88 -23.90
N GLY E 49 -9.00 5.89 -23.75
CA GLY E 49 -9.82 4.68 -24.02
C GLY E 49 -9.70 4.17 -25.45
N LYS E 50 -9.67 5.08 -26.42
CA LYS E 50 -9.52 4.69 -27.82
CA LYS E 50 -9.54 4.67 -27.82
C LYS E 50 -8.16 4.05 -28.11
N LEU E 51 -7.12 4.61 -27.50
CA LEU E 51 -5.77 4.11 -27.68
C LEU E 51 -5.72 2.71 -27.09
N LEU E 52 -6.29 2.56 -25.91
CA LEU E 52 -6.32 1.25 -25.28
C LEU E 52 -7.18 0.29 -26.08
N ASP E 53 -8.23 0.77 -26.73
CA ASP E 53 -9.05 -0.09 -27.59
C ASP E 53 -8.20 -0.68 -28.71
N TYR E 54 -7.40 0.15 -29.38
CA TYR E 54 -6.54 -0.32 -30.48
C TYR E 54 -5.47 -1.26 -29.94
N LEU E 55 -4.85 -0.90 -28.82
CA LEU E 55 -3.77 -1.72 -28.27
C LEU E 55 -4.26 -3.11 -27.84
N ASN E 56 -5.50 -3.17 -27.38
CA ASN E 56 -6.04 -4.38 -26.78
C ASN E 56 -7.06 -5.10 -27.65
N GLN E 57 -7.15 -4.72 -28.92
CA GLN E 57 -8.16 -5.30 -29.80
C GLN E 57 -8.00 -6.83 -29.96
N ASP E 58 -6.79 -7.34 -29.92
CA ASP E 58 -6.62 -8.77 -30.19
C ASP E 58 -6.36 -9.61 -28.95
N ASP E 59 -5.86 -8.98 -27.91
CA ASP E 59 -5.68 -9.62 -26.61
C ASP E 59 -5.95 -8.53 -25.60
N PRO E 60 -6.98 -8.70 -24.78
CA PRO E 60 -7.52 -7.62 -23.98
C PRO E 60 -6.57 -7.11 -22.87
N ASN E 61 -5.54 -7.90 -22.59
CA ASN E 61 -4.54 -7.55 -21.61
C ASN E 61 -3.17 -7.29 -22.22
N THR E 62 -3.13 -6.81 -23.46
CA THR E 62 -1.86 -6.41 -24.04
C THR E 62 -1.24 -5.25 -23.27
N TYR E 63 -2.05 -4.24 -22.96
CA TYR E 63 -1.58 -3.13 -22.11
C TYR E 63 -2.60 -2.79 -21.04
N HIS E 64 -2.08 -2.43 -19.87
CA HIS E 64 -2.84 -1.91 -18.75
C HIS E 64 -2.39 -0.47 -18.62
N TYR E 65 -2.97 0.32 -17.71
CA TYR E 65 -2.70 1.77 -17.72
C TYR E 65 -2.61 2.28 -16.29
N VAL E 66 -1.89 3.38 -16.12
CA VAL E 66 -1.96 4.18 -14.92
C VAL E 66 -2.20 5.59 -15.47
N VAL E 67 -3.23 6.29 -15.00
CA VAL E 67 -3.49 7.63 -15.57
C VAL E 67 -3.79 8.63 -14.44
N SER E 68 -3.38 9.89 -14.62
CA SER E 68 -3.64 10.88 -13.58
C SER E 68 -4.94 11.59 -13.90
N GLU E 69 -5.45 12.37 -12.94
CA GLU E 69 -6.45 13.39 -13.17
C GLU E 69 -5.80 14.50 -13.95
N PRO E 70 -6.59 15.48 -14.44
CA PRO E 70 -5.94 16.59 -15.12
C PRO E 70 -5.15 17.48 -14.17
N LEU E 71 -3.95 17.88 -14.58
CA LEU E 71 -3.00 18.63 -13.72
C LEU E 71 -2.58 19.93 -14.37
N GLY E 72 -2.38 20.96 -13.56
CA GLY E 72 -1.92 22.24 -14.08
C GLY E 72 -2.22 23.34 -13.10
N ARG E 73 -1.43 24.41 -13.10
CA ARG E 73 -1.65 25.40 -12.07
C ARG E 73 -2.85 26.31 -12.35
N ASN E 74 -3.15 26.51 -13.64
CA ASN E 74 -4.40 27.20 -14.03
C ASN E 74 -5.28 26.27 -14.86
N SER E 75 -6.18 26.87 -15.64
CA SER E 75 -7.18 26.10 -16.36
C SER E 75 -6.64 25.22 -17.50
N TYR E 76 -5.41 25.42 -17.95
CA TYR E 76 -4.88 24.52 -18.97
C TYR E 76 -4.37 23.29 -18.25
N LYS E 77 -4.99 22.12 -18.51
CA LYS E 77 -4.60 20.91 -17.76
C LYS E 77 -4.15 19.78 -18.65
N GLU E 78 -3.28 18.90 -18.14
CA GLU E 78 -2.81 17.76 -18.90
C GLU E 78 -2.76 16.58 -17.93
N ARG E 79 -2.83 15.36 -18.46
CA ARG E 79 -2.68 14.15 -17.66
C ARG E 79 -1.36 13.48 -18.02
N TYR E 80 -0.81 12.72 -17.08
CA TYR E 80 0.22 11.74 -17.39
C TYR E 80 -0.44 10.40 -17.55
N LEU E 81 -0.01 9.64 -18.55
CA LEU E 81 -0.54 8.34 -18.82
C LEU E 81 0.62 7.34 -18.95
N PHE E 82 0.65 6.28 -18.15
CA PHE E 82 1.61 5.21 -18.40
C PHE E 82 0.82 4.07 -19.02
N LEU E 83 1.39 3.42 -20.04
CA LEU E 83 0.80 2.22 -20.58
C LEU E 83 1.89 1.19 -20.37
N PHE E 84 1.53 -0.01 -19.93
CA PHE E 84 2.52 -1.06 -19.69
C PHE E 84 1.99 -2.45 -20.00
N ARG E 85 2.90 -3.34 -20.35
CA ARG E 85 2.52 -4.69 -20.71
C ARG E 85 2.61 -5.48 -19.43
N PRO E 86 1.45 -5.97 -18.95
CA PRO E 86 1.40 -6.67 -17.67
C PRO E 86 2.10 -8.03 -17.68
N ASN E 87 2.44 -8.56 -18.86
CA ASN E 87 3.23 -9.80 -18.88
C ASN E 87 4.71 -9.56 -18.72
N LYS E 88 5.08 -8.28 -18.79
CA LYS E 88 6.46 -7.83 -18.62
C LYS E 88 6.71 -7.26 -17.25
N VAL E 89 5.77 -6.44 -16.75
CA VAL E 89 5.97 -5.79 -15.47
C VAL E 89 4.67 -5.70 -14.75
N SER E 90 4.73 -5.44 -13.45
CA SER E 90 3.54 -5.28 -12.64
C SER E 90 3.65 -3.94 -11.95
N VAL E 91 2.52 -3.28 -11.75
CA VAL E 91 2.49 -2.06 -10.94
C VAL E 91 2.16 -2.42 -9.49
N LEU E 92 3.06 -2.08 -8.57
CA LEU E 92 2.90 -2.45 -7.16
CA LEU E 92 2.91 -2.45 -7.16
C LEU E 92 2.23 -1.33 -6.37
N ASP E 93 2.51 -0.08 -6.75
CA ASP E 93 1.91 1.05 -6.04
C ASP E 93 2.06 2.28 -6.92
N THR E 94 1.26 3.33 -6.71
CA THR E 94 1.41 4.58 -7.44
C THR E 94 1.08 5.73 -6.52
N TYR E 95 1.62 6.91 -6.80
CA TYR E 95 1.10 8.12 -6.10
C TYR E 95 1.42 9.40 -6.85
N GLN E 96 0.76 10.49 -6.46
CA GLN E 96 1.08 11.77 -7.09
CA GLN E 96 1.05 11.78 -7.06
C GLN E 96 1.87 12.60 -6.08
N TYR E 97 2.95 13.21 -6.54
CA TYR E 97 3.76 13.96 -5.62
C TYR E 97 2.93 15.12 -5.08
N ASP E 98 2.92 15.32 -3.77
CA ASP E 98 2.12 16.40 -3.17
C ASP E 98 2.84 17.23 -2.13
N ASP E 99 4.07 16.85 -1.81
CA ASP E 99 4.93 17.68 -0.97
C ASP E 99 4.24 18.04 0.34
N GLY E 100 3.45 17.10 0.86
CA GLY E 100 2.93 17.21 2.22
C GLY E 100 1.63 17.97 2.44
N CYS E 101 0.93 18.38 1.39
CA CYS E 101 -0.38 18.97 1.58
C CYS E 101 -1.21 18.81 0.32
N GLU E 102 -2.52 19.03 0.43
CA GLU E 102 -3.43 18.69 -0.66
C GLU E 102 -3.01 19.24 -2.02
N SER E 103 -2.44 20.44 -2.02
CA SER E 103 -2.19 21.13 -3.27
C SER E 103 -0.78 21.68 -3.26
N CYS E 104 0.04 21.22 -2.32
CA CYS E 104 1.43 21.67 -2.24
C CYS E 104 2.31 21.18 -3.38
N GLY E 105 1.87 20.13 -4.07
CA GLY E 105 2.57 19.68 -5.28
C GLY E 105 2.71 20.83 -6.25
N ASN E 106 1.63 21.61 -6.44
CA ASN E 106 1.67 22.76 -7.36
C ASN E 106 2.58 23.89 -6.88
N ASP E 107 3.03 23.84 -5.63
CA ASP E 107 4.01 24.82 -5.16
C ASP E 107 5.32 24.67 -5.96
N SER E 108 5.62 23.47 -6.43
CA SER E 108 6.90 23.26 -7.11
CA SER E 108 6.89 23.24 -7.10
C SER E 108 6.76 22.83 -8.56
N PHE E 109 5.56 22.39 -8.95
CA PHE E 109 5.33 21.86 -10.30
C PHE E 109 3.98 22.29 -10.83
N SER E 110 3.92 22.64 -12.11
CA SER E 110 2.64 22.92 -12.74
CA SER E 110 2.64 22.91 -12.75
C SER E 110 1.88 21.61 -12.89
N ARG E 111 2.60 20.51 -13.20
CA ARG E 111 2.03 19.15 -13.35
C ARG E 111 2.70 18.16 -12.38
N GLU E 112 2.13 18.07 -11.18
CA GLU E 112 2.75 17.28 -10.11
C GLU E 112 3.12 15.89 -10.60
N PRO E 113 4.39 15.49 -10.43
CA PRO E 113 4.79 14.18 -10.95
C PRO E 113 3.92 12.99 -10.50
N ALA E 114 3.70 12.05 -11.43
CA ALA E 114 3.09 10.76 -11.14
C ALA E 114 4.25 9.85 -10.88
N VAL E 115 4.16 9.02 -9.83
CA VAL E 115 5.26 8.14 -9.45
C VAL E 115 4.72 6.72 -9.40
N VAL E 116 5.32 5.81 -10.15
CA VAL E 116 4.80 4.46 -10.26
C VAL E 116 5.87 3.48 -9.87
N LYS E 117 5.54 2.52 -8.98
CA LYS E 117 6.48 1.47 -8.61
C LYS E 117 6.20 0.21 -9.41
N PHE E 118 7.20 -0.30 -10.12
CA PHE E 118 7.06 -1.48 -10.95
C PHE E 118 7.82 -2.64 -10.37
N SER E 119 7.27 -3.83 -10.55
CA SER E 119 8.04 -5.06 -10.35
C SER E 119 8.39 -5.62 -11.74
N SER E 120 9.61 -6.12 -11.90
CA SER E 120 10.12 -6.46 -13.21
C SER E 120 11.01 -7.66 -13.08
N HIS E 121 10.45 -8.82 -13.43
CA HIS E 121 11.21 -10.04 -13.22
CA HIS E 121 11.14 -10.09 -13.26
C HIS E 121 12.18 -10.41 -14.34
N SER E 122 12.11 -9.74 -15.48
CA SER E 122 13.03 -10.08 -16.57
C SER E 122 14.32 -9.24 -16.61
N THR E 123 14.51 -8.35 -15.63
CA THR E 123 15.67 -7.46 -15.59
C THR E 123 16.52 -7.71 -14.34
N LYS E 124 17.75 -7.19 -14.29
CA LYS E 124 18.55 -7.36 -13.04
C LYS E 124 17.85 -6.65 -11.87
N VAL E 125 17.35 -5.45 -12.14
CA VAL E 125 16.58 -4.70 -11.15
C VAL E 125 15.16 -5.29 -11.04
N LYS E 126 14.71 -5.58 -9.82
CA LYS E 126 13.46 -6.31 -9.64
C LYS E 126 12.31 -5.39 -9.30
N GLU E 127 12.62 -4.28 -8.65
CA GLU E 127 11.63 -3.25 -8.39
C GLU E 127 12.27 -1.90 -8.61
N PHE E 128 11.53 -1.04 -9.27
CA PHE E 128 11.98 0.32 -9.44
C PHE E 128 10.80 1.24 -9.67
N ALA E 129 11.05 2.53 -9.56
CA ALA E 129 10.01 3.50 -9.65
C ALA E 129 10.31 4.33 -10.86
N ILE E 130 9.26 4.79 -11.53
CA ILE E 130 9.44 5.85 -12.55
C ILE E 130 8.71 7.10 -12.09
N VAL E 131 9.40 8.24 -12.16
CA VAL E 131 8.81 9.55 -11.88
C VAL E 131 8.60 10.27 -13.22
N ALA E 132 7.37 10.69 -13.50
CA ALA E 132 7.07 11.42 -14.74
C ALA E 132 7.06 12.91 -14.52
N LEU E 133 7.72 13.68 -15.39
CA LEU E 133 7.53 15.13 -15.38
C LEU E 133 7.44 15.71 -16.79
N HIS E 134 6.40 16.50 -17.05
CA HIS E 134 6.40 17.42 -18.20
C HIS E 134 6.50 18.79 -17.55
N SER E 135 7.69 19.39 -17.64
CA SER E 135 7.90 20.67 -16.93
C SER E 135 7.26 21.83 -17.66
N ALA E 136 6.95 22.89 -16.92
CA ALA E 136 6.59 24.16 -17.54
C ALA E 136 7.90 24.77 -18.08
N PRO E 137 7.96 25.06 -19.38
CA PRO E 137 9.20 25.60 -19.96
C PRO E 137 9.77 26.81 -19.22
N SER E 138 8.91 27.74 -18.83
CA SER E 138 9.35 28.95 -18.15
CA SER E 138 9.38 28.95 -18.16
C SER E 138 9.87 28.70 -16.74
N ASP E 139 9.59 27.52 -16.20
CA ASP E 139 10.10 27.21 -14.85
CA ASP E 139 10.00 27.14 -14.85
C ASP E 139 10.93 25.94 -14.88
N ALA E 140 11.51 25.63 -16.04
CA ALA E 140 12.21 24.35 -16.17
C ALA E 140 13.39 24.09 -15.19
N VAL E 141 14.22 25.10 -14.98
CA VAL E 141 15.35 24.90 -14.08
C VAL E 141 14.83 24.54 -12.68
N ALA E 142 13.86 25.30 -12.20
CA ALA E 142 13.35 25.09 -10.84
C ALA E 142 12.66 23.71 -10.74
N GLU E 143 11.92 23.31 -11.77
CA GLU E 143 11.18 22.03 -11.65
C GLU E 143 12.14 20.85 -11.74
N ILE E 144 13.11 20.91 -12.65
CA ILE E 144 14.08 19.80 -12.75
C ILE E 144 14.87 19.73 -11.44
N ASN E 145 15.24 20.88 -10.90
CA ASN E 145 15.89 20.86 -9.60
C ASN E 145 14.98 20.22 -8.52
N SER E 146 13.68 20.53 -8.55
CA SER E 146 12.75 20.03 -7.52
C SER E 146 12.56 18.52 -7.62
N LEU E 147 12.87 17.98 -8.80
CA LEU E 147 12.85 16.52 -8.95
C LEU E 147 13.77 15.83 -7.99
N TYR E 148 14.80 16.54 -7.55
CA TYR E 148 15.73 15.96 -6.55
C TYR E 148 14.96 15.72 -5.26
N ASP E 149 14.08 16.64 -4.90
CA ASP E 149 13.24 16.46 -3.69
C ASP E 149 12.18 15.38 -3.89
N VAL E 150 11.71 15.22 -5.12
CA VAL E 150 10.80 14.11 -5.43
C VAL E 150 11.53 12.79 -5.21
N TYR E 151 12.78 12.72 -5.66
CA TYR E 151 13.55 11.48 -5.50
C TYR E 151 13.72 11.18 -4.02
N LEU E 152 14.01 12.21 -3.26
CA LEU E 152 14.11 12.01 -1.81
C LEU E 152 12.77 11.54 -1.22
N ASP E 153 11.65 12.03 -1.76
CA ASP E 153 10.30 11.62 -1.31
C ASP E 153 10.04 10.14 -1.60
N VAL E 154 10.49 9.69 -2.78
CA VAL E 154 10.38 8.27 -3.15
C VAL E 154 11.16 7.39 -2.22
N GLN E 155 12.41 7.76 -1.95
CA GLN E 155 13.26 7.05 -0.98
C GLN E 155 12.60 6.91 0.39
N GLN E 156 12.01 7.99 0.89
CA GLN E 156 11.43 7.99 2.23
C GLN E 156 10.18 7.12 2.25
N LYS E 157 9.31 7.30 1.26
CA LYS E 157 8.05 6.55 1.14
C LYS E 157 8.21 5.06 0.84
N TRP E 158 9.10 4.73 -0.08
CA TRP E 158 9.13 3.37 -0.61
C TRP E 158 10.42 2.65 -0.29
N HIS E 159 11.33 3.32 0.41
CA HIS E 159 12.62 2.75 0.74
C HIS E 159 13.29 2.16 -0.50
N LEU E 160 13.37 2.99 -1.54
CA LEU E 160 13.77 2.53 -2.87
C LEU E 160 14.79 3.51 -3.44
N ASN E 161 15.96 3.02 -3.83
CA ASN E 161 17.00 3.89 -4.41
C ASN E 161 16.94 3.85 -5.93
N ASP E 162 16.32 2.81 -6.47
CA ASP E 162 16.23 2.62 -7.96
C ASP E 162 15.04 3.34 -8.57
N VAL E 163 15.33 4.49 -9.17
CA VAL E 163 14.28 5.39 -9.61
C VAL E 163 14.72 5.91 -10.97
N MET E 164 13.84 5.86 -11.97
CA MET E 164 14.08 6.55 -13.27
C MET E 164 13.19 7.77 -13.32
N LEU E 165 13.74 8.93 -13.71
CA LEU E 165 12.95 10.10 -13.79
C LEU E 165 13.01 10.47 -15.25
N MET E 166 11.86 10.75 -15.87
CA MET E 166 11.88 10.99 -17.32
C MET E 166 10.70 11.79 -17.81
N GLY E 167 10.83 12.34 -19.01
CA GLY E 167 9.75 13.10 -19.63
C GLY E 167 10.29 14.32 -20.33
N ASP E 168 9.38 15.16 -20.76
CA ASP E 168 9.78 16.40 -21.43
C ASP E 168 10.11 17.40 -20.33
N PHE E 169 11.39 17.44 -19.93
CA PHE E 169 11.87 18.37 -18.91
C PHE E 169 12.14 19.77 -19.49
N ASN E 170 11.97 19.96 -20.79
CA ASN E 170 12.33 21.26 -21.45
C ASN E 170 13.79 21.64 -21.15
N ALA E 171 14.65 20.63 -21.09
CA ALA E 171 15.99 20.77 -20.50
C ALA E 171 17.08 21.15 -21.51
N ASP E 172 16.86 22.25 -22.23
CA ASP E 172 17.88 22.69 -23.17
C ASP E 172 17.50 24.03 -23.75
N CYS E 173 18.33 24.50 -24.68
CA CYS E 173 18.04 25.72 -25.47
C CYS E 173 17.71 26.89 -24.56
N SER E 174 16.63 27.62 -24.79
CA SER E 174 16.46 28.83 -24.00
C SER E 174 15.93 28.57 -22.57
N TYR E 175 15.49 27.35 -22.28
CA TYR E 175 14.81 27.09 -21.00
C TYR E 175 15.75 26.55 -19.92
N VAL E 176 16.79 25.86 -20.33
CA VAL E 176 17.88 25.56 -19.45
C VAL E 176 19.19 25.85 -20.21
N THR E 177 19.91 26.89 -19.80
CA THR E 177 21.12 27.18 -20.56
C THR E 177 22.30 26.42 -19.98
N SER E 178 23.42 26.47 -20.69
CA SER E 178 24.62 25.78 -20.25
C SER E 178 25.02 26.19 -18.83
N SER E 179 24.97 27.48 -18.51
CA SER E 179 25.36 27.91 -17.16
C SER E 179 24.42 27.46 -16.04
N GLN E 180 23.19 27.11 -16.40
CA GLN E 180 22.17 26.81 -15.40
C GLN E 180 22.24 25.38 -14.87
N TRP E 181 22.95 24.49 -15.58
CA TRP E 181 23.02 23.10 -15.13
C TRP E 181 23.57 22.98 -13.71
N SER E 182 24.47 23.86 -13.31
CA SER E 182 25.11 23.70 -12.00
C SER E 182 24.10 24.00 -10.90
N SER E 183 22.96 24.62 -11.23
CA SER E 183 21.94 24.92 -10.23
CA SER E 183 21.96 24.92 -10.21
C SER E 183 20.97 23.77 -10.00
N ILE E 184 21.10 22.71 -10.79
CA ILE E 184 20.13 21.63 -10.78
C ILE E 184 20.70 20.43 -10.07
N ARG E 185 20.19 20.11 -8.87
CA ARG E 185 20.81 19.07 -8.04
C ARG E 185 20.65 17.72 -8.72
N LEU E 186 19.59 17.57 -9.51
CA LEU E 186 19.40 16.32 -10.23
C LEU E 186 20.52 16.03 -11.24
N ARG E 187 21.24 17.10 -11.62
CA ARG E 187 22.36 16.98 -12.52
C ARG E 187 23.69 16.99 -11.80
N THR E 188 23.86 17.84 -10.78
CA THR E 188 25.18 17.92 -10.13
C THR E 188 25.41 16.79 -9.16
N SER E 189 24.33 16.17 -8.68
CA SER E 189 24.52 15.05 -7.76
C SER E 189 24.97 13.80 -8.49
N SER E 190 26.04 13.17 -8.01
CA SER E 190 26.52 11.92 -8.65
C SER E 190 25.59 10.74 -8.46
N THR E 191 24.54 10.91 -7.67
CA THR E 191 23.54 9.87 -7.52
C THR E 191 22.86 9.52 -8.84
N PHE E 192 22.82 10.47 -9.78
CA PHE E 192 22.02 10.33 -11.01
C PHE E 192 22.91 10.20 -12.25
N GLN E 193 22.51 9.33 -13.17
CA GLN E 193 23.13 9.24 -14.48
C GLN E 193 22.16 9.79 -15.52
N TRP E 194 22.63 10.69 -16.38
CA TRP E 194 21.76 11.22 -17.44
C TRP E 194 21.97 10.46 -18.73
N LEU E 195 20.94 9.73 -19.18
CA LEU E 195 21.11 8.79 -20.29
C LEU E 195 20.92 9.44 -21.63
N ILE E 196 20.15 10.53 -21.65
CA ILE E 196 19.95 11.26 -22.90
C ILE E 196 20.83 12.47 -22.71
N PRO E 197 21.84 12.65 -23.57
CA PRO E 197 22.82 13.72 -23.41
C PRO E 197 22.35 15.08 -23.90
N ASP E 198 23.06 16.14 -23.51
CA ASP E 198 22.68 17.49 -23.89
C ASP E 198 22.74 17.68 -25.41
N SER E 199 23.43 16.79 -26.10
CA SER E 199 23.63 16.93 -27.55
C SER E 199 22.50 16.32 -28.40
N ALA E 200 21.62 15.53 -27.75
CA ALA E 200 20.54 14.85 -28.46
C ALA E 200 19.50 15.84 -28.95
N ASP E 201 18.94 15.58 -30.14
CA ASP E 201 17.79 16.35 -30.62
C ASP E 201 16.54 15.55 -30.30
N THR E 202 15.70 16.06 -29.41
CA THR E 202 14.49 15.23 -29.07
C THR E 202 13.23 15.93 -29.62
N THR E 203 13.40 16.93 -30.50
CA THR E 203 12.24 17.60 -31.09
C THR E 203 12.03 17.21 -32.55
N ALA E 204 10.77 16.98 -32.91
CA ALA E 204 10.44 16.68 -34.31
C ALA E 204 10.48 17.97 -35.15
N THR E 205 10.48 19.12 -34.49
CA THR E 205 10.58 20.40 -35.17
C THR E 205 12.03 20.75 -35.50
N SER E 206 12.21 21.89 -36.17
CA SER E 206 13.53 22.32 -36.58
C SER E 206 14.45 22.87 -35.49
N THR E 207 14.03 22.85 -34.25
CA THR E 207 14.95 23.24 -33.21
C THR E 207 15.82 22.02 -32.94
N ASN E 208 17.04 22.26 -32.46
CA ASN E 208 17.92 21.18 -31.98
C ASN E 208 18.02 21.28 -30.49
N CYS E 209 17.21 20.50 -29.77
CA CYS E 209 17.13 20.64 -28.31
C CYS E 209 16.94 19.32 -27.63
N ALA E 210 17.69 19.09 -26.55
CA ALA E 210 17.49 17.86 -25.77
C ALA E 210 16.42 18.18 -24.73
N TYR E 211 15.17 18.41 -25.16
CA TYR E 211 14.15 18.75 -24.18
C TYR E 211 13.78 17.56 -23.29
N ASP E 212 13.72 16.38 -23.90
CA ASP E 212 13.22 15.17 -23.27
C ASP E 212 14.37 14.33 -22.72
N ARG E 213 14.19 13.78 -21.53
CA ARG E 213 15.32 13.20 -20.82
C ARG E 213 14.95 11.92 -20.06
N ILE E 214 15.98 11.12 -19.76
CA ILE E 214 15.87 9.92 -18.93
C ILE E 214 17.03 9.94 -17.93
N VAL E 215 16.74 9.91 -16.64
CA VAL E 215 17.75 10.04 -15.61
C VAL E 215 17.58 8.80 -14.71
N VAL E 216 18.66 8.11 -14.37
CA VAL E 216 18.51 6.94 -13.47
C VAL E 216 19.39 7.04 -12.22
N ALA E 217 18.83 6.60 -11.09
CA ALA E 217 19.51 6.51 -9.82
C ALA E 217 19.39 5.08 -9.36
N GLY E 218 20.33 4.65 -8.53
CA GLY E 218 20.30 3.29 -7.97
C GLY E 218 21.26 2.40 -8.73
N SER E 219 22.20 1.81 -8.01
CA SER E 219 23.23 1.02 -8.67
C SER E 219 22.64 -0.14 -9.47
N LEU E 220 21.60 -0.79 -8.92
CA LEU E 220 20.96 -1.92 -9.60
C LEU E 220 20.29 -1.42 -10.87
N LEU E 221 19.46 -0.38 -10.76
CA LEU E 221 18.86 0.16 -11.96
C LEU E 221 19.92 0.60 -12.97
N GLN E 222 20.93 1.36 -12.52
CA GLN E 222 21.95 1.87 -13.45
C GLN E 222 22.64 0.68 -14.08
N SER E 223 22.79 -0.40 -13.31
CA SER E 223 23.52 -1.55 -13.83
C SER E 223 22.69 -2.36 -14.83
N SER E 224 21.36 -2.22 -14.78
CA SER E 224 20.49 -2.88 -15.73
C SER E 224 20.38 -2.18 -17.08
N VAL E 225 20.78 -0.91 -17.17
CA VAL E 225 20.73 -0.20 -18.47
C VAL E 225 21.66 -0.82 -19.54
N VAL E 226 21.12 -1.12 -20.72
CA VAL E 226 21.96 -1.56 -21.85
C VAL E 226 22.73 -0.39 -22.44
N PRO E 227 24.07 -0.45 -22.41
CA PRO E 227 24.83 0.73 -22.80
C PRO E 227 24.56 1.02 -24.27
N GLY E 228 24.46 2.31 -24.60
CA GLY E 228 24.13 2.77 -25.97
C GLY E 228 22.67 2.75 -26.34
N SER E 229 21.81 2.25 -25.46
CA SER E 229 20.43 2.02 -25.84
C SER E 229 19.56 3.25 -25.62
N ALA E 230 20.02 4.24 -24.85
CA ALA E 230 19.20 5.43 -24.58
C ALA E 230 19.32 6.41 -25.73
N ALA E 231 18.20 6.75 -26.35
CA ALA E 231 18.21 7.70 -27.47
C ALA E 231 16.79 8.18 -27.83
N PRO E 232 16.72 9.33 -28.51
CA PRO E 232 15.43 9.73 -29.08
C PRO E 232 15.08 8.77 -30.19
N PHE E 233 13.78 8.55 -30.42
CA PHE E 233 13.37 7.70 -31.53
C PHE E 233 12.82 8.63 -32.58
N ASP E 234 13.55 8.81 -33.68
CA ASP E 234 13.19 9.78 -34.72
C ASP E 234 12.22 9.04 -35.61
N PHE E 235 10.91 9.20 -35.33
CA PHE E 235 9.88 8.42 -36.05
C PHE E 235 9.68 8.93 -37.47
N GLN E 236 10.11 10.16 -37.73
CA GLN E 236 10.08 10.66 -39.09
C GLN E 236 11.02 9.83 -39.97
N ALA E 237 12.25 9.63 -39.53
CA ALA E 237 13.18 8.75 -40.24
C ALA E 237 12.73 7.29 -40.23
N ALA E 238 12.32 6.79 -39.06
CA ALA E 238 11.89 5.41 -38.96
C ALA E 238 10.76 5.05 -39.90
N TYR E 239 9.80 5.94 -40.09
CA TYR E 239 8.62 5.56 -40.84
C TYR E 239 8.59 6.23 -42.21
N GLY E 240 9.70 6.89 -42.56
CA GLY E 240 9.81 7.54 -43.87
C GLY E 240 8.76 8.63 -44.10
N LEU E 241 8.51 9.43 -43.06
CA LEU E 241 7.42 10.43 -43.15
C LEU E 241 7.92 11.75 -43.68
N SER E 242 7.01 12.58 -44.21
CA SER E 242 7.33 13.97 -44.47
C SER E 242 7.43 14.71 -43.15
N ASN E 243 8.04 15.89 -43.16
CA ASN E 243 8.11 16.63 -41.90
C ASN E 243 6.70 17.05 -41.48
N GLU E 244 5.84 17.38 -42.44
CA GLU E 244 4.45 17.73 -42.10
C GLU E 244 3.71 16.58 -41.41
N MET E 245 3.87 15.36 -41.90
CA MET E 245 3.23 14.24 -41.22
C MET E 245 3.88 14.01 -39.84
N ALA E 246 5.21 14.11 -39.74
CA ALA E 246 5.87 13.91 -38.45
C ALA E 246 5.28 14.89 -37.43
N LEU E 247 5.16 16.16 -37.81
CA LEU E 247 4.66 17.19 -36.87
C LEU E 247 3.21 16.98 -36.52
N ALA E 248 2.43 16.43 -37.45
CA ALA E 248 1.04 16.05 -37.13
C ALA E 248 0.93 14.99 -36.02
N ILE E 249 1.94 14.15 -35.87
CA ILE E 249 1.99 13.18 -34.76
C ILE E 249 2.45 13.87 -33.48
N SER E 250 3.60 14.55 -33.48
CA SER E 250 4.02 15.33 -32.29
C SER E 250 5.13 16.30 -32.64
N ASP E 251 5.34 17.33 -31.81
CA ASP E 251 6.55 18.13 -31.98
C ASP E 251 7.74 17.56 -31.26
N HIS E 252 7.58 16.45 -30.54
CA HIS E 252 8.71 15.79 -29.88
C HIS E 252 8.86 14.34 -30.34
N TYR E 253 10.09 13.81 -30.25
CA TYR E 253 10.34 12.37 -30.34
C TYR E 253 10.24 11.74 -28.96
N PRO E 254 9.86 10.46 -28.92
CA PRO E 254 10.01 9.67 -27.69
C PRO E 254 11.47 9.59 -27.35
N VAL E 255 11.82 9.50 -26.05
CA VAL E 255 13.17 9.11 -25.69
C VAL E 255 13.01 7.72 -25.09
N GLU E 256 13.92 6.80 -25.41
CA GLU E 256 13.75 5.40 -24.98
C GLU E 256 15.05 4.85 -24.37
N VAL E 257 14.95 3.70 -23.71
CA VAL E 257 16.10 3.05 -23.12
C VAL E 257 15.70 1.60 -22.96
N THR E 258 16.69 0.70 -22.95
CA THR E 258 16.43 -0.74 -22.69
C THR E 258 17.07 -1.14 -21.37
N LEU E 259 16.37 -1.94 -20.56
CA LEU E 259 17.02 -2.56 -19.42
C LEU E 259 17.16 -4.06 -19.68
N THR E 260 18.21 -4.68 -19.10
CA THR E 260 18.32 -6.15 -19.10
C THR E 260 18.59 -6.70 -17.69
N SER F 2 -64.00 9.83 9.37
CA SER F 2 -62.62 10.29 9.74
C SER F 2 -61.74 9.09 10.09
N ASP F 3 -60.94 8.65 9.11
CA ASP F 3 -60.01 7.54 9.31
C ASP F 3 -58.58 7.96 8.96
N ALA F 4 -57.65 7.02 9.04
CA ALA F 4 -56.24 7.33 8.84
C ALA F 4 -55.94 7.91 7.46
N ARG F 5 -56.67 7.47 6.44
CA ARG F 5 -56.44 7.93 5.08
C ARG F 5 -56.95 9.34 4.89
N SER F 6 -58.15 9.59 5.41
CA SER F 6 -58.76 10.92 5.38
C SER F 6 -57.89 11.95 6.09
N ASP F 7 -57.41 11.59 7.27
CA ASP F 7 -56.48 12.41 8.03
C ASP F 7 -55.17 12.69 7.27
N LEU F 8 -54.68 11.66 6.58
CA LEU F 8 -53.45 11.81 5.80
C LEU F 8 -53.66 12.77 4.63
N LEU F 9 -54.75 12.57 3.89
CA LEU F 9 -55.02 13.46 2.75
C LEU F 9 -55.20 14.89 3.25
N SER F 10 -55.76 15.06 4.44
CA SER F 10 -55.91 16.38 5.04
CA SER F 10 -55.90 16.37 5.06
C SER F 10 -54.56 16.98 5.40
N ALA F 11 -53.66 16.15 5.93
CA ALA F 11 -52.34 16.65 6.31
C ALA F 11 -51.58 17.07 5.06
N ILE F 12 -51.68 16.26 4.01
CA ILE F 12 -51.00 16.63 2.75
C ILE F 12 -51.49 17.96 2.23
N ARG F 13 -52.79 18.17 2.27
CA ARG F 13 -53.33 19.44 1.82
C ARG F 13 -52.85 20.60 2.70
N GLN F 14 -52.60 20.33 3.99
CA GLN F 14 -52.11 21.37 4.89
C GLN F 14 -50.63 21.71 4.70
N GLY F 15 -49.82 20.72 4.33
CA GLY F 15 -48.41 20.98 4.01
C GLY F 15 -47.41 20.64 5.11
N PHE F 16 -46.20 21.19 5.04
CA PHE F 16 -45.17 20.90 6.02
C PHE F 16 -44.00 21.90 5.99
N GLN F 17 -43.40 22.17 7.15
CA GLN F 17 -42.24 23.05 7.23
C GLN F 17 -40.97 22.27 6.97
N LEU F 18 -40.41 22.44 5.77
CA LEU F 18 -39.19 21.74 5.39
C LEU F 18 -37.94 22.55 5.72
N ARG F 19 -36.91 21.85 6.19
CA ARG F 19 -35.66 22.50 6.53
C ARG F 19 -34.90 22.96 5.30
N ARG F 20 -34.43 24.20 5.33
CA ARG F 20 -33.62 24.74 4.25
C ARG F 20 -32.29 23.98 4.13
N VAL F 21 -32.03 23.46 2.94
CA VAL F 21 -30.74 22.83 2.64
C VAL F 21 -29.81 23.92 2.09
N GLU F 22 -28.54 23.85 2.45
CA GLU F 22 -27.53 24.79 1.99
C GLU F 22 -26.91 24.36 0.68
N GLU F 23 -26.51 25.33 -0.13
CA GLU F 23 -25.86 25.09 -1.41
C GLU F 23 -24.61 24.22 -1.23
C1 NAG G . 17.23 -39.25 6.78
C2 NAG G . 18.26 -39.98 7.66
C3 NAG G . 18.06 -41.49 7.71
C4 NAG G . 16.61 -41.90 7.89
C5 NAG G . 15.74 -41.09 6.94
C6 NAG G . 14.26 -41.44 7.09
C7 NAG G . 20.53 -39.16 8.00
C8 NAG G . 21.98 -39.48 7.73
N2 NAG G . 19.62 -39.73 7.21
O3 NAG G . 18.80 -42.04 8.77
O4 NAG G . 16.51 -43.28 7.57
O5 NAG G . 15.94 -39.69 7.14
O6 NAG G . 13.83 -41.27 8.43
O7 NAG G . 20.25 -38.40 8.92
C1 NAG G . 16.28 -44.12 8.69
C2 NAG G . 15.60 -45.39 8.19
C3 NAG G . 15.48 -46.43 9.28
C4 NAG G . 16.88 -46.70 9.81
C5 NAG G . 17.47 -45.40 10.34
C6 NAG G . 18.91 -45.64 10.81
C7 NAG G . 13.91 -45.27 6.40
C8 NAG G . 12.45 -45.19 6.15
N2 NAG G . 14.28 -45.08 7.66
O3 NAG G . 14.94 -47.64 8.78
O4 NAG G . 16.88 -47.73 10.79
O5 NAG G . 17.52 -44.43 9.32
O6 NAG G . 19.23 -44.62 11.72
O7 NAG G . 14.71 -45.48 5.48
C1 NAG H . -5.30 12.95 -40.46
C2 NAG H . -6.33 13.68 -41.34
C3 NAG H . -5.72 14.23 -42.63
C4 NAG H . -4.39 14.95 -42.40
C5 NAG H . -3.51 14.13 -41.45
C6 NAG H . -2.22 14.86 -41.09
C7 NAG H . -8.72 13.26 -41.48
C8 NAG H . -9.82 12.39 -42.00
N2 NAG H . -7.46 12.83 -41.65
O3 NAG H . -6.63 15.11 -43.27
O4 NAG H . -3.73 15.16 -43.63
O5 NAG H . -4.22 13.84 -40.26
O6 NAG H . -2.52 16.12 -40.52
O7 NAG H . -8.99 14.34 -40.93
C1 NAG H . -3.77 16.52 -44.10
C2 NAG H . -2.58 16.71 -45.03
C3 NAG H . -2.62 18.03 -45.78
C4 NAG H . -3.96 18.12 -46.51
C5 NAG H . -5.05 18.06 -45.43
C6 NAG H . -6.43 18.30 -46.05
C7 NAG H . -0.46 15.69 -44.52
C8 NAG H . 0.85 15.76 -43.78
N2 NAG H . -1.32 16.67 -44.30
O3 NAG H . -1.53 18.12 -46.68
O4 NAG H . -4.07 19.30 -47.29
O5 NAG H . -4.99 16.80 -44.80
O6 NAG H . -7.11 17.07 -46.17
O7 NAG H . -0.70 14.75 -45.27
CA CA I . 34.36 -3.02 23.26
PG ATP J . 35.17 -6.00 21.62
O1G ATP J . 35.93 -7.32 21.75
O2G ATP J . 35.39 -5.13 22.83
O3G ATP J . 35.30 -5.37 20.25
PB ATP J . 32.30 -5.78 22.30
O1B ATP J . 32.55 -4.36 22.71
O2B ATP J . 31.13 -6.07 21.44
O3B ATP J . 33.61 -6.46 21.59
PA ATP J . 31.43 -6.30 25.02
O1A ATP J . 32.30 -5.67 26.03
O2A ATP J . 30.12 -5.67 24.74
O3A ATP J . 32.26 -6.66 23.67
O5' ATP J . 31.11 -7.75 25.60
C5' ATP J . 30.32 -8.71 24.85
C4' ATP J . 30.87 -10.10 25.18
O4' ATP J . 30.71 -10.18 26.57
C3' ATP J . 30.06 -11.27 24.59
O3' ATP J . 30.96 -12.33 24.19
C2' ATP J . 29.26 -11.75 25.78
O2' ATP J . 28.98 -13.17 25.73
C1' ATP J . 30.20 -11.45 26.95
N9 ATP J . 29.46 -11.35 28.26
C8 ATP J . 28.44 -10.51 28.53
N7 ATP J . 27.97 -10.72 29.79
C5 ATP J . 28.71 -11.70 30.31
C6 ATP J . 28.73 -12.40 31.60
N6 ATP J . 27.86 -12.03 32.57
N1 ATP J . 29.65 -13.37 31.77
C2 ATP J . 30.52 -13.69 30.78
N3 ATP J . 30.54 -13.12 29.57
C4 ATP J . 29.66 -12.12 29.30
C1 GOL K . 5.29 -7.35 -2.79
O1 GOL K . 6.55 -7.18 -3.40
C2 GOL K . 5.34 -6.56 -1.49
O2 GOL K . 5.53 -5.20 -1.89
C3 GOL K . 4.09 -6.80 -0.64
O3 GOL K . 4.33 -7.38 0.65
CA CA L . -4.27 -41.75 4.43
MG MG M . -13.55 -38.29 4.29
C1 GOL N . 14.48 -26.08 14.29
O1 GOL N . 14.24 -26.03 12.89
C2 GOL N . 14.57 -24.64 14.81
O2 GOL N . 13.30 -24.16 15.22
C3 GOL N . 15.66 -24.39 15.85
O3 GOL N . 16.68 -23.53 15.34
CA CA O . -38.47 11.18 -12.58
PG ATP P . -37.51 10.38 -15.84
O1G ATP P . -37.75 10.63 -17.32
O2G ATP P . -38.50 11.11 -15.01
O3G ATP P . -37.21 8.98 -15.50
PB ATP P . -35.44 11.82 -14.34
O1B ATP P . -36.29 11.54 -13.12
O2B ATP P . -33.99 11.53 -14.31
O3B ATP P . -36.05 11.09 -15.65
PA ATP P . -35.59 14.71 -14.01
O1A ATP P . -37.02 15.14 -13.76
O2A ATP P . -34.60 14.70 -12.88
O3A ATP P . -35.55 13.33 -14.87
O5' ATP P . -35.10 15.75 -15.12
C5' ATP P . -33.82 15.63 -15.80
C4' ATP P . -33.99 16.28 -17.18
O4' ATP P . -34.50 17.60 -17.02
C3' ATP P . -32.68 16.41 -17.93
O3' ATP P . -32.95 16.03 -19.29
C2' ATP P . -32.34 17.85 -17.87
O2' ATP P . -31.57 18.25 -19.01
C1' ATP P . -33.75 18.46 -17.89
N9 ATP P . -33.70 19.79 -17.29
C8 ATP P . -33.27 20.11 -16.05
N7 ATP P . -33.34 21.46 -15.87
C5 ATP P . -33.84 22.00 -16.99
C6 ATP P . -34.17 23.34 -17.46
N6 ATP P . -33.98 24.40 -16.63
N1 ATP P . -34.68 23.47 -18.68
C2 ATP P . -34.86 22.42 -19.51
N3 ATP P . -34.58 21.16 -19.15
C4 ATP P . -34.06 20.90 -17.94
CA CA Q . 14.68 18.73 -33.95
MG MG R . 21.53 20.52 -27.15
#